data_8EQB
#
_entry.id   8EQB
#
_cell.length_a   1.00
_cell.length_b   1.00
_cell.length_c   1.00
_cell.angle_alpha   90.00
_cell.angle_beta   90.00
_cell.angle_gamma   90.00
#
_symmetry.space_group_name_H-M   'P 1'
#
loop_
_entity.id
_entity.type
_entity.pdbx_description
1 polymer 'Synthetic nanobody 1'
2 polymer 'Terminal nucleotidyltransferase 5C'
3 polymer 'Isoform 2 of BRCA2 and CDKN1A-interacting protein'
#
loop_
_entity_poly.entity_id
_entity_poly.type
_entity_poly.pdbx_seq_one_letter_code
_entity_poly.pdbx_strand_id
1 'polypeptide(L)'
;GPHMQVQLQESGGGLVQAGGSLRLSCAASGTISPRGVMGWYRQAPGKEREFVAAINYGGTTYYADSVKGRFTISRDNAKN
TVYLQMNSLKPEDTAVYYCAVYYYINSQRKVLLYWGQGTQVTVSS
;
A,D,G,J
2 'polypeptide(L)'
;GPGAPSVLNWDQVSRLHEVLTEVVPIHGRGNFPTLEITLKDIVQTVRSRLEEAGIKVHDVRLNGSAAGHVLVKDNGLGCK
DLDLIFHVALPTEAEFQLVRDVVLCSLLNFLPEGVNKLKISPVTLKEAYVQKLVKVCTDTDRWSLISLSNKNGKNVQLKF
VDSIRRQFEFSVDSFQIILDSLLFFYDCSNNPISEHFHPTVIGES(UNK)(UNK)(UNK)(UNK)(UNK)(UNK)(UNK)
(UNK)(UNK)(UNK)(UNK)(UNK)(UNK)(UNK)(UNK)(UNK)(UNK)(UNK)(UNK)
;
B,E,H,K
3 'polypeptide(L)'
;GPGAPDEVIDEEVNIEFEAYSLSDNDYDGIKKLLQQLFLKAPVNTAELTDLLIQQNHIGSVIKQTDVEVFGFISLLNLTE
RKGTQCVEQIQELVLRFCEKNCEKSMVEQLDKFLNDTTKPVGLLLSERFINVPPQIALPMYQQLQKELAGAHRTNKPCGK
CYFYLLISKTFVEAGKNNSAALMFANAEEEFFYEEQGKPEVLGGPDTRPVPIQHNGGSRGQVTALVSLKAGLIQSRSTLS
DFQGTFMTVGIALS
;
C,F,I,L
#
# COMPACT_ATOMS: atom_id res chain seq x y z
N VAL A 6 -23.98 -52.53 -20.60
CA VAL A 6 -22.68 -52.47 -21.26
C VAL A 6 -21.63 -52.15 -20.21
N GLN A 7 -20.65 -53.02 -20.06
CA GLN A 7 -19.51 -52.86 -19.18
C GLN A 7 -18.33 -52.44 -20.02
N LEU A 8 -17.51 -51.55 -19.47
CA LEU A 8 -16.25 -51.14 -20.06
C LEU A 8 -15.12 -51.63 -19.15
N GLN A 9 -14.17 -52.37 -19.73
CA GLN A 9 -13.06 -52.97 -19.02
C GLN A 9 -11.75 -52.34 -19.50
N GLU A 10 -11.17 -51.47 -18.68
CA GLU A 10 -9.84 -50.91 -18.91
C GLU A 10 -8.72 -51.91 -18.56
N SER A 11 -7.60 -51.80 -19.28
CA SER A 11 -6.36 -52.56 -19.08
C SER A 11 -5.15 -51.84 -19.67
N GLY A 12 -3.94 -52.31 -19.37
CA GLY A 12 -2.69 -51.76 -19.89
C GLY A 12 -2.09 -50.62 -19.06
N GLY A 13 -2.73 -50.26 -17.94
CA GLY A 13 -2.11 -49.40 -16.93
C GLY A 13 -0.90 -50.07 -16.25
N GLY A 14 -0.11 -49.29 -15.54
CA GLY A 14 1.11 -49.77 -14.89
C GLY A 14 2.06 -48.64 -14.48
N LEU A 15 3.23 -49.04 -14.00
CA LEU A 15 4.34 -48.15 -13.68
C LEU A 15 5.31 -48.06 -14.86
N VAL A 16 5.72 -46.85 -15.24
CA VAL A 16 6.73 -46.61 -16.27
C VAL A 16 7.57 -45.39 -15.90
N GLN A 17 8.80 -45.32 -16.41
CA GLN A 17 9.64 -44.14 -16.25
C GLN A 17 9.19 -43.00 -17.18
N ALA A 18 9.45 -41.77 -16.77
CA ALA A 18 9.26 -40.58 -17.59
C ALA A 18 9.99 -40.72 -18.94
N GLY A 19 9.36 -40.23 -20.02
CA GLY A 19 9.78 -40.44 -21.39
C GLY A 19 9.34 -41.78 -22.00
N GLY A 20 8.92 -42.75 -21.18
CA GLY A 20 8.45 -44.06 -21.62
C GLY A 20 7.06 -44.03 -22.28
N SER A 21 6.52 -45.23 -22.53
CA SER A 21 5.24 -45.42 -23.21
C SER A 21 4.39 -46.50 -22.56
N LEU A 22 3.07 -46.32 -22.62
CA LEU A 22 2.07 -47.34 -22.29
C LEU A 22 1.00 -47.39 -23.39
N ARG A 23 0.30 -48.52 -23.47
CA ARG A 23 -0.88 -48.65 -24.32
C ARG A 23 -2.07 -49.10 -23.49
N LEU A 24 -2.99 -48.19 -23.23
CA LEU A 24 -4.25 -48.54 -22.58
C LEU A 24 -5.21 -49.15 -23.59
N SER A 25 -6.03 -50.08 -23.13
CA SER A 25 -7.11 -50.68 -23.89
C SER A 25 -8.39 -50.64 -23.07
N CYS A 26 -9.53 -50.37 -23.71
CA CYS A 26 -10.84 -50.44 -23.09
C CYS A 26 -11.78 -51.23 -23.99
N ALA A 27 -12.17 -52.41 -23.53
CA ALA A 27 -13.09 -53.29 -24.23
C ALA A 27 -14.51 -53.12 -23.69
N ALA A 28 -15.50 -53.04 -24.58
CA ALA A 28 -16.91 -53.06 -24.19
C ALA A 28 -17.47 -54.48 -24.30
N SER A 29 -18.24 -54.91 -23.29
CA SER A 29 -18.87 -56.25 -23.27
C SER A 29 -19.99 -56.43 -24.31
N GLY A 30 -20.45 -55.33 -24.93
CA GLY A 30 -21.51 -55.33 -25.93
C GLY A 30 -21.19 -54.41 -27.11
N THR A 31 -22.05 -54.47 -28.13
CA THR A 31 -21.90 -53.63 -29.33
C THR A 31 -22.22 -52.18 -29.01
N ILE A 32 -21.28 -51.29 -29.29
CA ILE A 32 -21.49 -49.85 -29.16
C ILE A 32 -22.16 -49.35 -30.43
N SER A 33 -23.27 -48.62 -30.28
CA SER A 33 -23.97 -47.96 -31.39
C SER A 33 -22.99 -47.16 -32.28
N PRO A 34 -23.20 -47.09 -33.61
CA PRO A 34 -22.43 -46.20 -34.49
C PRO A 34 -22.48 -44.71 -34.11
N ARG A 35 -23.50 -44.30 -33.33
CA ARG A 35 -23.56 -42.94 -32.74
C ARG A 35 -22.66 -42.75 -31.52
N GLY A 36 -22.14 -43.86 -30.97
CA GLY A 36 -21.32 -43.88 -29.77
C GLY A 36 -19.89 -43.41 -30.06
N VAL A 37 -19.48 -42.41 -29.31
CA VAL A 37 -18.09 -41.94 -29.17
C VAL A 37 -17.49 -42.63 -27.95
N MET A 38 -16.29 -43.17 -28.10
CA MET A 38 -15.51 -43.70 -26.99
C MET A 38 -14.44 -42.68 -26.61
N GLY A 39 -14.35 -42.35 -25.33
CA GLY A 39 -13.39 -41.39 -24.81
C GLY A 39 -12.63 -41.93 -23.61
N TRP A 40 -11.39 -41.48 -23.48
CA TRP A 40 -10.56 -41.62 -22.29
C TRP A 40 -10.60 -40.33 -21.49
N TYR A 41 -10.64 -40.50 -20.18
CA TYR A 41 -10.61 -39.46 -19.17
C TYR A 41 -9.61 -39.87 -18.10
N ARG A 42 -8.97 -38.91 -17.46
CA ARG A 42 -8.04 -39.21 -16.37
C ARG A 42 -8.40 -38.42 -15.13
N GLN A 43 -8.10 -39.00 -13.97
CA GLN A 43 -8.30 -38.38 -12.68
C GLN A 43 -7.03 -38.54 -11.85
N ALA A 44 -6.28 -37.46 -11.70
CA ALA A 44 -5.14 -37.41 -10.80
C ALA A 44 -5.64 -37.41 -9.33
N PRO A 45 -4.83 -37.85 -8.36
CA PRO A 45 -5.20 -37.83 -6.95
C PRO A 45 -5.65 -36.43 -6.50
N GLY A 46 -6.83 -36.33 -5.87
CA GLY A 46 -7.39 -35.06 -5.39
C GLY A 46 -7.86 -34.10 -6.50
N LYS A 47 -7.94 -34.55 -7.75
CA LYS A 47 -8.44 -33.75 -8.89
C LYS A 47 -9.75 -34.30 -9.44
N GLU A 48 -10.44 -33.45 -10.20
CA GLU A 48 -11.59 -33.87 -10.99
C GLU A 48 -11.16 -34.72 -12.19
N ARG A 49 -12.14 -35.40 -12.77
CA ARG A 49 -11.94 -36.22 -13.96
C ARG A 49 -11.93 -35.34 -15.20
N GLU A 50 -10.82 -35.31 -15.91
CA GLU A 50 -10.63 -34.49 -17.12
C GLU A 50 -10.58 -35.32 -18.41
N PHE A 51 -10.94 -34.70 -19.53
CA PHE A 51 -10.90 -35.32 -20.84
C PHE A 51 -9.44 -35.52 -21.32
N VAL A 52 -9.15 -36.65 -21.95
CA VAL A 52 -7.84 -36.96 -22.53
C VAL A 52 -7.91 -37.05 -24.05
N ALA A 53 -8.72 -37.97 -24.56
CA ALA A 53 -8.91 -38.16 -26.00
C ALA A 53 -10.23 -38.89 -26.28
N ALA A 54 -10.79 -38.73 -27.47
CA ALA A 54 -11.97 -39.47 -27.91
C ALA A 54 -11.92 -39.78 -29.40
N ILE A 55 -12.65 -40.81 -29.79
CA ILE A 55 -12.78 -41.26 -31.17
C ILE A 55 -14.22 -41.70 -31.45
N ASN A 56 -14.79 -41.18 -32.54
CA ASN A 56 -16.13 -41.59 -32.98
C ASN A 56 -16.07 -42.92 -33.76
N TYR A 57 -17.22 -43.47 -34.15
CA TYR A 57 -17.27 -44.72 -34.90
C TYR A 57 -16.56 -44.66 -36.27
N GLY A 58 -16.57 -43.48 -36.91
CA GLY A 58 -15.94 -43.22 -38.22
C GLY A 58 -14.45 -42.86 -38.16
N GLY A 59 -13.83 -42.89 -36.97
CA GLY A 59 -12.39 -42.63 -36.81
C GLY A 59 -11.98 -41.18 -36.60
N THR A 60 -12.91 -40.23 -36.50
CA THR A 60 -12.56 -38.83 -36.15
C THR A 60 -12.08 -38.78 -34.70
N THR A 61 -10.88 -38.22 -34.49
CA THR A 61 -10.22 -38.14 -33.19
C THR A 61 -10.22 -36.75 -32.60
N TYR A 62 -10.31 -36.66 -31.27
CA TYR A 62 -10.22 -35.44 -30.47
C TYR A 62 -9.22 -35.66 -29.34
N TYR A 63 -8.45 -34.63 -28.99
CA TYR A 63 -7.41 -34.69 -27.95
C TYR A 63 -7.48 -33.45 -27.08
N ALA A 64 -7.19 -33.61 -25.78
CA ALA A 64 -6.89 -32.48 -24.91
C ALA A 64 -5.52 -31.89 -25.28
N ASP A 65 -5.37 -30.57 -25.10
CA ASP A 65 -4.12 -29.87 -25.44
C ASP A 65 -2.92 -30.42 -24.65
N SER A 66 -3.14 -30.87 -23.41
CA SER A 66 -2.11 -31.44 -22.54
C SER A 66 -1.45 -32.72 -23.08
N VAL A 67 -2.12 -33.45 -23.99
CA VAL A 67 -1.65 -34.73 -24.55
C VAL A 67 -1.44 -34.71 -26.06
N LYS A 68 -1.80 -33.60 -26.71
CA LYS A 68 -1.68 -33.44 -28.16
C LYS A 68 -0.23 -33.63 -28.62
N GLY A 69 -0.04 -34.44 -29.66
CA GLY A 69 1.29 -34.81 -30.18
C GLY A 69 2.02 -35.90 -29.38
N ARG A 70 1.52 -36.29 -28.21
CA ARG A 70 2.11 -37.37 -27.39
C ARG A 70 1.27 -38.62 -27.36
N PHE A 71 -0.06 -38.48 -27.30
CA PHE A 71 -0.99 -39.60 -27.23
C PHE A 71 -1.69 -39.82 -28.57
N THR A 72 -2.08 -41.06 -28.85
CA THR A 72 -2.81 -41.45 -30.05
C THR A 72 -3.93 -42.41 -29.69
N ILE A 73 -5.18 -41.98 -29.86
CA ILE A 73 -6.35 -42.84 -29.71
C ILE A 73 -6.65 -43.58 -31.01
N SER A 74 -7.06 -44.84 -30.92
CA SER A 74 -7.53 -45.64 -32.05
C SER A 74 -8.67 -46.56 -31.60
N ARG A 75 -9.49 -47.04 -32.52
CA ARG A 75 -10.67 -47.86 -32.23
C ARG A 75 -10.74 -49.04 -33.18
N ASP A 76 -11.03 -50.21 -32.63
CA ASP A 76 -11.36 -51.43 -33.35
C ASP A 76 -12.86 -51.71 -33.16
N ASN A 77 -13.65 -51.44 -34.20
CA ASN A 77 -15.11 -51.62 -34.18
C ASN A 77 -15.49 -53.11 -34.13
N ALA A 78 -14.71 -54.00 -34.73
CA ALA A 78 -15.00 -55.43 -34.72
C ALA A 78 -14.80 -56.04 -33.32
N LYS A 79 -13.81 -55.54 -32.57
CA LYS A 79 -13.53 -55.94 -31.18
C LYS A 79 -14.23 -55.10 -30.13
N ASN A 80 -15.05 -54.11 -30.52
CA ASN A 80 -15.65 -53.13 -29.60
C ASN A 80 -14.62 -52.56 -28.60
N THR A 81 -13.41 -52.25 -29.06
CA THR A 81 -12.27 -51.88 -28.20
C THR A 81 -11.69 -50.54 -28.65
N VAL A 82 -11.40 -49.66 -27.70
CA VAL A 82 -10.64 -48.42 -27.92
C VAL A 82 -9.25 -48.54 -27.28
N TYR A 83 -8.23 -48.04 -27.97
CA TYR A 83 -6.86 -48.02 -27.51
C TYR A 83 -6.37 -46.60 -27.34
N LEU A 84 -5.55 -46.35 -26.32
CA LEU A 84 -4.82 -45.10 -26.15
C LEU A 84 -3.33 -45.42 -26.07
N GLN A 85 -2.61 -45.18 -27.17
CA GLN A 85 -1.16 -45.20 -27.17
C GLN A 85 -0.66 -43.92 -26.50
N MET A 86 0.11 -44.05 -25.43
CA MET A 86 0.64 -42.94 -24.65
C MET A 86 2.17 -42.96 -24.79
N ASN A 87 2.74 -41.98 -25.49
CA ASN A 87 4.19 -41.87 -25.66
C ASN A 87 4.71 -40.63 -24.94
N SER A 88 6.03 -40.58 -24.68
CA SER A 88 6.67 -39.43 -24.02
C SER A 88 5.93 -39.04 -22.73
N LEU A 89 5.70 -40.05 -21.89
CA LEU A 89 4.96 -39.90 -20.65
C LEU A 89 5.67 -38.96 -19.69
N LYS A 90 4.92 -38.11 -19.02
CA LYS A 90 5.44 -37.17 -18.03
C LYS A 90 4.88 -37.51 -16.65
N PRO A 91 5.55 -37.11 -15.55
CA PRO A 91 5.03 -37.31 -14.20
C PRO A 91 3.57 -36.82 -14.03
N GLU A 92 3.19 -35.74 -14.71
CA GLU A 92 1.82 -35.18 -14.69
C GLU A 92 0.77 -36.06 -15.39
N ASP A 93 1.19 -37.08 -16.14
CA ASP A 93 0.28 -38.05 -16.74
C ASP A 93 -0.13 -39.17 -15.75
N THR A 94 0.42 -39.17 -14.53
CA THR A 94 0.05 -40.08 -13.43
C THR A 94 -1.38 -39.84 -12.98
N ALA A 95 -2.25 -40.82 -13.18
CA ALA A 95 -3.68 -40.75 -12.87
C ALA A 95 -4.35 -42.12 -12.99
N VAL A 96 -5.59 -42.22 -12.50
CA VAL A 96 -6.50 -43.30 -12.93
C VAL A 96 -7.14 -42.88 -14.26
N TYR A 97 -7.02 -43.73 -15.28
CA TYR A 97 -7.61 -43.51 -16.60
C TYR A 97 -8.88 -44.32 -16.75
N TYR A 98 -9.98 -43.65 -17.06
CA TYR A 98 -11.31 -44.22 -17.27
C TYR A 98 -11.69 -44.10 -18.73
N CYS A 99 -12.27 -45.14 -19.30
CA CYS A 99 -12.97 -45.02 -20.56
C CYS A 99 -14.47 -44.80 -20.32
N ALA A 100 -15.10 -44.13 -21.29
CA ALA A 100 -16.53 -43.92 -21.30
C ALA A 100 -17.08 -43.96 -22.72
N VAL A 101 -18.34 -44.36 -22.82
CA VAL A 101 -19.14 -44.29 -24.04
C VAL A 101 -20.17 -43.19 -23.88
N TYR A 102 -20.26 -42.32 -24.87
CA TYR A 102 -21.23 -41.23 -24.92
C TYR A 102 -21.70 -40.97 -26.35
N TYR A 103 -22.79 -40.24 -26.53
CA TYR A 103 -23.20 -39.73 -27.84
C TYR A 103 -23.72 -38.30 -27.72
N TYR A 104 -23.75 -37.59 -28.85
CA TYR A 104 -24.33 -36.26 -28.94
C TYR A 104 -25.79 -36.37 -29.40
N ILE A 105 -26.72 -35.75 -28.67
CA ILE A 105 -28.11 -35.59 -29.13
C ILE A 105 -28.18 -34.46 -30.15
N ASN A 106 -27.46 -33.37 -29.87
CA ASN A 106 -27.27 -32.21 -30.73
C ASN A 106 -25.89 -31.60 -30.44
N SER A 107 -25.57 -30.45 -31.05
CA SER A 107 -24.27 -29.79 -30.88
C SER A 107 -23.94 -29.37 -29.44
N GLN A 108 -24.96 -29.24 -28.57
CA GLN A 108 -24.78 -28.77 -27.19
C GLN A 108 -24.97 -29.88 -26.14
N ARG A 109 -25.67 -30.97 -26.48
CA ARG A 109 -26.07 -32.00 -25.52
C ARG A 109 -25.31 -33.30 -25.76
N LYS A 110 -24.42 -33.61 -24.81
CA LYS A 110 -23.71 -34.89 -24.69
C LYS A 110 -24.37 -35.75 -23.63
N VAL A 111 -24.63 -37.02 -23.95
CA VAL A 111 -25.13 -38.02 -23.00
C VAL A 111 -24.04 -39.03 -22.74
N LEU A 112 -23.51 -39.06 -21.52
CA LEU A 112 -22.63 -40.13 -21.07
C LEU A 112 -23.48 -41.32 -20.65
N LEU A 113 -23.20 -42.48 -21.25
CA LEU A 113 -23.98 -43.70 -21.05
C LEU A 113 -23.32 -44.65 -20.08
N TYR A 114 -22.03 -44.91 -20.29
CA TYR A 114 -21.29 -45.93 -19.57
C TYR A 114 -19.91 -45.41 -19.21
N TRP A 115 -19.48 -45.77 -18.01
CA TRP A 115 -18.14 -45.54 -17.49
C TRP A 115 -17.52 -46.90 -17.16
N GLY A 116 -16.24 -47.06 -17.44
CA GLY A 116 -15.47 -48.16 -16.89
C GLY A 116 -14.97 -47.86 -15.47
N GLN A 117 -14.29 -48.84 -14.89
CA GLN A 117 -13.80 -48.79 -13.51
C GLN A 117 -12.43 -48.12 -13.42
N GLY A 118 -11.76 -47.95 -14.56
CA GLY A 118 -10.49 -47.28 -14.68
C GLY A 118 -9.27 -48.19 -14.49
N THR A 119 -8.11 -47.69 -14.91
CA THR A 119 -6.82 -48.35 -14.75
C THR A 119 -5.77 -47.33 -14.29
N GLN A 120 -4.95 -47.71 -13.31
CA GLN A 120 -3.92 -46.82 -12.77
C GLN A 120 -2.74 -46.73 -13.74
N VAL A 121 -2.31 -45.50 -14.04
CA VAL A 121 -1.04 -45.21 -14.69
C VAL A 121 -0.19 -44.42 -13.71
N THR A 122 1.03 -44.89 -13.48
CA THR A 122 2.02 -44.19 -12.64
C THR A 122 3.26 -43.95 -13.46
N VAL A 123 3.68 -42.68 -13.56
CA VAL A 123 4.90 -42.29 -14.25
C VAL A 123 5.90 -41.85 -13.19
N SER A 124 6.94 -42.65 -12.98
CA SER A 124 8.03 -42.31 -12.06
C SER A 124 9.03 -41.39 -12.76
N SER A 125 9.56 -40.42 -12.01
CA SER A 125 10.70 -39.60 -12.40
C SER A 125 11.96 -40.42 -12.64
N PRO B 5 -4.16 -27.33 -39.27
CA PRO B 5 -4.46 -25.99 -39.77
C PRO B 5 -4.07 -25.83 -41.24
N SER B 6 -5.02 -25.34 -42.04
CA SER B 6 -4.84 -25.16 -43.48
C SER B 6 -4.81 -23.70 -43.91
N VAL B 7 -4.41 -23.47 -45.15
CA VAL B 7 -4.39 -22.12 -45.73
C VAL B 7 -5.46 -22.00 -46.80
N LEU B 8 -6.30 -20.98 -46.67
CA LEU B 8 -7.41 -20.77 -47.60
C LEU B 8 -6.91 -20.49 -49.02
N ASN B 9 -7.37 -21.29 -49.97
CA ASN B 9 -7.01 -21.09 -51.37
C ASN B 9 -7.82 -19.92 -51.93
N TRP B 10 -7.52 -19.52 -53.17
CA TRP B 10 -8.17 -18.35 -53.76
C TRP B 10 -9.69 -18.51 -53.85
N ASP B 11 -10.15 -19.73 -54.13
CA ASP B 11 -11.58 -20.00 -54.19
C ASP B 11 -12.26 -19.70 -52.85
N GLN B 12 -11.61 -20.11 -51.77
CA GLN B 12 -12.12 -19.89 -50.43
C GLN B 12 -11.93 -18.43 -49.99
N VAL B 13 -10.78 -17.86 -50.31
CA VAL B 13 -10.47 -16.48 -49.94
C VAL B 13 -11.44 -15.50 -50.60
N SER B 14 -11.71 -15.71 -51.89
CA SER B 14 -12.63 -14.84 -52.63
C SER B 14 -14.03 -14.88 -52.07
N ARG B 15 -14.49 -16.07 -51.68
CA ARG B 15 -15.84 -16.24 -51.16
C ARG B 15 -15.97 -15.59 -49.78
N LEU B 16 -14.87 -15.54 -49.04
CA LEU B 16 -14.83 -14.86 -47.75
C LEU B 16 -15.00 -13.36 -47.93
N HIS B 17 -14.41 -12.83 -48.99
CA HIS B 17 -14.50 -11.41 -49.30
C HIS B 17 -15.93 -11.01 -49.62
N GLU B 18 -16.66 -11.89 -50.28
CA GLU B 18 -18.05 -11.63 -50.63
C GLU B 18 -18.93 -11.58 -49.40
N VAL B 19 -18.72 -12.51 -48.48
CA VAL B 19 -19.47 -12.57 -47.23
C VAL B 19 -19.23 -11.33 -46.38
N LEU B 20 -17.96 -10.95 -46.28
CA LEU B 20 -17.58 -9.78 -45.49
C LEU B 20 -18.07 -8.48 -46.11
N THR B 21 -18.27 -8.50 -47.43
CA THR B 21 -18.76 -7.31 -48.14
C THR B 21 -20.21 -7.45 -48.57
N GLU B 22 -20.90 -8.48 -48.07
CA GLU B 22 -22.31 -8.67 -48.37
C GLU B 22 -23.17 -7.71 -47.54
N VAL B 23 -23.98 -6.91 -48.21
CA VAL B 23 -24.87 -5.99 -47.54
C VAL B 23 -25.99 -6.74 -46.82
N VAL B 24 -26.02 -6.62 -45.49
CA VAL B 24 -27.01 -7.31 -44.68
C VAL B 24 -27.97 -6.34 -44.02
N PRO B 25 -29.27 -6.48 -44.32
CA PRO B 25 -30.31 -5.62 -43.73
C PRO B 25 -30.65 -6.02 -42.30
N ILE B 26 -30.63 -5.04 -41.39
CA ILE B 26 -31.02 -5.28 -40.01
C ILE B 26 -32.35 -4.59 -39.72
N HIS B 27 -33.33 -5.37 -39.28
CA HIS B 27 -34.66 -4.84 -39.00
C HIS B 27 -34.65 -3.92 -37.78
N GLY B 28 -35.48 -2.89 -37.83
CA GLY B 28 -35.59 -1.94 -36.73
C GLY B 28 -36.92 -2.04 -36.02
N ARG B 29 -36.92 -2.62 -34.83
CA ARG B 29 -38.14 -2.73 -34.03
C ARG B 29 -38.66 -1.37 -33.63
N GLY B 30 -39.80 -0.99 -34.19
CA GLY B 30 -40.39 0.31 -33.93
C GLY B 30 -40.44 1.14 -35.20
N ASN B 31 -40.21 2.45 -35.07
CA ASN B 31 -40.23 3.33 -36.22
C ASN B 31 -38.87 3.44 -36.89
N PHE B 32 -37.88 2.77 -36.31
CA PHE B 32 -36.50 2.86 -36.79
C PHE B 32 -36.34 2.15 -38.13
N PRO B 33 -35.62 2.77 -39.07
CA PRO B 33 -35.41 2.23 -40.42
C PRO B 33 -34.47 1.04 -40.45
N THR B 34 -34.55 0.25 -41.51
CA THR B 34 -33.69 -0.92 -41.68
C THR B 34 -32.24 -0.50 -41.91
N LEU B 35 -31.34 -1.00 -41.07
CA LEU B 35 -29.92 -0.70 -41.20
C LEU B 35 -29.28 -1.53 -42.31
N GLU B 36 -28.60 -0.86 -43.24
CA GLU B 36 -27.89 -1.53 -44.31
C GLU B 36 -26.42 -1.69 -43.96
N ILE B 37 -26.12 -2.65 -43.08
CA ILE B 37 -24.76 -2.84 -42.59
C ILE B 37 -23.94 -3.77 -43.48
N THR B 38 -22.70 -4.02 -43.07
CA THR B 38 -21.79 -4.88 -43.79
C THR B 38 -20.82 -5.52 -42.79
N LEU B 39 -20.53 -6.81 -42.95
CA LEU B 39 -19.66 -7.52 -42.02
C LEU B 39 -18.29 -6.88 -41.90
N LYS B 40 -17.75 -6.46 -43.05
CA LYS B 40 -16.46 -5.75 -43.07
C LYS B 40 -16.57 -4.43 -42.32
N ASP B 41 -17.67 -3.72 -42.52
CA ASP B 41 -17.87 -2.41 -41.92
C ASP B 41 -18.01 -2.47 -40.40
N ILE B 42 -18.75 -3.46 -39.91
CA ILE B 42 -18.92 -3.64 -38.47
C ILE B 42 -17.59 -3.90 -37.79
N VAL B 43 -16.85 -4.89 -38.30
CA VAL B 43 -15.57 -5.27 -37.74
C VAL B 43 -14.61 -4.08 -37.64
N GLN B 44 -14.49 -3.33 -38.73
CA GLN B 44 -13.61 -2.18 -38.77
C GLN B 44 -13.99 -1.13 -37.73
N THR B 45 -15.27 -0.76 -37.71
CA THR B 45 -15.75 0.26 -36.78
C THR B 45 -15.60 -0.18 -35.33
N VAL B 46 -16.01 -1.42 -35.04
CA VAL B 46 -15.97 -1.96 -33.69
C VAL B 46 -14.54 -2.06 -33.17
N ARG B 47 -13.65 -2.67 -33.97
CA ARG B 47 -12.27 -2.86 -33.55
C ARG B 47 -11.55 -1.53 -33.38
N SER B 48 -11.86 -0.58 -34.24
CA SER B 48 -11.24 0.75 -34.18
C SER B 48 -11.55 1.46 -32.88
N ARG B 49 -12.84 1.55 -32.55
CA ARG B 49 -13.27 2.25 -31.35
C ARG B 49 -12.83 1.50 -30.10
N LEU B 50 -12.67 0.18 -30.22
CA LEU B 50 -12.18 -0.62 -29.10
C LEU B 50 -10.71 -0.31 -28.83
N GLU B 51 -9.91 -0.26 -29.89
CA GLU B 51 -8.50 0.08 -29.76
C GLU B 51 -8.34 1.51 -29.24
N GLU B 52 -9.24 2.39 -29.65
CA GLU B 52 -9.22 3.78 -29.23
C GLU B 52 -9.60 3.92 -27.76
N ALA B 53 -10.48 3.04 -27.28
CA ALA B 53 -10.97 3.10 -25.91
C ALA B 53 -10.01 2.47 -24.92
N GLY B 54 -8.98 1.79 -25.43
CA GLY B 54 -7.98 1.18 -24.58
C GLY B 54 -8.14 -0.32 -24.44
N ILE B 55 -8.77 -0.94 -25.43
CA ILE B 55 -8.97 -2.39 -25.42
C ILE B 55 -8.34 -3.04 -26.65
N LYS B 56 -7.34 -3.88 -26.43
CA LYS B 56 -6.64 -4.54 -27.52
C LYS B 56 -7.45 -5.69 -28.11
N VAL B 57 -7.44 -5.79 -29.43
CA VAL B 57 -8.12 -6.88 -30.12
C VAL B 57 -7.10 -7.81 -30.77
N HIS B 58 -6.84 -8.94 -30.10
CA HIS B 58 -5.82 -9.89 -30.56
C HIS B 58 -6.25 -10.63 -31.80
N ASP B 59 -7.56 -10.91 -31.92
CA ASP B 59 -8.07 -11.67 -33.05
C ASP B 59 -9.51 -11.29 -33.40
N VAL B 60 -9.80 -11.28 -34.70
CA VAL B 60 -11.17 -11.16 -35.18
C VAL B 60 -11.47 -12.35 -36.08
N ARG B 61 -12.33 -13.25 -35.60
CA ARG B 61 -12.61 -14.48 -36.32
C ARG B 61 -14.03 -14.53 -36.86
N LEU B 62 -14.28 -15.50 -37.74
CA LEU B 62 -15.62 -15.71 -38.30
C LEU B 62 -16.09 -17.13 -37.98
N ASN B 63 -17.13 -17.22 -37.15
CA ASN B 63 -17.65 -18.52 -36.74
C ASN B 63 -18.97 -18.82 -37.44
N GLY B 64 -19.71 -19.79 -36.92
CA GLY B 64 -21.01 -20.15 -37.46
C GLY B 64 -20.92 -20.91 -38.77
N SER B 65 -22.05 -21.01 -39.46
CA SER B 65 -22.11 -21.70 -40.74
C SER B 65 -21.54 -20.82 -41.86
N ALA B 66 -21.33 -19.54 -41.56
CA ALA B 66 -20.74 -18.61 -42.50
C ALA B 66 -19.31 -19.02 -42.82
N ALA B 67 -18.61 -19.51 -41.80
CA ALA B 67 -17.25 -20.01 -41.96
C ALA B 67 -17.24 -21.26 -42.83
N GLY B 68 -18.23 -22.11 -42.63
CA GLY B 68 -18.36 -23.34 -43.40
C GLY B 68 -18.72 -23.07 -44.85
N HIS B 69 -19.49 -22.01 -45.08
CA HIS B 69 -19.88 -21.63 -46.43
C HIS B 69 -18.67 -21.14 -47.22
N VAL B 70 -17.72 -20.55 -46.52
CA VAL B 70 -16.49 -20.07 -47.15
C VAL B 70 -15.61 -21.24 -47.59
N LEU B 71 -15.43 -22.20 -46.70
CA LEU B 71 -14.60 -23.36 -46.99
C LEU B 71 -15.26 -24.29 -48.00
N VAL B 72 -16.57 -24.49 -47.87
CA VAL B 72 -17.34 -25.25 -48.83
C VAL B 72 -18.62 -24.50 -49.21
N LYS B 73 -18.70 -24.06 -50.46
CA LYS B 73 -19.83 -23.26 -50.93
C LYS B 73 -21.12 -24.08 -50.98
N ASP B 74 -22.18 -23.54 -50.39
CA ASP B 74 -23.49 -24.17 -50.36
C ASP B 74 -23.41 -25.61 -49.84
N ASN B 75 -22.83 -25.76 -48.65
CA ASN B 75 -22.55 -27.07 -48.09
C ASN B 75 -23.77 -27.77 -47.51
N GLY B 76 -24.85 -27.01 -47.31
CA GLY B 76 -26.09 -27.57 -46.80
C GLY B 76 -26.49 -27.00 -45.45
N LEU B 77 -25.56 -26.30 -44.81
CA LEU B 77 -25.84 -25.66 -43.53
C LEU B 77 -26.31 -24.23 -43.73
N GLY B 78 -26.25 -23.77 -44.98
CA GLY B 78 -26.67 -22.42 -45.31
C GLY B 78 -25.66 -21.38 -44.88
N CYS B 79 -26.06 -20.11 -44.96
CA CYS B 79 -25.19 -19.00 -44.58
C CYS B 79 -26.00 -17.92 -43.88
N LYS B 80 -26.86 -18.34 -42.95
CA LYS B 80 -27.71 -17.41 -42.22
C LYS B 80 -27.04 -16.91 -40.94
N ASP B 81 -26.12 -17.71 -40.41
CA ASP B 81 -25.45 -17.39 -39.15
C ASP B 81 -24.16 -16.60 -39.37
N LEU B 82 -24.27 -15.28 -39.31
CA LEU B 82 -23.11 -14.40 -39.45
C LEU B 82 -22.53 -14.09 -38.08
N ASP B 83 -21.61 -14.94 -37.62
CA ASP B 83 -21.06 -14.80 -36.28
C ASP B 83 -19.64 -14.25 -36.30
N LEU B 84 -19.41 -13.21 -35.51
CA LEU B 84 -18.09 -12.59 -35.41
C LEU B 84 -17.50 -12.75 -34.02
N ILE B 85 -16.25 -13.20 -33.97
CA ILE B 85 -15.56 -13.40 -32.69
C ILE B 85 -14.45 -12.38 -32.50
N PHE B 86 -14.50 -11.66 -31.39
CA PHE B 86 -13.48 -10.68 -31.06
C PHE B 86 -12.71 -11.11 -29.81
N HIS B 87 -11.53 -11.71 -30.02
CA HIS B 87 -10.69 -12.12 -28.90
C HIS B 87 -10.23 -10.90 -28.12
N VAL B 88 -10.98 -10.58 -27.06
CA VAL B 88 -10.77 -9.34 -26.31
C VAL B 88 -10.71 -9.60 -24.81
N ALA B 89 -9.70 -9.05 -24.15
CA ALA B 89 -9.54 -9.20 -22.71
C ALA B 89 -10.61 -8.42 -21.95
N LEU B 90 -11.14 -9.03 -20.89
CA LEU B 90 -12.21 -8.41 -20.10
C LEU B 90 -11.98 -8.56 -18.60
N PRO B 91 -11.15 -7.67 -18.02
CA PRO B 91 -10.84 -7.70 -16.59
C PRO B 91 -11.99 -7.22 -15.70
N THR B 92 -12.16 -5.91 -15.61
CA THR B 92 -13.20 -5.32 -14.78
C THR B 92 -14.51 -5.24 -15.54
N GLU B 93 -15.62 -5.13 -14.81
CA GLU B 93 -16.94 -4.99 -15.42
C GLU B 93 -17.01 -3.74 -16.30
N ALA B 94 -16.12 -2.79 -16.05
CA ALA B 94 -16.04 -1.57 -16.83
C ALA B 94 -15.77 -1.88 -18.30
N GLU B 95 -14.90 -2.85 -18.55
CA GLU B 95 -14.57 -3.25 -19.91
C GLU B 95 -15.78 -3.88 -20.60
N PHE B 96 -16.61 -4.57 -19.83
CA PHE B 96 -17.85 -5.14 -20.37
C PHE B 96 -18.78 -4.04 -20.84
N GLN B 97 -18.76 -2.91 -20.13
CA GLN B 97 -19.58 -1.76 -20.48
C GLN B 97 -19.04 -1.08 -21.73
N LEU B 98 -17.72 -1.00 -21.85
CA LEU B 98 -17.07 -0.38 -22.99
C LEU B 98 -17.40 -1.13 -24.28
N VAL B 99 -17.47 -2.45 -24.19
CA VAL B 99 -17.83 -3.30 -25.32
C VAL B 99 -19.23 -2.96 -25.80
N ARG B 100 -20.14 -2.78 -24.85
CA ARG B 100 -21.52 -2.41 -25.17
C ARG B 100 -21.58 -1.01 -25.77
N ASP B 101 -20.75 -0.10 -25.26
CA ASP B 101 -20.70 1.26 -25.77
C ASP B 101 -20.23 1.29 -27.23
N VAL B 102 -19.22 0.48 -27.53
CA VAL B 102 -18.65 0.43 -28.88
C VAL B 102 -19.65 -0.08 -29.91
N VAL B 103 -20.33 -1.17 -29.60
CA VAL B 103 -21.31 -1.75 -30.50
C VAL B 103 -22.47 -0.79 -30.76
N LEU B 104 -22.96 -0.15 -29.71
CA LEU B 104 -24.03 0.83 -29.85
C LEU B 104 -23.57 2.06 -30.61
N CYS B 105 -22.31 2.42 -30.42
CA CYS B 105 -21.70 3.51 -31.17
C CYS B 105 -21.65 3.17 -32.65
N SER B 106 -21.22 1.95 -32.95
CA SER B 106 -21.12 1.49 -34.33
C SER B 106 -22.50 1.35 -34.97
N LEU B 107 -23.52 1.13 -34.13
CA LEU B 107 -24.89 1.06 -34.62
C LEU B 107 -25.36 2.40 -35.15
N LEU B 108 -24.86 3.47 -34.56
CA LEU B 108 -25.19 4.83 -34.96
C LEU B 108 -24.62 5.16 -36.34
N ASN B 109 -23.66 4.36 -36.76
CA ASN B 109 -22.90 4.64 -37.98
C ASN B 109 -23.65 4.29 -39.27
N PHE B 110 -24.52 3.29 -39.20
CA PHE B 110 -25.14 2.74 -40.41
C PHE B 110 -26.52 3.30 -40.72
N LEU B 111 -26.94 4.32 -39.98
CA LEU B 111 -28.24 4.94 -40.21
C LEU B 111 -28.30 5.63 -41.57
N PRO B 122 -28.23 5.80 -26.96
CA PRO B 122 -27.71 4.44 -26.87
C PRO B 122 -28.75 3.44 -26.36
N VAL B 123 -29.79 3.94 -25.70
CA VAL B 123 -30.85 3.08 -25.21
C VAL B 123 -31.87 2.75 -26.30
N THR B 124 -32.28 3.76 -27.05
CA THR B 124 -33.26 3.58 -28.12
C THR B 124 -32.72 2.70 -29.24
N LEU B 125 -31.41 2.76 -29.46
CA LEU B 125 -30.77 1.94 -30.47
C LEU B 125 -30.74 0.47 -30.05
N LYS B 126 -30.65 0.24 -28.75
CA LYS B 126 -30.65 -1.11 -28.21
C LYS B 126 -32.02 -1.76 -28.34
N GLU B 127 -33.06 -0.99 -28.02
CA GLU B 127 -34.43 -1.49 -28.02
C GLU B 127 -35.06 -1.46 -29.42
N ALA B 128 -34.21 -1.47 -30.45
CA ALA B 128 -34.70 -1.41 -31.82
C ALA B 128 -33.85 -2.25 -32.77
N TYR B 129 -32.60 -2.48 -32.39
CA TYR B 129 -31.67 -3.22 -33.25
C TYR B 129 -31.07 -4.44 -32.55
N VAL B 130 -31.04 -4.39 -31.22
CA VAL B 130 -30.50 -5.50 -30.44
C VAL B 130 -31.63 -6.42 -29.97
N GLN B 131 -31.49 -7.71 -30.24
CA GLN B 131 -32.50 -8.68 -29.86
C GLN B 131 -32.01 -9.61 -28.74
N LYS B 132 -30.69 -9.68 -28.57
CA LYS B 132 -30.12 -10.58 -27.57
C LYS B 132 -28.85 -9.97 -26.96
N LEU B 133 -28.66 -10.20 -25.66
CA LEU B 133 -27.49 -9.72 -24.95
C LEU B 133 -27.11 -10.67 -23.81
N VAL B 134 -25.88 -11.18 -23.87
CA VAL B 134 -25.44 -12.18 -22.91
C VAL B 134 -24.12 -11.78 -22.23
N LYS B 135 -24.16 -11.69 -20.90
CA LYS B 135 -22.95 -11.39 -20.13
C LYS B 135 -22.49 -12.61 -19.35
N VAL B 136 -21.23 -12.98 -19.52
CA VAL B 136 -20.66 -14.14 -18.84
C VAL B 136 -19.30 -13.82 -18.22
N CYS B 137 -19.17 -14.05 -16.91
CA CYS B 137 -17.91 -13.85 -16.21
C CYS B 137 -17.76 -14.86 -15.07
N THR B 138 -17.22 -16.04 -15.40
CA THR B 138 -17.09 -17.12 -14.42
C THR B 138 -15.63 -17.48 -14.17
N ASP B 139 -15.40 -18.77 -13.90
CA ASP B 139 -14.06 -19.28 -13.66
C ASP B 139 -13.23 -19.22 -14.93
N THR B 140 -13.64 -19.97 -15.94
CA THR B 140 -12.95 -20.01 -17.21
C THR B 140 -13.72 -19.24 -18.28
N ASP B 141 -15.04 -19.43 -18.30
CA ASP B 141 -15.91 -18.69 -19.23
C ASP B 141 -15.89 -17.20 -18.91
N ARG B 142 -15.70 -16.39 -19.94
CA ARG B 142 -15.64 -14.94 -19.78
C ARG B 142 -15.79 -14.24 -21.12
N TRP B 143 -17.02 -13.83 -21.44
CA TRP B 143 -17.31 -13.20 -22.72
C TRP B 143 -18.62 -12.43 -22.72
N SER B 144 -18.83 -11.61 -23.75
CA SER B 144 -20.06 -10.85 -23.93
C SER B 144 -20.59 -11.03 -25.36
N LEU B 145 -21.91 -11.07 -25.49
CA LEU B 145 -22.53 -11.34 -26.79
C LEU B 145 -23.66 -10.36 -27.10
N ILE B 146 -23.66 -9.86 -28.33
CA ILE B 146 -24.73 -8.98 -28.79
C ILE B 146 -25.24 -9.44 -30.15
N SER B 147 -26.55 -9.56 -30.28
CA SER B 147 -27.15 -10.02 -31.54
C SER B 147 -28.04 -8.95 -32.15
N LEU B 148 -28.27 -9.07 -33.46
CA LEU B 148 -29.11 -8.13 -34.18
C LEU B 148 -30.38 -8.80 -34.69
N SER B 149 -31.37 -7.99 -35.04
CA SER B 149 -32.67 -8.49 -35.46
C SER B 149 -32.59 -9.35 -36.71
N ASN B 150 -33.30 -10.48 -36.67
CA ASN B 150 -33.29 -11.43 -37.78
C ASN B 150 -34.55 -11.37 -38.63
N LYS B 151 -34.39 -10.97 -39.89
CA LYS B 151 -35.51 -10.87 -40.81
C LYS B 151 -35.03 -10.93 -42.26
N LYS B 154 -31.57 -12.87 -42.10
CA LYS B 154 -30.18 -12.79 -41.71
C LYS B 154 -30.00 -12.26 -40.29
N ASN B 155 -29.08 -12.88 -39.55
CA ASN B 155 -28.82 -12.48 -38.17
C ASN B 155 -27.33 -12.34 -37.88
N VAL B 156 -26.94 -11.19 -37.35
CA VAL B 156 -25.53 -10.93 -37.05
C VAL B 156 -25.28 -11.00 -35.55
N GLN B 157 -24.29 -11.80 -35.15
CA GLN B 157 -23.95 -11.98 -33.75
C GLN B 157 -22.54 -11.51 -33.43
N LEU B 158 -22.42 -10.48 -32.63
CA LEU B 158 -21.12 -9.96 -32.23
C LEU B 158 -20.71 -10.56 -30.88
N LYS B 159 -19.80 -11.53 -30.92
CA LYS B 159 -19.33 -12.19 -29.71
C LYS B 159 -17.94 -11.69 -29.33
N PHE B 160 -17.73 -11.45 -28.03
CA PHE B 160 -16.47 -10.90 -27.55
C PHE B 160 -15.83 -11.83 -26.53
N VAL B 161 -15.05 -12.79 -27.02
CA VAL B 161 -14.50 -13.84 -26.17
C VAL B 161 -13.14 -13.51 -25.57
N ASP B 162 -13.07 -13.51 -24.24
CA ASP B 162 -11.79 -13.41 -23.54
C ASP B 162 -11.23 -14.80 -23.34
N SER B 163 -12.01 -15.66 -22.69
CA SER B 163 -11.66 -17.06 -22.51
C SER B 163 -12.93 -17.88 -22.38
N ILE B 164 -13.01 -18.97 -23.15
CA ILE B 164 -14.17 -19.84 -23.12
C ILE B 164 -13.74 -21.25 -22.74
N ARG B 165 -14.66 -22.04 -22.19
CA ARG B 165 -14.34 -23.39 -21.72
C ARG B 165 -14.26 -24.39 -22.88
N ARG B 166 -13.97 -23.88 -24.07
CA ARG B 166 -13.91 -24.70 -25.28
C ARG B 166 -15.18 -25.53 -25.45
N SER B 171 -18.02 -31.29 -35.65
CA SER B 171 -16.88 -30.89 -36.49
C SER B 171 -17.31 -30.10 -37.72
N VAL B 172 -18.57 -30.25 -38.11
CA VAL B 172 -19.08 -29.62 -39.34
C VAL B 172 -19.20 -28.11 -39.19
N ASP B 173 -19.55 -27.64 -38.00
CA ASP B 173 -19.73 -26.21 -37.76
C ASP B 173 -18.86 -25.71 -36.62
N SER B 174 -17.60 -26.13 -36.60
CA SER B 174 -16.65 -25.69 -35.59
C SER B 174 -15.53 -24.89 -36.22
N PHE B 175 -15.79 -24.38 -37.43
CA PHE B 175 -14.78 -23.66 -38.18
C PHE B 175 -14.70 -22.18 -37.81
N GLN B 176 -13.48 -21.69 -37.66
CA GLN B 176 -13.24 -20.28 -37.41
C GLN B 176 -12.19 -19.76 -38.39
N ILE B 177 -12.47 -18.62 -39.01
CA ILE B 177 -11.56 -18.04 -39.99
C ILE B 177 -10.98 -16.72 -39.52
N ILE B 178 -9.67 -16.68 -39.35
CA ILE B 178 -8.98 -15.48 -38.87
C ILE B 178 -8.99 -14.39 -39.94
N LEU B 179 -9.61 -13.26 -39.62
CA LEU B 179 -9.81 -12.19 -40.59
C LEU B 179 -8.70 -11.14 -40.57
N ASP B 180 -7.80 -11.23 -39.59
CA ASP B 180 -6.78 -10.22 -39.38
C ASP B 180 -5.96 -9.91 -40.64
N SER B 181 -5.63 -10.94 -41.41
CA SER B 181 -4.83 -10.78 -42.61
C SER B 181 -5.59 -10.00 -43.68
N LEU B 182 -6.91 -10.16 -43.69
CA LEU B 182 -7.75 -9.49 -44.68
C LEU B 182 -8.14 -8.10 -44.19
N LEU B 183 -8.22 -7.94 -42.87
CA LEU B 183 -8.50 -6.64 -42.28
C LEU B 183 -7.32 -5.70 -42.51
N PHE B 184 -6.12 -6.27 -42.46
CA PHE B 184 -4.89 -5.53 -42.75
C PHE B 184 -4.92 -5.11 -44.22
N PHE B 185 -5.38 -6.00 -45.08
CA PHE B 185 -5.45 -5.74 -46.51
C PHE B 185 -6.42 -4.61 -46.82
N TYR B 186 -7.61 -4.65 -46.22
CA TYR B 186 -8.63 -3.63 -46.46
C TYR B 186 -8.16 -2.23 -46.08
N HIS B 198 -3.55 -11.50 -53.30
CA HIS B 198 -4.48 -11.55 -52.18
C HIS B 198 -3.76 -11.97 -50.90
N PRO B 199 -4.27 -11.50 -49.74
CA PRO B 199 -3.66 -11.86 -48.46
C PRO B 199 -3.84 -13.34 -48.10
N THR B 200 -2.92 -13.87 -47.31
CA THR B 200 -3.01 -15.26 -46.86
C THR B 200 -3.92 -15.39 -45.64
N VAL B 201 -5.05 -16.08 -45.82
CA VAL B 201 -6.02 -16.24 -44.75
C VAL B 201 -6.00 -17.64 -44.17
N ILE B 202 -5.90 -17.74 -42.84
CA ILE B 202 -5.84 -19.04 -42.17
C ILE B 202 -7.16 -19.42 -41.51
N GLY B 203 -7.65 -20.62 -41.83
CA GLY B 203 -8.84 -21.15 -41.18
C GLY B 203 -8.46 -22.21 -40.16
N GLU B 204 -9.21 -22.26 -39.06
CA GLU B 204 -8.93 -23.23 -38.00
C GLU B 204 -10.17 -24.03 -37.65
N SER B 205 -9.97 -25.09 -36.86
CA SER B 205 -11.07 -25.92 -36.41
C SER B 205 -10.98 -26.13 -34.90
N UNK B 206 -22.85 -36.38 0.03
CA UNK B 206 -22.88 -37.00 -1.31
C UNK B 206 -24.17 -37.82 -1.44
N UNK B 207 -24.07 -39.15 -1.26
CA UNK B 207 -25.28 -40.01 -1.30
C UNK B 207 -26.19 -39.61 -0.13
N UNK B 208 -25.58 -39.31 1.03
CA UNK B 208 -26.38 -38.88 2.20
C UNK B 208 -27.06 -37.55 1.87
N UNK B 209 -26.35 -36.67 1.17
CA UNK B 209 -26.94 -35.36 0.79
C UNK B 209 -28.13 -35.62 -0.12
N UNK B 210 -27.98 -36.57 -1.06
CA UNK B 210 -29.08 -36.91 -1.99
C UNK B 210 -30.27 -37.44 -1.21
N UNK B 211 -30.02 -38.29 -0.21
CA UNK B 211 -31.13 -38.85 0.61
C UNK B 211 -31.83 -37.71 1.35
N UNK B 212 -31.06 -36.77 1.88
CA UNK B 212 -31.65 -35.64 2.63
C UNK B 212 -32.50 -34.81 1.67
N UNK B 213 -32.03 -34.63 0.44
CA UNK B 213 -32.78 -33.85 -0.57
C UNK B 213 -34.09 -34.55 -0.91
N UNK B 214 -34.05 -35.89 -1.01
CA UNK B 214 -35.28 -36.66 -1.29
C UNK B 214 -36.26 -36.47 -0.13
N UNK B 215 -35.72 -36.49 1.10
CA UNK B 215 -36.59 -36.29 2.28
C UNK B 215 -37.21 -34.89 2.21
N UNK B 216 -36.42 -33.90 1.79
CA UNK B 216 -36.92 -32.50 1.69
C UNK B 216 -38.02 -32.42 0.64
N UNK B 217 -37.86 -33.13 -0.48
CA UNK B 217 -38.89 -33.13 -1.55
C UNK B 217 -40.17 -33.75 -0.99
N UNK B 218 -40.01 -34.83 -0.21
CA UNK B 218 -41.21 -35.48 0.39
C UNK B 218 -41.89 -34.49 1.33
N UNK B 219 -41.09 -33.74 2.09
CA UNK B 219 -41.65 -32.75 3.03
C UNK B 219 -42.41 -31.67 2.27
N UNK B 220 -41.87 -31.22 1.13
CA UNK B 220 -42.53 -30.19 0.31
C UNK B 220 -43.85 -30.75 -0.19
N UNK B 221 -43.85 -32.03 -0.59
CA UNK B 221 -45.09 -32.67 -1.08
C UNK B 221 -46.12 -32.70 0.05
N UNK B 222 -45.68 -33.02 1.27
CA UNK B 222 -46.61 -33.06 2.43
C UNK B 222 -47.16 -31.66 2.67
N UNK B 223 -46.32 -30.64 2.54
CA UNK B 223 -46.74 -29.24 2.77
C UNK B 223 -47.81 -28.89 1.74
N UNK B 224 -47.62 -29.32 0.50
CA UNK B 224 -48.65 -29.09 -0.54
C UNK B 224 -49.94 -29.81 -0.12
N VAL C 13 -19.16 -13.62 -10.13
CA VAL C 13 -20.22 -14.23 -10.94
C VAL C 13 -21.36 -13.29 -11.42
N ASN C 14 -21.46 -13.17 -12.73
CA ASN C 14 -22.48 -12.35 -13.36
C ASN C 14 -23.09 -13.11 -14.50
N ILE C 15 -24.42 -13.02 -14.62
CA ILE C 15 -25.14 -13.61 -15.74
C ILE C 15 -26.29 -12.69 -16.09
N GLU C 16 -26.26 -12.07 -17.27
CA GLU C 16 -27.28 -11.10 -17.66
C GLU C 16 -27.77 -11.39 -19.08
N PHE C 17 -29.09 -11.56 -19.23
CA PHE C 17 -29.79 -11.86 -20.48
C PHE C 17 -30.87 -10.82 -20.70
N GLU C 18 -30.96 -10.26 -21.92
CA GLU C 18 -32.07 -9.41 -22.35
C GLU C 18 -32.51 -9.84 -23.73
N ALA C 19 -33.82 -9.93 -23.96
CA ALA C 19 -34.34 -10.19 -25.29
C ALA C 19 -35.41 -9.16 -25.60
N TYR C 20 -35.23 -8.41 -26.69
CA TYR C 20 -36.26 -7.51 -27.17
C TYR C 20 -37.03 -8.09 -28.34
N SER C 21 -36.92 -9.39 -28.58
CA SER C 21 -37.43 -9.99 -29.80
C SER C 21 -38.66 -10.87 -29.57
N LEU C 22 -39.51 -10.51 -28.63
CA LEU C 22 -40.61 -11.40 -28.29
C LEU C 22 -41.86 -11.00 -29.06
N SER C 23 -42.72 -11.99 -29.26
CA SER C 23 -44.03 -11.77 -29.85
C SER C 23 -45.04 -11.46 -28.76
N ASP C 24 -46.12 -10.76 -29.16
CA ASP C 24 -47.14 -10.31 -28.22
C ASP C 24 -47.71 -11.46 -27.42
N ASN C 25 -47.85 -12.63 -28.04
CA ASN C 25 -48.37 -13.81 -27.36
C ASN C 25 -47.28 -14.59 -26.62
N ASP C 26 -46.01 -14.43 -26.98
CA ASP C 26 -44.92 -14.92 -26.13
C ASP C 26 -44.92 -14.20 -24.79
N TYR C 27 -44.96 -12.85 -24.84
CA TYR C 27 -45.16 -12.05 -23.64
C TYR C 27 -46.43 -12.50 -22.92
N ASP C 28 -47.52 -12.68 -23.67
CA ASP C 28 -48.81 -12.94 -23.06
C ASP C 28 -48.85 -14.32 -22.40
N GLY C 29 -48.06 -15.27 -22.90
CA GLY C 29 -48.00 -16.60 -22.31
C GLY C 29 -47.17 -16.59 -21.04
N ILE C 30 -45.99 -15.98 -21.12
CA ILE C 30 -45.12 -15.87 -19.95
C ILE C 30 -45.84 -15.13 -18.82
N LYS C 31 -46.62 -14.09 -19.14
CA LYS C 31 -47.39 -13.41 -18.10
C LYS C 31 -48.32 -14.39 -17.37
N LYS C 32 -49.05 -15.21 -18.12
CA LYS C 32 -49.84 -16.23 -17.47
C LYS C 32 -48.97 -17.17 -16.63
N LEU C 33 -47.78 -17.50 -17.13
CA LEU C 33 -46.90 -18.42 -16.40
C LEU C 33 -46.55 -17.84 -15.04
N LEU C 34 -46.20 -16.54 -15.02
CA LEU C 34 -45.86 -15.88 -13.79
C LEU C 34 -47.06 -15.75 -12.89
N GLN C 35 -48.25 -15.67 -13.48
CA GLN C 35 -49.42 -15.42 -12.66
C GLN C 35 -49.79 -16.62 -11.81
N GLN C 36 -49.80 -17.81 -12.40
CA GLN C 36 -49.95 -18.99 -11.58
C GLN C 36 -48.95 -19.00 -10.45
N LEU C 37 -47.69 -18.61 -10.75
CA LEU C 37 -46.68 -18.58 -9.69
C LEU C 37 -47.13 -17.71 -8.55
N PHE C 38 -47.83 -16.64 -8.87
CA PHE C 38 -48.28 -15.72 -7.84
C PHE C 38 -49.38 -16.37 -7.01
N LEU C 39 -50.44 -16.81 -7.67
CA LEU C 39 -51.55 -17.49 -7.03
C LEU C 39 -51.09 -18.68 -6.21
N LYS C 40 -49.91 -19.22 -6.49
CA LYS C 40 -49.52 -20.48 -5.85
C LYS C 40 -48.77 -20.25 -4.54
N ALA C 41 -48.67 -19.00 -4.07
CA ALA C 41 -47.92 -18.74 -2.84
C ALA C 41 -48.71 -17.89 -1.83
N PRO C 42 -48.14 -17.61 -0.64
CA PRO C 42 -48.79 -16.66 0.31
C PRO C 42 -48.84 -15.21 -0.20
N VAL C 43 -50.04 -14.54 -0.07
CA VAL C 43 -50.29 -13.14 -0.49
C VAL C 43 -50.32 -12.18 0.70
N ASN C 44 -49.68 -11.03 0.54
CA ASN C 44 -49.27 -10.21 1.67
C ASN C 44 -49.86 -8.81 1.62
N THR C 45 -50.12 -8.27 2.83
CA THR C 45 -50.79 -7.00 3.06
C THR C 45 -50.43 -6.48 4.46
N ALA C 46 -49.96 -5.23 4.54
CA ALA C 46 -49.93 -4.46 5.80
C ALA C 46 -49.55 -3.00 5.58
N ASP C 66 -48.21 4.05 -20.86
CA ASP C 66 -47.84 3.36 -19.63
C ASP C 66 -47.05 2.08 -19.91
N VAL C 67 -46.65 1.40 -18.83
CA VAL C 67 -45.83 0.21 -18.90
C VAL C 67 -46.40 -0.86 -17.99
N GLU C 68 -46.12 -2.11 -18.34
CA GLU C 68 -46.36 -3.32 -17.55
C GLU C 68 -45.02 -3.92 -17.14
N VAL C 69 -44.94 -4.47 -15.93
CA VAL C 69 -43.78 -5.26 -15.51
C VAL C 69 -44.22 -6.41 -14.62
N PHE C 70 -43.77 -7.62 -14.94
CA PHE C 70 -44.11 -8.79 -14.16
C PHE C 70 -42.90 -9.69 -14.02
N GLY C 71 -42.76 -10.35 -12.87
CA GLY C 71 -41.63 -11.23 -12.65
C GLY C 71 -41.36 -11.43 -11.16
N PHE C 72 -40.12 -11.79 -10.84
CA PHE C 72 -39.76 -12.04 -9.46
C PHE C 72 -38.30 -11.71 -9.25
N ILE C 73 -37.95 -11.46 -8.00
CA ILE C 73 -36.59 -11.18 -7.59
C ILE C 73 -36.29 -12.06 -6.41
N SER C 74 -35.38 -13.00 -6.59
CA SER C 74 -35.13 -14.02 -5.60
C SER C 74 -33.71 -13.82 -5.09
N LEU C 75 -33.56 -13.71 -3.77
CA LEU C 75 -32.25 -13.63 -3.13
C LEU C 75 -31.66 -15.03 -2.97
N LEU C 76 -30.36 -15.13 -3.16
CA LEU C 76 -29.72 -16.43 -3.15
C LEU C 76 -28.43 -16.34 -2.34
N ASN C 77 -27.99 -17.48 -1.80
CA ASN C 77 -26.72 -17.61 -1.08
C ASN C 77 -25.82 -18.58 -1.83
N LEU C 78 -24.70 -18.09 -2.35
CA LEU C 78 -23.89 -18.93 -3.23
C LEU C 78 -22.89 -19.81 -2.48
N THR C 79 -22.78 -19.69 -1.17
CA THR C 79 -21.98 -20.63 -0.40
C THR C 79 -22.76 -21.91 -0.08
N GLU C 80 -24.00 -22.04 -0.55
CA GLU C 80 -24.88 -23.16 -0.28
C GLU C 80 -24.93 -24.10 -1.48
N ARG C 81 -25.38 -25.34 -1.25
CA ARG C 81 -25.65 -26.26 -2.36
C ARG C 81 -26.82 -25.78 -3.22
N LYS C 82 -27.95 -25.47 -2.58
CA LYS C 82 -29.08 -24.90 -3.28
C LYS C 82 -28.66 -23.71 -4.14
N GLY C 83 -27.93 -22.77 -3.55
CA GLY C 83 -27.52 -21.58 -4.30
C GLY C 83 -26.82 -21.90 -5.60
N THR C 84 -25.78 -22.73 -5.54
CA THR C 84 -25.05 -23.08 -6.74
C THR C 84 -25.77 -24.11 -7.62
N GLN C 85 -26.68 -24.93 -7.05
CA GLN C 85 -27.46 -25.85 -7.87
C GLN C 85 -28.43 -25.09 -8.76
N CYS C 86 -29.02 -24.03 -8.21
CA CYS C 86 -29.83 -23.10 -8.98
C CYS C 86 -29.05 -22.56 -10.17
N VAL C 87 -27.87 -22.00 -9.89
CA VAL C 87 -27.09 -21.32 -10.91
C VAL C 87 -26.81 -22.23 -12.10
N GLU C 88 -26.48 -23.50 -11.83
CA GLU C 88 -26.34 -24.45 -12.93
C GLU C 88 -27.58 -24.48 -13.80
N GLN C 89 -28.77 -24.48 -13.20
CA GLN C 89 -29.99 -24.45 -13.99
C GLN C 89 -30.14 -23.13 -14.72
N ILE C 90 -30.02 -22.02 -13.99
CA ILE C 90 -30.12 -20.69 -14.59
C ILE C 90 -29.15 -20.55 -15.75
N GLN C 91 -27.87 -20.80 -15.50
CA GLN C 91 -26.90 -20.74 -16.58
C GLN C 91 -27.27 -21.67 -17.72
N GLU C 92 -27.87 -22.81 -17.44
CA GLU C 92 -28.18 -23.71 -18.55
C GLU C 92 -29.35 -23.20 -19.36
N LEU C 93 -30.37 -22.66 -18.69
CA LEU C 93 -31.48 -22.02 -19.39
C LEU C 93 -30.98 -20.91 -20.31
N VAL C 94 -30.11 -20.04 -19.79
CA VAL C 94 -29.60 -18.93 -20.59
C VAL C 94 -28.79 -19.44 -21.76
N LEU C 95 -27.96 -20.44 -21.52
CA LEU C 95 -27.25 -21.07 -22.64
C LEU C 95 -28.23 -21.58 -23.68
N ARG C 96 -29.33 -22.18 -23.24
CA ARG C 96 -30.31 -22.72 -24.17
C ARG C 96 -31.11 -21.61 -24.85
N PHE C 97 -31.20 -20.43 -24.24
CA PHE C 97 -31.86 -19.30 -24.88
C PHE C 97 -30.98 -18.68 -25.96
N CYS C 98 -29.71 -19.02 -25.96
CA CYS C 98 -28.81 -18.55 -26.98
C CYS C 98 -28.79 -19.48 -28.15
N GLU C 99 -29.84 -20.29 -28.32
CA GLU C 99 -29.94 -21.06 -29.53
C GLU C 99 -30.50 -20.17 -30.63
N LYS C 100 -30.32 -20.60 -31.87
CA LYS C 100 -30.57 -19.72 -33.00
C LYS C 100 -32.08 -19.49 -33.19
N ASN C 101 -32.85 -20.56 -33.40
CA ASN C 101 -34.27 -20.42 -33.65
C ASN C 101 -35.10 -20.51 -32.38
N CYS C 102 -34.49 -20.15 -31.25
CA CYS C 102 -35.02 -20.44 -29.92
C CYS C 102 -35.91 -19.30 -29.42
N GLU C 103 -37.10 -19.20 -30.01
CA GLU C 103 -37.96 -18.10 -29.57
C GLU C 103 -39.36 -18.51 -29.20
N LYS C 104 -40.03 -19.29 -30.05
CA LYS C 104 -41.32 -19.82 -29.62
C LYS C 104 -41.14 -20.74 -28.42
N SER C 105 -40.01 -21.46 -28.38
CA SER C 105 -39.69 -22.37 -27.29
C SER C 105 -39.59 -21.67 -25.94
N MET C 106 -39.36 -20.36 -25.94
CA MET C 106 -39.21 -19.63 -24.70
C MET C 106 -40.34 -19.93 -23.73
N VAL C 107 -41.57 -19.97 -24.25
CA VAL C 107 -42.67 -20.05 -23.33
C VAL C 107 -42.73 -21.45 -22.71
N GLU C 108 -42.48 -22.49 -23.53
CA GLU C 108 -42.39 -23.85 -23.00
C GLU C 108 -41.18 -24.05 -22.10
N GLN C 109 -40.02 -23.52 -22.47
CA GLN C 109 -38.83 -23.73 -21.64
C GLN C 109 -38.95 -23.05 -20.28
N LEU C 110 -39.59 -21.88 -20.24
CA LEU C 110 -39.88 -21.25 -18.97
C LEU C 110 -40.87 -22.06 -18.16
N ASP C 111 -41.83 -22.75 -18.82
CA ASP C 111 -42.80 -23.58 -18.11
C ASP C 111 -42.11 -24.62 -17.23
N LYS C 112 -41.13 -25.33 -17.79
CA LYS C 112 -40.34 -26.26 -16.97
C LYS C 112 -39.58 -25.49 -15.90
N PHE C 113 -38.72 -24.57 -16.35
CA PHE C 113 -37.79 -23.82 -15.51
C PHE C 113 -38.35 -23.50 -14.14
N LEU C 114 -39.45 -22.76 -14.13
CA LEU C 114 -39.99 -22.24 -12.90
C LEU C 114 -41.13 -23.06 -12.31
N ASN C 115 -41.77 -23.93 -13.08
CA ASN C 115 -42.82 -24.77 -12.52
C ASN C 115 -42.37 -26.19 -12.19
N ASP C 116 -41.13 -26.58 -12.52
CA ASP C 116 -40.58 -27.90 -12.14
C ASP C 116 -40.03 -27.88 -10.72
N THR C 117 -40.81 -28.44 -9.79
CA THR C 117 -40.30 -28.58 -8.43
C THR C 117 -39.25 -29.67 -8.28
N THR C 118 -39.09 -30.57 -9.28
CA THR C 118 -38.02 -31.62 -9.32
C THR C 118 -36.65 -31.05 -9.65
N LYS C 119 -36.60 -29.71 -9.64
CA LYS C 119 -35.50 -28.90 -10.13
C LYS C 119 -35.25 -27.74 -9.18
N PRO C 120 -33.99 -27.27 -9.09
CA PRO C 120 -33.66 -26.24 -8.09
C PRO C 120 -34.50 -24.98 -8.19
N VAL C 121 -34.63 -24.42 -9.40
CA VAL C 121 -35.29 -23.14 -9.58
C VAL C 121 -36.80 -23.28 -9.42
N GLY C 122 -37.39 -24.32 -10.01
CA GLY C 122 -38.81 -24.56 -9.76
C GLY C 122 -39.12 -24.94 -8.33
N LEU C 123 -38.15 -25.53 -7.63
CA LEU C 123 -38.31 -25.81 -6.21
C LEU C 123 -38.14 -24.54 -5.37
N LEU C 124 -37.17 -23.68 -5.71
CA LEU C 124 -36.96 -22.48 -4.91
C LEU C 124 -38.15 -21.52 -5.00
N LEU C 125 -38.94 -21.61 -6.07
CA LEU C 125 -40.10 -20.73 -6.26
C LEU C 125 -41.38 -21.28 -5.66
N SER C 126 -41.40 -22.54 -5.25
CA SER C 126 -42.55 -23.06 -4.51
C SER C 126 -42.44 -22.76 -3.02
N GLU C 127 -41.25 -22.90 -2.44
CA GLU C 127 -40.98 -22.51 -1.06
C GLU C 127 -40.76 -20.99 -0.93
N ARG C 128 -41.25 -20.40 0.17
CA ARG C 128 -40.95 -18.98 0.52
C ARG C 128 -41.10 -17.97 -0.65
N PHE C 129 -42.05 -18.19 -1.57
CA PHE C 129 -42.43 -17.17 -2.55
C PHE C 129 -43.43 -16.24 -1.88
N ILE C 130 -43.14 -14.94 -1.81
CA ILE C 130 -44.04 -13.98 -1.19
C ILE C 130 -44.50 -12.95 -2.23
N ASN C 131 -45.79 -12.56 -2.16
CA ASN C 131 -46.39 -11.60 -3.09
C ASN C 131 -46.57 -10.26 -2.41
N VAL C 132 -45.75 -9.29 -2.82
CA VAL C 132 -45.82 -7.97 -2.20
C VAL C 132 -46.71 -7.06 -3.03
N PRO C 133 -47.47 -6.18 -2.38
CA PRO C 133 -48.27 -5.19 -3.11
C PRO C 133 -47.41 -4.23 -3.93
N PRO C 134 -48.02 -3.47 -4.85
CA PRO C 134 -47.19 -2.70 -5.81
C PRO C 134 -46.36 -1.60 -5.16
N GLN C 135 -46.87 -0.96 -4.10
CA GLN C 135 -46.09 0.04 -3.38
C GLN C 135 -44.78 -0.53 -2.84
N ILE C 136 -44.75 -1.82 -2.50
CA ILE C 136 -43.48 -2.45 -2.22
C ILE C 136 -42.71 -2.70 -3.51
N ALA C 137 -43.39 -3.20 -4.54
CA ALA C 137 -42.70 -3.78 -5.67
C ALA C 137 -41.93 -2.72 -6.45
N LEU C 138 -42.55 -1.57 -6.74
CA LEU C 138 -41.90 -0.55 -7.57
C LEU C 138 -40.51 -0.17 -7.07
N PRO C 139 -40.30 0.13 -5.78
CA PRO C 139 -38.92 0.42 -5.31
C PRO C 139 -37.92 -0.67 -5.63
N MET C 140 -38.34 -1.92 -5.52
CA MET C 140 -37.43 -3.01 -5.81
C MET C 140 -37.13 -3.12 -7.29
N TYR C 141 -38.13 -2.93 -8.15
CA TYR C 141 -37.86 -2.88 -9.57
C TYR C 141 -36.82 -1.80 -9.85
N GLN C 142 -37.18 -0.57 -9.48
CA GLN C 142 -36.34 0.58 -9.79
C GLN C 142 -34.91 0.40 -9.33
N GLN C 143 -34.70 -0.20 -8.16
CA GLN C 143 -33.32 -0.38 -7.73
C GLN C 143 -32.62 -1.46 -8.53
N LEU C 144 -33.31 -2.57 -8.82
CA LEU C 144 -32.73 -3.51 -9.76
C LEU C 144 -32.39 -2.83 -11.07
N GLN C 145 -33.28 -1.94 -11.53
CA GLN C 145 -33.03 -1.29 -12.81
C GLN C 145 -31.82 -0.37 -12.73
N LYS C 146 -31.62 0.30 -11.59
CA LYS C 146 -30.39 1.05 -11.39
C LYS C 146 -29.18 0.12 -11.34
N GLU C 147 -29.22 -0.89 -10.45
CA GLU C 147 -28.04 -1.71 -10.23
C GLU C 147 -27.61 -2.41 -11.52
N LEU C 148 -28.57 -2.79 -12.37
CA LEU C 148 -28.24 -3.48 -13.61
C LEU C 148 -27.62 -2.54 -14.63
N ALA C 149 -27.92 -1.25 -14.55
CA ALA C 149 -27.53 -0.34 -15.60
C ALA C 149 -26.04 -0.06 -15.58
N GLY C 150 -25.44 0.09 -14.39
CA GLY C 150 -24.09 0.62 -14.33
C GLY C 150 -23.03 -0.25 -13.67
N GLY C 159 -22.42 -7.34 -1.01
CA GLY C 159 -22.48 -8.57 -1.77
C GLY C 159 -23.68 -9.47 -1.51
N LYS C 160 -24.56 -9.57 -2.52
CA LYS C 160 -25.86 -10.26 -2.44
C LYS C 160 -26.25 -10.83 -3.79
N CYS C 161 -26.25 -12.15 -3.93
CA CYS C 161 -26.61 -12.73 -5.23
C CYS C 161 -28.12 -12.74 -5.42
N TYR C 162 -28.58 -11.96 -6.40
CA TYR C 162 -29.98 -11.82 -6.75
C TYR C 162 -30.24 -12.53 -8.06
N PHE C 163 -31.41 -13.14 -8.18
CA PHE C 163 -31.90 -13.82 -9.37
C PHE C 163 -33.21 -13.14 -9.78
N TYR C 164 -33.24 -12.59 -10.97
CA TYR C 164 -34.42 -11.89 -11.45
C TYR C 164 -34.85 -12.46 -12.79
N LEU C 165 -36.17 -12.44 -13.04
CA LEU C 165 -36.76 -12.75 -14.33
C LEU C 165 -37.88 -11.74 -14.49
N LEU C 166 -37.87 -10.99 -15.59
CA LEU C 166 -38.67 -9.77 -15.63
C LEU C 166 -39.10 -9.51 -17.05
N ILE C 167 -40.40 -9.59 -17.31
CA ILE C 167 -40.96 -9.20 -18.59
C ILE C 167 -41.56 -7.82 -18.49
N SER C 168 -41.72 -7.15 -19.63
CA SER C 168 -42.21 -5.79 -19.60
C SER C 168 -42.78 -5.39 -20.96
N LYS C 169 -43.90 -4.67 -20.95
CA LYS C 169 -44.57 -4.22 -22.16
C LYS C 169 -44.73 -2.70 -22.09
N THR C 170 -44.50 -2.01 -23.21
CA THR C 170 -44.74 -0.57 -23.31
C THR C 170 -45.73 -0.33 -24.45
N PHE C 171 -46.90 0.23 -24.13
CA PHE C 171 -47.97 0.43 -25.13
C PHE C 171 -47.86 1.74 -25.92
N GLN C 221 -53.95 -0.98 -25.63
CA GLN C 221 -53.77 -0.24 -26.87
C GLN C 221 -52.86 -1.03 -27.83
N VAL C 222 -51.86 -0.35 -28.41
CA VAL C 222 -50.84 -1.00 -29.24
C VAL C 222 -49.81 -1.66 -28.33
N THR C 223 -48.82 -2.30 -28.92
CA THR C 223 -47.63 -2.72 -28.20
C THR C 223 -46.43 -2.12 -28.89
N ALA C 224 -45.69 -1.28 -28.17
CA ALA C 224 -44.50 -0.66 -28.71
C ALA C 224 -43.27 -1.53 -28.47
N LEU C 225 -43.11 -2.08 -27.27
CA LEU C 225 -41.97 -2.95 -27.07
C LEU C 225 -42.26 -3.99 -25.99
N VAL C 226 -41.66 -5.16 -26.15
CA VAL C 226 -41.80 -6.27 -25.23
C VAL C 226 -40.39 -6.74 -24.91
N SER C 227 -40.13 -7.01 -23.63
CA SER C 227 -38.77 -7.27 -23.18
C SER C 227 -38.77 -8.32 -22.08
N LEU C 228 -37.96 -9.33 -22.27
CA LEU C 228 -37.68 -10.30 -21.23
C LEU C 228 -36.23 -10.14 -20.80
N LYS C 229 -36.03 -9.58 -19.60
CA LYS C 229 -34.73 -9.48 -18.94
C LYS C 229 -34.70 -10.52 -17.86
N ALA C 230 -33.53 -11.11 -17.62
CA ALA C 230 -33.47 -12.17 -16.65
C ALA C 230 -32.01 -12.43 -16.31
N GLY C 231 -31.64 -12.41 -15.04
CA GLY C 231 -30.21 -12.42 -14.76
C GLY C 231 -29.87 -12.75 -13.32
N LEU C 232 -28.56 -12.92 -13.11
CA LEU C 232 -27.94 -13.24 -11.84
C LEU C 232 -26.88 -12.18 -11.54
N ILE C 233 -27.07 -11.42 -10.46
CA ILE C 233 -26.24 -10.26 -10.18
C ILE C 233 -25.82 -10.26 -8.70
N GLN C 234 -24.80 -9.47 -8.35
CA GLN C 234 -24.34 -9.34 -6.97
C GLN C 234 -24.21 -7.86 -6.68
N SER C 235 -24.87 -7.34 -5.64
CA SER C 235 -25.04 -5.89 -5.66
C SER C 235 -25.26 -5.33 -4.24
N ARG C 236 -25.96 -4.19 -4.17
CA ARG C 236 -26.48 -3.49 -2.99
C ARG C 236 -27.92 -3.92 -2.71
N SER C 237 -28.35 -3.75 -1.45
CA SER C 237 -29.63 -4.30 -0.97
C SER C 237 -30.85 -3.77 -1.72
N THR C 238 -31.63 -4.68 -2.33
CA THR C 238 -32.87 -4.28 -3.00
C THR C 238 -34.11 -4.59 -2.17
N LEU C 239 -33.96 -5.33 -1.06
CA LEU C 239 -35.05 -6.02 -0.37
C LEU C 239 -35.68 -5.23 0.77
N SER C 240 -34.98 -4.24 1.32
CA SER C 240 -35.36 -3.50 2.53
C SER C 240 -35.29 -4.37 3.79
N ASP C 241 -34.36 -5.33 3.86
CA ASP C 241 -34.23 -6.32 4.94
C ASP C 241 -35.51 -7.14 5.17
N PHE C 242 -36.52 -6.87 4.38
CA PHE C 242 -37.80 -7.54 4.47
C PHE C 242 -37.75 -8.90 3.79
N GLN C 243 -36.60 -9.25 3.22
CA GLN C 243 -36.42 -10.48 2.45
C GLN C 243 -35.27 -11.29 3.03
N GLY C 244 -35.41 -12.62 3.01
CA GLY C 244 -34.38 -13.52 3.45
C GLY C 244 -33.75 -14.27 2.29
N THR C 245 -32.76 -15.09 2.62
CA THR C 245 -32.15 -15.92 1.58
C THR C 245 -33.13 -16.98 1.09
N PHE C 246 -33.13 -17.24 -0.21
CA PHE C 246 -34.05 -18.18 -0.83
C PHE C 246 -35.49 -17.77 -0.62
N MET C 247 -35.71 -16.56 -0.13
CA MET C 247 -36.99 -15.87 -0.21
C MET C 247 -37.10 -15.24 -1.59
N THR C 248 -38.23 -15.46 -2.25
CA THR C 248 -38.48 -14.84 -3.55
C THR C 248 -39.62 -13.83 -3.42
N VAL C 249 -39.56 -12.79 -4.25
CA VAL C 249 -40.46 -11.64 -4.17
C VAL C 249 -41.15 -11.41 -5.50
N GLY C 250 -42.47 -11.23 -5.48
CA GLY C 250 -43.24 -11.07 -6.69
C GLY C 250 -43.29 -9.62 -7.16
N ILE C 251 -43.15 -9.44 -8.46
CA ILE C 251 -43.31 -8.14 -9.11
C ILE C 251 -44.55 -8.22 -9.98
N ALA C 252 -45.41 -7.21 -9.89
CA ALA C 252 -46.61 -7.16 -10.72
C ALA C 252 -47.04 -5.70 -10.74
N LEU C 253 -46.74 -5.01 -11.83
CA LEU C 253 -46.88 -3.57 -11.94
C LEU C 253 -47.78 -3.27 -13.13
N SER C 254 -48.86 -2.53 -12.88
CA SER C 254 -49.78 -2.06 -13.93
C SER C 254 -50.28 -0.65 -13.60
N VAL D 6 23.59 42.46 -37.38
CA VAL D 6 22.27 42.19 -37.97
C VAL D 6 21.24 42.24 -36.85
N GLN D 7 20.26 43.13 -37.00
CA GLN D 7 19.13 43.26 -36.09
C GLN D 7 17.93 42.60 -36.73
N LEU D 8 17.13 41.95 -35.90
CA LEU D 8 15.86 41.37 -36.30
C LEU D 8 14.74 42.14 -35.59
N GLN D 9 13.79 42.63 -36.37
CA GLN D 9 12.68 43.43 -35.89
C GLN D 9 11.36 42.69 -36.11
N GLU D 10 10.79 42.16 -35.04
CA GLU D 10 9.47 41.56 -35.04
C GLU D 10 8.35 42.60 -35.04
N SER D 11 7.22 42.26 -35.67
CA SER D 11 5.99 43.06 -35.73
C SER D 11 4.77 42.17 -36.01
N GLY D 12 3.56 42.72 -35.88
CA GLY D 12 2.31 42.03 -36.16
C GLY D 12 1.72 41.24 -35.00
N GLY D 13 2.37 41.28 -33.82
CA GLY D 13 1.77 40.81 -32.57
C GLY D 13 0.58 41.68 -32.15
N GLY D 14 -0.21 41.18 -31.20
CA GLY D 14 -1.42 41.86 -30.73
C GLY D 14 -2.35 40.94 -29.96
N LEU D 15 -3.53 41.47 -29.63
CA LEU D 15 -4.63 40.74 -29.00
C LEU D 15 -5.62 40.26 -30.08
N VAL D 16 -6.02 39.00 -30.01
CA VAL D 16 -7.05 38.42 -30.90
C VAL D 16 -7.89 37.41 -30.13
N GLN D 17 -9.12 37.17 -30.56
CA GLN D 17 -9.96 36.11 -30.00
C GLN D 17 -9.51 34.73 -30.49
N ALA D 18 -9.77 33.70 -29.69
CA ALA D 18 -9.59 32.31 -30.07
C ALA D 18 -10.33 31.99 -31.38
N GLY D 19 -9.71 31.17 -32.23
CA GLY D 19 -10.15 30.91 -33.60
C GLY D 19 -9.73 31.96 -34.63
N GLY D 20 -9.30 33.14 -34.19
CA GLY D 20 -8.83 34.23 -35.05
C GLY D 20 -7.46 33.97 -35.68
N SER D 21 -6.93 35.02 -36.33
CA SER D 21 -5.66 34.97 -37.05
C SER D 21 -4.80 36.20 -36.81
N LEU D 22 -3.48 36.02 -36.83
CA LEU D 22 -2.48 37.07 -36.86
C LEU D 22 -1.42 36.75 -37.93
N ARG D 23 -0.72 37.79 -38.40
CA ARG D 23 0.45 37.62 -39.27
C ARG D 23 1.64 38.33 -38.65
N LEU D 24 2.57 37.54 -38.12
CA LEU D 24 3.83 38.10 -37.63
C LEU D 24 4.78 38.33 -38.81
N SER D 25 5.60 39.37 -38.69
CA SER D 25 6.68 39.67 -39.63
C SER D 25 7.97 39.89 -38.85
N CYS D 26 9.10 39.43 -39.38
CA CYS D 26 10.42 39.69 -38.84
C CYS D 26 11.34 40.13 -39.97
N ALA D 27 11.74 41.39 -39.94
CA ALA D 27 12.64 42.00 -40.90
C ALA D 27 14.07 42.01 -40.36
N ALA D 28 15.04 41.64 -41.18
CA ALA D 28 16.46 41.78 -40.85
C ALA D 28 17.03 43.07 -41.43
N SER D 29 17.80 43.83 -40.64
CA SER D 29 18.43 45.09 -41.07
C SER D 29 19.53 44.90 -42.13
N GLY D 30 19.98 43.66 -42.36
CA GLY D 30 21.02 43.32 -43.31
C GLY D 30 20.71 42.06 -44.10
N THR D 31 21.55 41.76 -45.09
CA THR D 31 21.38 40.58 -45.93
C THR D 31 21.71 39.32 -45.15
N ILE D 32 20.76 38.39 -45.10
CA ILE D 32 20.98 37.07 -44.50
C ILE D 32 21.64 36.17 -45.55
N SER D 33 22.75 35.53 -45.17
CA SER D 33 23.43 34.52 -45.99
C SER D 33 22.45 33.48 -46.56
N PRO D 34 22.64 32.96 -47.78
CA PRO D 34 21.85 31.84 -48.31
C PRO D 34 21.92 30.57 -47.45
N ARG D 35 22.94 30.42 -46.59
CA ARG D 35 23.02 29.35 -45.58
C ARG D 35 22.14 29.60 -44.35
N GLY D 36 21.63 30.81 -44.20
CA GLY D 36 20.81 31.23 -43.07
C GLY D 36 19.38 30.70 -43.16
N VAL D 37 18.98 30.01 -42.10
CA VAL D 37 17.61 29.63 -41.80
C VAL D 37 17.02 30.69 -40.88
N MET D 38 15.81 31.14 -41.18
CA MET D 38 15.04 32.02 -40.31
C MET D 38 13.99 31.20 -39.59
N GLY D 39 13.92 31.31 -38.28
CA GLY D 39 12.96 30.60 -37.46
C GLY D 39 12.22 31.50 -36.49
N TRP D 40 10.98 31.12 -36.20
CA TRP D 40 10.17 31.66 -35.12
C TRP D 40 10.22 30.71 -33.93
N TYR D 41 10.28 31.32 -32.75
CA TYR D 41 10.26 30.68 -31.46
C TYR D 41 9.28 31.42 -30.57
N ARG D 42 8.65 30.74 -29.64
CA ARG D 42 7.73 31.39 -28.69
C ARG D 42 8.12 31.07 -27.27
N GLN D 43 7.82 32.00 -26.37
CA GLN D 43 8.04 31.85 -24.94
C GLN D 43 6.79 32.29 -24.20
N ALA D 44 6.03 31.31 -23.69
CA ALA D 44 4.92 31.58 -22.80
C ALA D 44 5.43 32.07 -21.43
N PRO D 45 4.63 32.81 -20.65
CA PRO D 45 5.02 33.26 -19.31
C PRO D 45 5.48 32.10 -18.42
N GLY D 46 6.67 32.22 -17.82
CA GLY D 46 7.24 31.19 -16.96
C GLY D 46 7.69 29.91 -17.67
N LYS D 47 7.77 29.90 -19.01
CA LYS D 47 8.24 28.77 -19.82
C LYS D 47 9.54 29.09 -20.53
N GLU D 48 10.23 28.04 -20.98
CA GLU D 48 11.36 28.16 -21.87
C GLU D 48 10.92 28.57 -23.29
N ARG D 49 11.89 29.01 -24.08
CA ARG D 49 11.66 29.38 -25.47
C ARG D 49 11.64 28.13 -26.34
N GLU D 50 10.52 27.86 -26.99
CA GLU D 50 10.33 26.68 -27.85
C GLU D 50 10.26 27.04 -29.34
N PHE D 51 10.61 26.07 -30.18
CA PHE D 51 10.54 26.21 -31.64
C PHE D 51 9.08 26.24 -32.13
N VAL D 52 8.78 27.10 -33.11
CA VAL D 52 7.45 27.21 -33.74
C VAL D 52 7.50 26.76 -35.19
N ALA D 53 8.31 27.46 -36.00
CA ALA D 53 8.47 27.17 -37.42
C ALA D 53 9.78 27.76 -37.95
N ALA D 54 10.33 27.20 -39.02
CA ALA D 54 11.50 27.74 -39.70
C ALA D 54 11.43 27.53 -41.21
N ILE D 55 12.16 28.37 -41.94
CA ILE D 55 12.27 28.32 -43.38
C ILE D 55 13.70 28.64 -43.81
N ASN D 56 14.27 27.78 -44.67
CA ASN D 56 15.59 28.02 -45.25
C ASN D 56 15.51 29.00 -46.43
N TYR D 57 16.66 29.38 -47.00
CA TYR D 57 16.70 30.32 -48.13
C TYR D 57 15.97 29.79 -49.39
N GLY D 58 15.97 28.47 -49.59
CA GLY D 58 15.32 27.79 -50.72
C GLY D 58 13.83 27.48 -50.52
N GLY D 59 13.23 27.89 -49.40
CA GLY D 59 11.80 27.73 -49.15
C GLY D 59 11.39 26.42 -48.46
N THR D 60 12.32 25.55 -48.06
CA THR D 60 11.99 24.37 -47.25
C THR D 60 11.52 24.80 -45.86
N THR D 61 10.34 24.34 -45.46
CA THR D 61 9.68 24.72 -44.20
C THR D 61 9.70 23.59 -43.17
N TYR D 62 9.80 23.97 -41.90
CA TYR D 62 9.73 23.09 -40.73
C TYR D 62 8.75 23.67 -39.72
N TYR D 63 7.97 22.82 -39.04
CA TYR D 63 6.96 23.24 -38.07
C TYR D 63 7.04 22.36 -36.83
N ALA D 64 6.77 22.94 -35.66
CA ALA D 64 6.48 22.18 -34.46
C ALA D 64 5.11 21.50 -34.59
N ASP D 65 4.97 20.32 -33.98
CA ASP D 65 3.71 19.55 -34.04
C ASP D 65 2.51 20.34 -33.47
N SER D 66 2.75 21.18 -32.46
CA SER D 66 1.74 22.02 -31.80
C SER D 66 1.07 23.03 -32.75
N VAL D 67 1.72 23.41 -33.85
CA VAL D 67 1.24 24.44 -34.80
C VAL D 67 1.01 23.91 -36.22
N LYS D 68 1.36 22.64 -36.47
CA LYS D 68 1.23 22.00 -37.77
C LYS D 68 -0.23 22.04 -38.24
N GLY D 69 -0.43 22.44 -39.50
CA GLY D 69 -1.76 22.62 -40.09
C GLY D 69 -2.49 23.92 -39.70
N ARG D 70 -1.98 24.68 -38.73
CA ARG D 70 -2.57 25.97 -38.31
C ARG D 70 -1.72 27.16 -38.73
N PHE D 71 -0.40 27.03 -38.63
CA PHE D 71 0.54 28.12 -38.95
C PHE D 71 1.22 27.87 -40.31
N THR D 72 1.60 28.95 -40.99
CA THR D 72 2.31 28.91 -42.26
C THR D 72 3.43 29.93 -42.25
N ILE D 73 4.68 29.47 -42.30
CA ILE D 73 5.84 30.32 -42.46
C ILE D 73 6.13 30.58 -43.93
N SER D 74 6.53 31.80 -44.27
CA SER D 74 7.00 32.17 -45.62
C SER D 74 8.14 33.19 -45.51
N ARG D 75 8.94 33.31 -46.56
CA ARG D 75 10.12 34.19 -46.58
C ARG D 75 10.19 34.98 -47.87
N ASP D 76 10.48 36.27 -47.75
CA ASP D 76 10.81 37.17 -48.84
C ASP D 76 12.30 37.50 -48.78
N ASN D 77 13.07 36.89 -49.68
CA ASN D 77 14.52 37.07 -49.73
C ASN D 77 14.92 38.48 -50.19
N ALA D 78 14.12 39.13 -51.05
CA ALA D 78 14.41 40.47 -51.53
C ALA D 78 14.22 41.51 -50.41
N LYS D 79 13.25 41.29 -49.52
CA LYS D 79 12.98 42.15 -48.35
C LYS D 79 13.70 41.71 -47.08
N ASN D 80 14.52 40.65 -47.13
CA ASN D 80 15.12 40.02 -45.94
C ASN D 80 14.11 39.83 -44.79
N THR D 81 12.90 39.39 -45.11
CA THR D 81 11.77 39.31 -44.17
C THR D 81 11.18 37.92 -44.12
N VAL D 82 10.91 37.40 -42.93
CA VAL D 82 10.14 36.16 -42.71
C VAL D 82 8.77 36.50 -42.13
N TYR D 83 7.75 35.80 -42.60
CA TYR D 83 6.38 35.95 -42.14
C TYR D 83 5.90 34.66 -41.49
N LEU D 84 5.09 34.77 -40.44
CA LEU D 84 4.37 33.65 -39.85
C LEU D 84 2.88 33.99 -39.86
N GLN D 85 2.14 33.40 -40.79
CA GLN D 85 0.69 33.42 -40.79
C GLN D 85 0.21 32.43 -39.72
N MET D 86 -0.55 32.91 -38.75
CA MET D 86 -1.07 32.14 -37.64
C MET D 86 -2.58 32.12 -37.75
N ASN D 87 -3.18 30.96 -38.07
CA ASN D 87 -4.63 30.78 -38.18
C ASN D 87 -5.13 29.87 -37.07
N SER D 88 -6.45 29.91 -36.79
CA SER D 88 -7.08 29.05 -35.78
C SER D 88 -6.33 29.13 -34.45
N LEU D 89 -6.08 30.35 -33.99
CA LEU D 89 -5.32 30.63 -32.78
C LEU D 89 -6.02 30.07 -31.56
N LYS D 90 -5.26 29.49 -30.65
CA LYS D 90 -5.75 28.94 -29.39
C LYS D 90 -5.19 29.72 -28.21
N PRO D 91 -5.85 29.73 -27.03
CA PRO D 91 -5.30 30.37 -25.84
C PRO D 91 -3.84 29.95 -25.53
N GLU D 92 -3.46 28.71 -25.83
CA GLU D 92 -2.10 28.18 -25.62
C GLU D 92 -1.06 28.77 -26.59
N ASP D 93 -1.49 29.48 -27.65
CA ASP D 93 -0.58 30.20 -28.54
C ASP D 93 -0.17 31.57 -27.99
N THR D 94 -0.71 31.99 -26.83
CA THR D 94 -0.32 33.21 -26.12
C THR D 94 1.12 33.15 -25.62
N ALA D 95 1.99 34.00 -26.16
CA ALA D 95 3.41 34.02 -25.85
C ALA D 95 4.09 35.28 -26.44
N VAL D 96 5.33 35.54 -26.03
CA VAL D 96 6.23 36.40 -26.82
C VAL D 96 6.85 35.56 -27.92
N TYR D 97 6.71 36.01 -29.18
CA TYR D 97 7.28 35.36 -30.36
C TYR D 97 8.56 36.08 -30.79
N TYR D 98 9.65 35.33 -30.87
CA TYR D 98 10.97 35.80 -31.27
C TYR D 98 11.34 35.19 -32.61
N CYS D 99 11.91 35.98 -33.51
CA CYS D 99 12.60 35.44 -34.66
C CYS D 99 14.09 35.31 -34.39
N ALA D 100 14.71 34.36 -35.08
CA ALA D 100 16.14 34.14 -35.04
C ALA D 100 16.68 33.70 -36.40
N VAL D 101 17.94 34.04 -36.64
CA VAL D 101 18.72 33.56 -37.78
C VAL D 101 19.75 32.57 -37.28
N TYR D 102 19.83 31.42 -37.92
CA TYR D 102 20.80 30.38 -37.60
C TYR D 102 21.25 29.66 -38.87
N TYR D 103 22.34 28.91 -38.81
CA TYR D 103 22.73 27.98 -39.88
C TYR D 103 23.25 26.67 -39.29
N TYR D 104 23.28 25.62 -40.11
CA TYR D 104 23.86 24.34 -39.75
C TYR D 104 25.30 24.27 -40.25
N ILE D 105 26.25 23.95 -39.37
CA ILE D 105 27.64 23.64 -39.76
C ILE D 105 27.69 22.23 -40.35
N ASN D 106 26.97 21.30 -39.70
CA ASN D 106 26.79 19.91 -40.12
C ASN D 106 25.41 19.44 -39.62
N SER D 107 25.08 18.16 -39.81
CA SER D 107 23.78 17.60 -39.41
C SER D 107 23.48 17.68 -37.91
N GLN D 108 24.50 17.85 -37.06
CA GLN D 108 24.36 17.87 -35.59
C GLN D 108 24.55 19.28 -34.98
N ARG D 109 25.25 20.18 -35.67
CA ARG D 109 25.65 21.48 -35.13
C ARG D 109 24.89 22.62 -35.78
N LYS D 110 24.02 23.24 -34.98
CA LYS D 110 23.30 24.48 -35.29
C LYS D 110 23.97 25.65 -34.58
N VAL D 111 24.23 26.73 -35.32
CA VAL D 111 24.74 27.99 -34.77
C VAL D 111 23.64 29.04 -34.85
N LEU D 112 23.13 29.47 -33.71
CA LEU D 112 22.26 30.64 -33.63
C LEU D 112 23.11 31.90 -33.65
N LEU D 113 22.82 32.79 -34.60
CA LEU D 113 23.60 34.00 -34.83
C LEU D 113 22.94 35.23 -34.22
N TYR D 114 21.65 35.40 -34.50
CA TYR D 114 20.92 36.62 -34.16
C TYR D 114 19.55 36.24 -33.61
N TRP D 115 19.13 36.98 -32.60
CA TRP D 115 17.79 36.95 -32.03
C TRP D 115 17.18 38.34 -32.15
N GLY D 116 15.90 38.40 -32.46
CA GLY D 116 15.13 39.63 -32.30
C GLY D 116 14.66 39.82 -30.87
N GLN D 117 13.98 40.94 -30.64
CA GLN D 117 13.50 41.36 -29.31
C GLN D 117 12.14 40.76 -28.97
N GLY D 118 11.45 40.24 -29.98
CA GLY D 118 10.19 39.55 -29.86
C GLY D 118 8.97 40.47 -29.97
N THR D 119 7.81 39.87 -30.18
CA THR D 119 6.51 40.55 -30.23
C THR D 119 5.48 39.75 -29.44
N GLN D 120 4.66 40.43 -28.64
CA GLN D 120 3.64 39.79 -27.82
C GLN D 120 2.44 39.36 -28.68
N VAL D 121 2.02 38.11 -28.54
CA VAL D 121 0.74 37.62 -29.04
C VAL D 121 -0.10 37.20 -27.85
N THR D 122 -1.32 37.73 -27.76
CA THR D 122 -2.28 37.36 -26.74
C THR D 122 -3.55 36.86 -27.40
N VAL D 123 -3.95 35.64 -27.06
CA VAL D 123 -5.19 35.03 -27.56
C VAL D 123 -6.17 34.98 -26.41
N SER D 124 -7.20 35.81 -26.46
CA SER D 124 -8.28 35.79 -25.47
C SER D 124 -9.29 34.69 -25.80
N SER D 125 -9.81 34.04 -24.76
CA SER D 125 -10.96 33.13 -24.84
C SER D 125 -12.21 33.84 -25.32
N PRO E 5 3.58 12.50 -46.21
CA PRO E 5 3.86 11.07 -46.23
C PRO E 5 3.45 10.42 -47.56
N SER E 6 4.39 9.69 -48.15
CA SER E 6 4.20 9.04 -49.44
C SER E 6 4.17 7.52 -49.35
N VAL E 7 3.75 6.88 -50.45
CA VAL E 7 3.71 5.43 -50.54
C VAL E 7 4.78 4.95 -51.52
N LEU E 8 5.63 4.02 -51.07
CA LEU E 8 6.72 3.51 -51.88
C LEU E 8 6.20 2.78 -53.12
N ASN E 9 6.64 3.21 -54.29
CA ASN E 9 6.28 2.55 -55.54
C ASN E 9 7.07 1.25 -55.68
N TRP E 10 6.76 0.46 -56.71
CA TRP E 10 7.40 -0.83 -56.89
C TRP E 10 8.92 -0.71 -57.04
N ASP E 11 9.37 0.33 -57.72
CA ASP E 11 10.80 0.56 -57.89
C ASP E 11 11.51 0.72 -56.53
N GLN E 12 10.86 1.47 -55.65
CA GLN E 12 11.39 1.71 -54.31
C GLN E 12 11.22 0.49 -53.41
N VAL E 13 10.06 -0.15 -53.50
CA VAL E 13 9.76 -1.32 -52.69
C VAL E 13 10.73 -2.47 -52.99
N SER E 14 10.98 -2.71 -54.27
CA SER E 14 11.88 -3.78 -54.69
C SER E 14 13.30 -3.56 -54.19
N ARG E 15 13.76 -2.31 -54.24
CA ARG E 15 15.11 -1.97 -53.82
C ARG E 15 15.26 -2.12 -52.30
N LEU E 16 14.17 -1.91 -51.58
CA LEU E 16 14.15 -2.11 -50.13
C LEU E 16 14.32 -3.59 -49.80
N HIS E 17 13.72 -4.44 -50.61
CA HIS E 17 13.81 -5.89 -50.43
C HIS E 17 15.24 -6.38 -50.61
N GLU E 18 15.95 -5.77 -51.55
CA GLU E 18 17.34 -6.14 -51.81
C GLU E 18 18.24 -5.77 -50.63
N VAL E 19 18.02 -4.58 -50.09
CA VAL E 19 18.81 -4.11 -48.94
C VAL E 19 18.57 -5.00 -47.71
N LEU E 20 17.31 -5.31 -47.47
CA LEU E 20 16.94 -6.15 -46.34
C LEU E 20 17.43 -7.59 -46.50
N THR E 21 17.61 -8.01 -47.74
CA THR E 21 18.09 -9.36 -48.01
C THR E 21 19.54 -9.38 -48.48
N GLU E 22 20.23 -8.25 -48.36
CA GLU E 22 21.64 -8.18 -48.74
C GLU E 22 22.51 -8.80 -47.65
N VAL E 23 23.31 -9.78 -48.02
CA VAL E 23 24.22 -10.43 -47.08
C VAL E 23 25.34 -9.48 -46.68
N VAL E 24 25.39 -9.15 -45.39
CA VAL E 24 26.39 -8.22 -44.88
C VAL E 24 27.36 -8.92 -43.94
N PRO E 25 28.66 -8.88 -44.27
CA PRO E 25 29.70 -9.51 -43.44
C PRO E 25 30.06 -8.65 -42.23
N ILE E 26 30.07 -9.25 -41.05
CA ILE E 26 30.47 -8.57 -39.84
C ILE E 26 31.80 -9.14 -39.35
N HIS E 27 32.79 -8.25 -39.22
CA HIS E 27 34.12 -8.65 -38.80
C HIS E 27 34.14 -9.10 -37.34
N GLY E 28 34.96 -10.11 -37.04
CA GLY E 28 35.09 -10.62 -35.69
C GLY E 28 36.43 -10.29 -35.07
N ARG E 29 36.44 -9.35 -34.15
CA ARG E 29 37.67 -8.97 -33.45
C ARG E 29 38.20 -10.13 -32.61
N GLY E 30 39.35 -10.67 -33.03
CA GLY E 30 39.93 -11.82 -32.36
C GLY E 30 39.97 -13.02 -33.28
N ASN E 31 39.74 -14.20 -32.72
CA ASN E 31 39.76 -15.43 -33.49
C ASN E 31 38.38 -15.75 -34.08
N PHE E 32 37.39 -14.92 -33.74
CA PHE E 32 36.01 -15.16 -34.15
C PHE E 32 35.83 -14.94 -35.65
N PRO E 33 35.09 -15.85 -36.31
CA PRO E 33 34.88 -15.80 -37.76
C PRO E 33 33.92 -14.68 -38.17
N THR E 34 33.99 -14.29 -39.45
CA THR E 34 33.12 -13.25 -39.97
C THR E 34 31.67 -13.71 -40.04
N LEU E 35 30.79 -12.96 -39.41
CA LEU E 35 29.36 -13.29 -39.42
C LEU E 35 28.70 -12.87 -40.72
N GLU E 36 28.02 -13.82 -41.35
CA GLU E 36 27.29 -13.55 -42.58
C GLU E 36 25.81 -13.26 -42.29
N ILE E 37 25.53 -12.07 -41.78
CA ILE E 37 24.17 -11.73 -41.37
C ILE E 37 23.35 -11.16 -42.51
N THR E 38 22.11 -10.77 -42.18
CA THR E 38 21.19 -10.19 -43.15
C THR E 38 20.23 -9.27 -42.40
N LEU E 39 19.94 -8.10 -42.98
CA LEU E 39 19.08 -7.11 -42.33
C LEU E 39 17.71 -7.68 -42.00
N LYS E 40 17.15 -8.46 -42.91
CA LYS E 40 15.87 -9.12 -42.68
C LYS E 40 15.98 -10.12 -41.53
N ASP E 41 17.09 -10.85 -41.50
CA ASP E 41 17.31 -11.89 -40.50
C ASP E 41 17.46 -11.32 -39.09
N ILE E 42 18.21 -10.22 -38.97
CA ILE E 42 18.40 -9.58 -37.67
C ILE E 42 17.08 -9.08 -37.10
N VAL E 43 16.33 -8.33 -37.90
CA VAL E 43 15.05 -7.78 -37.48
C VAL E 43 14.09 -8.86 -36.99
N GLN E 44 13.96 -9.94 -37.76
CA GLN E 44 13.08 -11.04 -37.39
C GLN E 44 13.48 -11.68 -36.07
N THR E 45 14.76 -12.01 -35.94
CA THR E 45 15.25 -12.66 -34.73
C THR E 45 15.12 -11.75 -33.51
N VAL E 46 15.55 -10.51 -33.67
CA VAL E 46 15.51 -9.54 -32.56
C VAL E 46 14.09 -9.26 -32.10
N ARG E 47 13.20 -8.96 -33.04
CA ARG E 47 11.81 -8.62 -32.69
C ARG E 47 11.10 -9.82 -32.07
N SER E 48 11.40 -11.02 -32.56
CA SER E 48 10.78 -12.24 -32.06
C SER E 48 11.11 -12.47 -30.60
N ARG E 49 12.40 -12.45 -30.27
CA ARG E 49 12.85 -12.70 -28.91
C ARG E 49 12.43 -11.58 -27.98
N LEU E 50 12.27 -10.38 -28.53
CA LEU E 50 11.79 -9.24 -27.75
C LEU E 50 10.32 -9.44 -27.37
N GLU E 51 9.51 -9.85 -28.34
CA GLU E 51 8.10 -10.12 -28.08
C GLU E 51 7.94 -11.29 -27.11
N GLU E 52 8.85 -12.26 -27.21
CA GLU E 52 8.84 -13.43 -26.34
C GLU E 52 9.24 -13.07 -24.92
N ALA E 53 10.12 -12.07 -24.78
CA ALA E 53 10.63 -11.67 -23.47
C ALA E 53 9.68 -10.75 -22.73
N GLY E 54 8.65 -10.28 -23.44
CA GLY E 54 7.66 -9.41 -22.83
C GLY E 54 7.82 -7.95 -23.20
N ILE E 55 8.42 -7.69 -24.35
CA ILE E 55 8.62 -6.33 -24.83
C ILE E 55 7.98 -6.13 -26.20
N LYS E 56 6.97 -5.26 -26.26
CA LYS E 56 6.26 -5.01 -27.50
C LYS E 56 7.06 -4.13 -28.45
N VAL E 57 7.04 -4.48 -29.73
CA VAL E 57 7.70 -3.69 -30.76
C VAL E 57 6.67 -3.02 -31.67
N HIS E 58 6.42 -1.74 -31.42
CA HIS E 58 5.40 -1.00 -32.14
C HIS E 58 5.81 -0.71 -33.58
N ASP E 59 7.10 -0.48 -33.80
CA ASP E 59 7.61 -0.16 -35.13
C ASP E 59 9.03 -0.63 -35.35
N VAL E 60 9.31 -1.09 -36.58
CA VAL E 60 10.67 -1.36 -37.00
C VAL E 60 10.96 -0.55 -38.25
N ARG E 61 11.82 0.46 -38.12
CA ARG E 61 12.09 1.38 -39.22
C ARG E 61 13.50 1.24 -39.76
N LEU E 62 13.74 1.86 -40.91
CA LEU E 62 15.06 1.86 -41.53
C LEU E 62 15.54 3.29 -41.72
N ASN E 63 16.58 3.67 -40.98
CA ASN E 63 17.11 5.03 -41.05
C ASN E 63 18.42 5.07 -41.83
N GLY E 64 19.17 6.16 -41.66
CA GLY E 64 20.46 6.31 -42.31
C GLY E 64 20.35 6.58 -43.80
N SER E 65 21.46 6.44 -44.50
CA SER E 65 21.51 6.66 -45.94
C SER E 65 20.94 5.46 -46.68
N ALA E 66 20.72 4.36 -45.96
CA ALA E 66 20.13 3.17 -46.54
C ALA E 66 18.69 3.45 -46.96
N ALA E 67 18.01 4.26 -46.15
CA ALA E 67 16.65 4.67 -46.45
C ALA E 67 16.61 5.56 -47.68
N GLY E 68 17.61 6.43 -47.80
CA GLY E 68 17.72 7.32 -48.94
C GLY E 68 18.06 6.58 -50.22
N HIS E 69 18.83 5.51 -50.10
CA HIS E 69 19.20 4.69 -51.24
C HIS E 69 17.99 3.97 -51.81
N VAL E 70 17.04 3.64 -50.94
CA VAL E 70 15.81 2.98 -51.34
C VAL E 70 14.92 3.93 -52.14
N LEU E 71 14.75 5.15 -51.62
CA LEU E 71 13.91 6.14 -52.27
C LEU E 71 14.56 6.67 -53.56
N VAL E 72 15.87 6.90 -53.50
CA VAL E 72 16.62 7.29 -54.69
C VAL E 72 17.90 6.46 -54.81
N LYS E 73 17.96 5.62 -55.83
CA LYS E 73 19.09 4.71 -56.03
C LYS E 73 20.38 5.45 -56.37
N ASP E 74 21.44 5.14 -55.64
CA ASP E 74 22.76 5.75 -55.84
C ASP E 74 22.67 7.28 -55.84
N ASN E 75 22.11 7.82 -54.76
CA ASN E 75 21.84 9.25 -54.66
C ASN E 75 23.07 10.09 -54.38
N GLY E 76 24.15 9.44 -53.95
CA GLY E 76 25.39 10.15 -53.67
C GLY E 76 25.81 10.06 -52.22
N LEU E 77 24.89 9.62 -51.37
CA LEU E 77 25.19 9.45 -49.95
C LEU E 77 25.66 8.03 -49.66
N GLY E 78 25.59 7.18 -50.67
CA GLY E 78 26.00 5.79 -50.55
C GLY E 78 25.00 4.96 -49.78
N CYS E 79 25.41 3.74 -49.43
CA CYS E 79 24.54 2.83 -48.68
C CYS E 79 25.36 2.04 -47.67
N LYS E 80 26.24 2.74 -46.95
CA LYS E 80 27.10 2.11 -45.96
C LYS E 80 26.45 2.07 -44.58
N ASP E 81 25.54 3.01 -44.34
CA ASP E 81 24.89 3.13 -43.04
C ASP E 81 23.60 2.32 -42.96
N LEU E 82 23.71 1.09 -42.46
CA LEU E 82 22.55 0.23 -42.28
C LEU E 82 21.98 0.38 -40.87
N ASP E 83 21.07 1.35 -40.71
CA ASP E 83 20.53 1.67 -39.40
C ASP E 83 19.11 1.15 -39.21
N LEU E 84 18.90 0.43 -38.11
CA LEU E 84 17.59 -0.12 -37.80
C LEU E 84 17.01 0.51 -36.54
N ILE E 85 15.75 0.95 -36.62
CA ILE E 85 15.09 1.57 -35.48
C ILE E 85 13.98 0.69 -34.94
N PHE E 86 14.06 0.37 -33.64
CA PHE E 86 13.04 -0.44 -32.99
C PHE E 86 12.28 0.40 -31.95
N HIS E 87 11.10 0.90 -32.34
CA HIS E 87 10.27 1.66 -31.41
C HIS E 87 9.83 0.77 -30.25
N VAL E 88 10.59 0.82 -29.16
CA VAL E 88 10.40 -0.09 -28.04
C VAL E 88 10.35 0.66 -26.71
N ALA E 89 9.35 0.37 -25.89
CA ALA E 89 9.21 0.99 -24.57
C ALA E 89 10.30 0.51 -23.62
N LEU E 90 10.84 1.44 -22.84
CA LEU E 90 11.93 1.13 -21.90
C LEU E 90 11.70 1.77 -20.53
N PRO E 91 10.89 1.13 -19.68
CA PRO E 91 10.60 1.64 -18.34
C PRO E 91 11.77 1.48 -17.35
N THR E 92 11.94 0.28 -16.83
CA THR E 92 12.98 0.00 -15.85
C THR E 92 14.29 -0.33 -16.56
N GLU E 93 15.41 -0.20 -15.86
CA GLU E 93 16.72 -0.53 -16.40
C GLU E 93 16.78 -2.00 -16.82
N ALA E 94 15.90 -2.81 -16.24
CA ALA E 94 15.81 -4.22 -16.56
C ALA E 94 15.52 -4.43 -18.04
N GLU E 95 14.65 -3.59 -18.60
CA GLU E 95 14.30 -3.68 -20.01
C GLU E 95 15.49 -3.32 -20.89
N PHE E 96 16.34 -2.42 -20.42
CA PHE E 96 17.56 -2.07 -21.13
C PHE E 96 18.49 -3.26 -21.21
N GLN E 97 18.48 -4.07 -20.15
CA GLN E 97 19.30 -5.29 -20.11
C GLN E 97 18.74 -6.35 -21.06
N LEU E 98 17.43 -6.45 -21.12
CA LEU E 98 16.77 -7.42 -21.99
C LEU E 98 17.07 -7.15 -23.46
N VAL E 99 17.15 -5.87 -23.80
CA VAL E 99 17.48 -5.47 -25.16
C VAL E 99 18.88 -5.95 -25.53
N ARG E 100 19.80 -5.80 -24.58
CA ARG E 100 21.17 -6.25 -24.78
C ARG E 100 21.24 -7.77 -24.87
N ASP E 101 20.42 -8.46 -24.08
CA ASP E 101 20.35 -9.92 -24.10
C ASP E 101 19.86 -10.43 -25.45
N VAL E 102 18.85 -9.76 -26.00
CA VAL E 102 18.26 -10.16 -27.27
C VAL E 102 19.25 -10.05 -28.43
N VAL E 103 19.93 -8.91 -28.50
CA VAL E 103 20.90 -8.66 -29.57
C VAL E 103 22.06 -9.67 -29.51
N LEU E 104 22.55 -9.92 -28.31
CA LEU E 104 23.64 -10.89 -28.12
C LEU E 104 23.15 -12.30 -28.42
N CYS E 105 21.90 -12.57 -28.10
CA CYS E 105 21.29 -13.86 -28.43
C CYS E 105 21.22 -14.03 -29.94
N SER E 106 20.77 -12.98 -30.63
CA SER E 106 20.66 -13.01 -32.08
C SER E 106 22.03 -13.10 -32.75
N LEU E 107 23.07 -12.62 -32.05
CA LEU E 107 24.43 -12.71 -32.55
C LEU E 107 24.90 -14.16 -32.61
N LEU E 108 24.40 -14.97 -31.68
CA LEU E 108 24.74 -16.38 -31.60
C LEU E 108 24.15 -17.15 -32.78
N ASN E 109 23.17 -16.55 -33.44
CA ASN E 109 22.41 -17.21 -34.48
C ASN E 109 23.14 -17.32 -35.82
N PHE E 110 24.00 -16.35 -36.11
CA PHE E 110 24.60 -16.25 -37.44
C PHE E 110 25.97 -16.88 -37.56
N LEU E 111 26.42 -17.59 -36.53
CA LEU E 111 27.71 -18.25 -36.55
C LEU E 111 27.76 -19.36 -37.60
N PRO E 122 27.88 -14.60 -23.78
CA PRO E 122 27.35 -13.29 -24.15
C PRO E 122 28.40 -12.18 -24.02
N VAL E 123 29.45 -12.43 -23.25
CA VAL E 123 30.53 -11.46 -23.08
C VAL E 123 31.52 -11.51 -24.24
N THR E 124 31.92 -12.73 -24.62
CA THR E 124 32.90 -12.92 -25.69
C THR E 124 32.34 -12.47 -27.04
N LEU E 125 31.02 -12.60 -27.20
CA LEU E 125 30.36 -12.16 -28.43
C LEU E 125 30.34 -10.64 -28.52
N LYS E 126 30.27 -9.98 -27.37
CA LYS E 126 30.27 -8.52 -27.32
C LYS E 126 31.64 -7.96 -27.68
N GLU E 127 32.69 -8.58 -27.13
CA GLU E 127 34.05 -8.11 -27.33
C GLU E 127 34.65 -8.62 -28.64
N ALA E 128 33.80 -8.96 -29.60
CA ALA E 128 34.27 -9.47 -30.87
C ALA E 128 33.40 -8.99 -32.04
N TYR E 129 32.15 -8.65 -31.75
CA TYR E 129 31.22 -8.24 -32.79
C TYR E 129 30.63 -6.86 -32.53
N VAL E 130 30.60 -6.45 -31.27
CA VAL E 130 30.08 -5.14 -30.90
C VAL E 130 31.21 -4.12 -30.79
N GLN E 131 31.06 -2.99 -31.47
CA GLN E 131 32.08 -1.95 -31.44
C GLN E 131 31.60 -0.71 -30.70
N LYS E 132 30.29 -0.58 -30.55
CA LYS E 132 29.72 0.60 -29.90
C LYS E 132 28.46 0.25 -29.10
N LEU E 133 28.30 0.91 -27.96
CA LEU E 133 27.14 0.68 -27.11
C LEU E 133 26.76 1.96 -26.35
N VAL E 134 25.54 2.43 -26.57
CA VAL E 134 25.09 3.70 -25.99
C VAL E 134 23.81 3.55 -25.20
N LYS E 135 23.85 3.91 -23.91
CA LYS E 135 22.65 3.89 -23.08
C LYS E 135 22.21 5.31 -22.74
N VAL E 136 20.93 5.59 -23.00
CA VAL E 136 20.37 6.92 -22.75
C VAL E 136 19.02 6.83 -22.04
N CYS E 137 18.92 7.50 -20.90
CA CYS E 137 17.67 7.55 -20.14
C CYS E 137 17.53 8.88 -19.41
N THR E 138 16.98 9.88 -20.10
CA THR E 138 16.86 11.23 -19.54
C THR E 138 15.40 11.66 -19.41
N ASP E 139 15.17 12.96 -19.58
CA ASP E 139 13.83 13.52 -19.51
C ASP E 139 12.98 13.03 -20.68
N THR E 140 13.39 13.41 -21.88
CA THR E 140 12.67 13.02 -23.09
C THR E 140 13.43 11.93 -23.85
N ASP E 141 14.75 12.10 -23.95
CA ASP E 141 15.60 11.09 -24.58
C ASP E 141 15.60 9.80 -23.79
N ARG E 142 15.40 8.68 -24.48
CA ARG E 142 15.34 7.37 -23.83
C ARG E 142 15.47 6.25 -24.86
N TRP E 143 16.70 5.76 -25.05
CA TRP E 143 16.98 4.73 -26.05
C TRP E 143 18.30 4.01 -25.81
N SER E 144 18.48 2.90 -26.51
CA SER E 144 19.72 2.11 -26.43
C SER E 144 20.23 1.80 -27.83
N LEU E 145 21.54 1.80 -28.00
CA LEU E 145 22.14 1.61 -29.32
C LEU E 145 23.27 0.57 -29.30
N ILE E 146 23.26 -0.31 -30.29
CA ILE E 146 24.33 -1.30 -30.44
C ILE E 146 24.82 -1.33 -31.88
N SER E 147 26.13 -1.26 -32.07
CA SER E 147 26.70 -1.26 -33.41
C SER E 147 27.59 -2.47 -33.65
N LEU E 148 27.80 -2.79 -34.91
CA LEU E 148 28.63 -3.93 -35.29
C LEU E 148 29.88 -3.47 -36.02
N SER E 149 30.87 -4.35 -36.08
CA SER E 149 32.17 -4.03 -36.65
C SER E 149 32.07 -3.63 -38.12
N ASN E 150 32.78 -2.56 -38.49
CA ASN E 150 32.75 -2.03 -39.85
C ASN E 150 34.01 -2.39 -40.64
N LYS E 151 33.83 -3.18 -41.69
CA LYS E 151 34.93 -3.59 -42.55
C LYS E 151 34.43 -4.02 -43.92
N LYS E 154 30.99 -2.14 -44.36
CA LYS E 154 29.58 -2.07 -43.96
C LYS E 154 29.44 -2.09 -42.44
N ASN E 155 28.53 -1.26 -41.94
CA ASN E 155 28.28 -1.18 -40.50
C ASN E 155 26.79 -1.20 -40.18
N VAL E 156 26.41 -2.10 -39.28
CA VAL E 156 25.02 -2.25 -38.89
C VAL E 156 24.77 -1.67 -37.49
N GLN E 157 23.79 -0.78 -37.39
CA GLN E 157 23.47 -0.13 -36.13
C GLN E 157 22.06 -0.47 -35.65
N LEU E 158 21.96 -1.16 -34.54
CA LEU E 158 20.66 -1.51 -33.96
C LEU E 158 20.26 -0.51 -32.88
N LYS E 159 19.35 0.39 -33.24
CA LYS E 159 18.89 1.42 -32.32
C LYS E 159 17.51 1.10 -31.76
N PHE E 160 17.33 1.30 -30.47
CA PHE E 160 16.08 0.95 -29.80
C PHE E 160 15.45 2.17 -29.14
N VAL E 161 14.65 2.91 -29.92
CA VAL E 161 14.12 4.19 -29.47
C VAL E 161 12.77 4.08 -28.78
N ASP E 162 12.71 4.54 -27.53
CA ASP E 162 11.45 4.67 -26.81
C ASP E 162 10.88 6.06 -27.09
N SER E 163 11.67 7.08 -26.77
CA SER E 163 11.32 8.45 -27.07
C SER E 163 12.58 9.28 -27.24
N ILE E 164 12.65 10.03 -28.33
CA ILE E 164 13.82 10.86 -28.61
C ILE E 164 13.39 12.32 -28.72
N ARG E 165 14.31 13.25 -28.48
CA ARG E 165 13.99 14.67 -28.50
C ARG E 165 13.90 15.23 -29.92
N ARG E 166 13.59 14.35 -30.87
CA ARG E 166 13.51 14.72 -32.28
C ARG E 166 14.78 15.43 -32.73
N SER E 171 17.46 17.41 -44.31
CA SER E 171 16.32 16.76 -44.96
C SER E 171 16.74 15.60 -45.85
N VAL E 172 17.98 15.61 -46.29
CA VAL E 172 18.48 14.61 -47.24
C VAL E 172 18.61 13.23 -46.60
N ASP E 173 18.97 13.18 -45.32
CA ASP E 173 19.16 11.92 -44.62
C ASP E 173 18.30 11.83 -43.35
N SER E 174 17.05 12.25 -43.47
CA SER E 174 16.11 12.18 -42.35
C SER E 174 14.98 11.19 -42.67
N PHE E 175 15.24 10.32 -43.63
CA PHE E 175 14.22 9.38 -44.09
C PHE E 175 14.15 8.12 -43.24
N GLN E 176 12.93 7.72 -42.92
CA GLN E 176 12.68 6.47 -42.20
C GLN E 176 11.62 5.65 -42.94
N ILE E 177 11.90 4.37 -43.14
CA ILE E 177 10.98 3.49 -43.87
C ILE E 177 10.41 2.41 -42.96
N ILE E 178 9.10 2.43 -42.77
CA ILE E 178 8.43 1.47 -41.91
C ILE E 178 8.42 0.08 -42.55
N LEU E 179 9.05 -0.87 -41.87
CA LEU E 179 9.24 -2.21 -42.43
C LEU E 179 8.13 -3.19 -42.04
N ASP E 180 7.25 -2.77 -41.14
CA ASP E 180 6.22 -3.66 -40.59
C ASP E 180 5.39 -4.37 -41.66
N SER E 181 5.05 -3.65 -42.72
CA SER E 181 4.24 -4.22 -43.78
C SER E 181 4.98 -5.31 -44.54
N LEU E 182 6.30 -5.15 -44.63
CA LEU E 182 7.13 -6.12 -45.34
C LEU E 182 7.53 -7.27 -44.41
N LEU E 183 7.63 -6.97 -43.13
CA LEU E 183 7.92 -8.00 -42.13
C LEU E 183 6.74 -8.95 -42.02
N PHE E 184 5.53 -8.40 -42.14
CA PHE E 184 4.31 -9.19 -42.15
C PHE E 184 4.31 -10.09 -43.39
N PHE E 185 4.75 -9.54 -44.51
CA PHE E 185 4.81 -10.27 -45.76
C PHE E 185 5.78 -11.44 -45.70
N TYR E 186 6.97 -11.20 -45.16
CA TYR E 186 7.99 -12.23 -45.06
C TYR E 186 7.55 -13.43 -44.22
N HIS E 198 2.81 -7.13 -54.08
CA HIS E 198 3.75 -6.70 -53.05
C HIS E 198 3.05 -5.88 -51.97
N PRO E 199 3.57 -5.92 -50.74
CA PRO E 199 2.97 -5.15 -49.64
C PRO E 199 3.16 -3.65 -49.80
N THR E 200 2.25 -2.87 -49.22
CA THR E 200 2.34 -1.41 -49.27
C THR E 200 3.27 -0.89 -48.18
N VAL E 201 4.39 -0.30 -48.60
CA VAL E 201 5.38 0.21 -47.64
C VAL E 201 5.36 1.72 -47.58
N ILE E 202 5.29 2.27 -46.37
CA ILE E 202 5.23 3.72 -46.17
C ILE E 202 6.56 4.30 -45.69
N GLY E 203 7.04 5.32 -46.40
CA GLY E 203 8.24 6.03 -45.98
C GLY E 203 7.88 7.37 -45.38
N GLU E 204 8.64 7.79 -44.37
CA GLU E 204 8.37 9.05 -43.70
C GLU E 204 9.61 9.93 -43.66
N SER E 205 9.41 11.18 -43.27
CA SER E 205 10.52 12.12 -43.13
C SER E 205 10.45 12.83 -41.79
N UNK E 206 22.77 34.21 -12.50
CA UNK E 206 22.78 34.35 -13.98
C UNK E 206 24.06 35.08 -14.40
N UNK E 207 23.97 36.37 -14.67
CA UNK E 207 25.17 37.17 -15.01
C UNK E 207 26.10 37.18 -13.79
N UNK E 208 25.51 37.30 -12.59
CA UNK E 208 26.32 37.29 -11.35
C UNK E 208 27.00 35.93 -11.22
N UNK E 209 26.29 34.85 -11.56
CA UNK E 209 26.87 33.50 -11.49
C UNK E 209 28.04 33.44 -12.47
N UNK E 210 27.88 34.02 -13.66
CA UNK E 210 28.97 34.02 -14.67
C UNK E 210 30.18 34.77 -14.12
N UNK E 211 29.93 35.91 -13.46
CA UNK E 211 31.04 36.71 -12.91
C UNK E 211 31.77 35.88 -11.83
N UNK E 212 31.00 35.18 -11.00
CA UNK E 212 31.60 34.36 -9.92
C UNK E 212 32.45 33.26 -10.56
N UNK E 213 31.96 32.68 -11.65
CA UNK E 213 32.69 31.60 -12.35
C UNK E 213 34.00 32.15 -12.92
N UNK E 214 33.96 33.37 -13.47
CA UNK E 214 35.17 34.00 -14.01
C UNK E 214 36.16 34.20 -12.85
N UNK E 215 35.65 34.64 -11.71
CA UNK E 215 36.53 34.85 -10.54
C UNK E 215 37.16 33.51 -10.15
N UNK E 216 36.38 32.44 -10.18
CA UNK E 216 36.87 31.09 -9.82
C UNK E 216 37.96 30.65 -10.81
N UNK E 217 37.78 30.94 -12.10
CA UNK E 217 38.79 30.58 -13.11
C UNK E 217 40.07 31.36 -12.81
N UNK E 218 39.93 32.63 -12.44
CA UNK E 218 41.13 33.45 -12.12
C UNK E 218 41.82 32.83 -10.90
N UNK E 219 41.04 32.37 -9.92
CA UNK E 219 41.61 31.76 -8.70
C UNK E 219 42.37 30.48 -9.07
N UNK E 220 41.81 29.68 -9.99
CA UNK E 220 42.46 28.43 -10.42
C UNK E 220 43.79 28.80 -11.10
N UNK E 221 43.77 29.86 -11.91
CA UNK E 221 44.99 30.29 -12.60
C UNK E 221 46.04 30.70 -11.56
N UNK E 222 45.62 31.41 -10.51
CA UNK E 222 46.57 31.84 -9.45
C UNK E 222 47.13 30.59 -8.76
N UNK E 223 46.27 29.60 -8.52
CA UNK E 223 46.71 28.35 -7.85
C UNK E 223 47.77 27.67 -8.71
N UNK E 224 47.55 27.67 -10.03
CA UNK E 224 48.58 27.10 -10.93
C UNK E 224 49.88 27.91 -10.80
N VAL F 13 18.99 9.36 -14.36
CA VAL F 13 20.04 9.67 -15.34
C VAL F 13 21.17 8.62 -15.49
N ASN F 14 21.26 8.06 -16.69
CA ASN F 14 22.27 7.08 -17.01
C ASN F 14 22.87 7.41 -18.36
N ILE F 15 24.20 7.28 -18.46
CA ILE F 15 24.90 7.46 -19.72
C ILE F 15 26.05 6.47 -19.75
N GLU F 16 26.00 5.49 -20.66
CA GLU F 16 27.02 4.45 -20.70
C GLU F 16 27.49 4.24 -22.14
N PHE F 17 28.81 4.34 -22.36
CA PHE F 17 29.48 4.19 -23.65
C PHE F 17 30.56 3.14 -23.53
N GLU F 18 30.64 2.21 -24.48
CA GLU F 18 31.75 1.27 -24.62
C GLU F 18 32.18 1.21 -26.07
N ALA F 19 33.48 1.21 -26.33
CA ALA F 19 33.97 0.99 -27.67
C ALA F 19 35.04 -0.08 -27.65
N TYR F 20 34.85 -1.15 -28.41
CA TYR F 20 35.88 -2.16 -28.58
C TYR F 20 36.63 -2.02 -29.89
N SER F 21 36.52 -0.87 -30.54
CA SER F 21 37.00 -0.71 -31.90
C SER F 21 38.23 0.19 -32.00
N LEU F 22 39.10 0.17 -31.00
CA LEU F 22 40.20 1.12 -30.99
C LEU F 22 41.44 0.48 -31.59
N SER F 23 42.29 1.34 -32.14
CA SER F 23 43.59 0.91 -32.64
C SER F 23 44.63 0.99 -31.52
N ASP F 24 45.70 0.20 -31.68
CA ASP F 24 46.73 0.09 -30.66
C ASP F 24 47.30 1.45 -30.30
N ASN F 25 47.45 2.33 -31.28
CA ASN F 25 47.97 3.67 -31.04
C ASN F 25 46.89 4.66 -30.60
N ASP F 26 45.61 4.39 -30.86
CA ASP F 26 44.54 5.14 -30.21
C ASP F 26 44.55 4.91 -28.70
N TYR F 27 44.60 3.64 -28.29
CA TYR F 27 44.82 3.28 -26.90
C TYR F 27 46.09 3.94 -26.39
N ASP F 28 47.17 3.85 -27.17
CA ASP F 28 48.47 4.31 -26.70
C ASP F 28 48.52 5.83 -26.56
N GLY F 29 47.72 6.56 -27.34
CA GLY F 29 47.66 8.00 -27.21
C GLY F 29 46.85 8.42 -26.00
N ILE F 30 45.67 7.83 -25.86
CA ILE F 30 44.82 8.12 -24.71
C ILE F 30 45.55 7.80 -23.41
N LYS F 31 46.32 6.71 -23.37
CA LYS F 31 47.11 6.42 -22.18
C LYS F 31 48.05 7.59 -21.83
N LYS F 32 48.78 8.09 -22.82
CA LYS F 32 49.57 9.29 -22.56
C LYS F 32 48.70 10.45 -22.07
N LEU F 33 47.51 10.60 -22.65
CA LEU F 33 46.64 11.72 -22.25
C LEU F 33 46.31 11.61 -20.77
N LEU F 34 45.96 10.41 -20.31
CA LEU F 34 45.63 10.19 -18.92
C LEU F 34 46.85 10.39 -18.05
N GLN F 35 48.04 10.10 -18.60
CA GLN F 35 49.22 10.15 -17.75
C GLN F 35 49.58 11.56 -17.36
N GLN F 36 49.59 12.47 -18.32
CA GLN F 36 49.76 13.87 -17.94
C GLN F 36 48.75 14.26 -16.87
N LEU F 37 47.51 13.80 -17.00
CA LEU F 37 46.51 14.12 -16.00
C LEU F 37 46.98 13.68 -14.62
N PHE F 38 47.68 12.56 -14.57
CA PHE F 38 48.14 12.05 -13.29
C PHE F 38 49.25 12.93 -12.74
N LEU F 39 50.30 13.12 -13.54
CA LEU F 39 51.41 13.98 -13.17
C LEU F 39 50.96 15.38 -12.79
N LYS F 40 49.78 15.80 -13.22
CA LYS F 40 49.38 17.19 -13.05
C LYS F 40 48.66 17.42 -11.72
N ALA F 41 48.58 16.41 -10.85
CA ALA F 41 47.84 16.58 -9.60
C ALA F 41 48.64 16.12 -8.38
N PRO F 42 48.09 16.25 -7.15
CA PRO F 42 48.77 15.68 -5.96
C PRO F 42 48.80 14.13 -5.95
N VAL F 43 50.01 13.55 -5.62
CA VAL F 43 50.25 12.08 -5.55
C VAL F 43 50.30 11.60 -4.11
N ASN F 44 49.66 10.45 -3.85
CA ASN F 44 49.27 10.05 -2.51
C ASN F 44 49.86 8.72 -2.08
N THR F 45 50.14 8.62 -0.78
CA THR F 45 50.82 7.50 -0.13
C THR F 45 50.47 7.48 1.36
N ALA F 46 50.00 6.33 1.86
CA ALA F 46 50.00 6.03 3.32
C ALA F 46 49.62 4.58 3.59
N ASP F 66 47.94 -10.95 -18.90
CA ASP F 66 47.58 -9.89 -17.98
C ASP F 66 46.78 -8.76 -18.66
N VAL F 67 46.40 -7.76 -17.86
CA VAL F 67 45.58 -6.66 -18.32
C VAL F 67 46.16 -5.35 -17.82
N GLU F 68 45.86 -4.30 -18.58
CA GLU F 68 46.11 -2.90 -18.24
C GLU F 68 44.78 -2.19 -18.04
N VAL F 69 44.72 -1.26 -17.08
CA VAL F 69 43.55 -0.38 -16.93
C VAL F 69 44.01 1.02 -16.50
N PHE F 70 43.55 2.05 -17.20
CA PHE F 70 43.90 3.41 -16.86
C PHE F 70 42.68 4.30 -17.02
N GLY F 71 42.56 5.30 -16.15
CA GLY F 71 41.43 6.23 -16.23
C GLY F 71 41.18 6.90 -14.88
N PHE F 72 39.95 7.36 -14.70
CA PHE F 72 39.60 8.06 -13.47
C PHE F 72 38.15 7.83 -13.14
N ILE F 73 37.82 8.01 -11.88
CA ILE F 73 36.46 7.88 -11.38
C ILE F 73 36.18 9.12 -10.56
N SER F 74 35.26 9.94 -11.04
CA SER F 74 35.02 11.23 -10.45
C SER F 74 33.62 11.22 -9.87
N LEU F 75 33.48 11.56 -8.59
CA LEU F 75 32.18 11.70 -7.94
C LEU F 75 31.59 13.07 -8.26
N LEU F 76 30.27 13.11 -8.47
CA LEU F 76 29.63 14.34 -8.87
C LEU F 76 28.35 14.53 -8.06
N ASN F 77 27.93 15.78 -7.93
CA ASN F 77 26.67 16.15 -7.28
C ASN F 77 25.76 16.82 -8.31
N LEU F 78 24.63 16.18 -8.62
CA LEU F 78 23.80 16.69 -9.71
C LEU F 78 22.81 17.77 -9.30
N THR F 79 22.72 18.09 -8.01
CA THR F 79 21.93 19.24 -7.60
C THR F 79 22.71 20.56 -7.73
N GLU F 80 23.95 20.51 -8.24
CA GLU F 80 24.83 21.66 -8.37
C GLU F 80 24.87 22.14 -9.82
N ARG F 81 25.30 23.38 -10.03
CA ARG F 81 25.56 23.87 -11.39
C ARG F 81 26.72 23.12 -12.05
N LYS F 82 27.86 23.04 -11.35
CA LYS F 82 28.98 22.27 -11.83
C LYS F 82 28.55 20.87 -12.25
N GLY F 83 27.82 20.17 -11.36
CA GLY F 83 27.41 18.81 -11.66
C GLY F 83 26.69 18.67 -12.98
N THR F 84 25.65 19.48 -13.19
CA THR F 84 24.90 19.40 -14.43
C THR F 84 25.62 20.08 -15.61
N GLN F 85 26.52 21.03 -15.37
CA GLN F 85 27.28 21.62 -16.46
C GLN F 85 28.25 20.61 -17.05
N CYS F 86 28.85 19.80 -16.18
CA CYS F 86 29.65 18.66 -16.62
C CYS F 86 28.85 17.75 -17.53
N VAL F 87 27.69 17.31 -17.06
CA VAL F 87 26.89 16.33 -17.79
C VAL F 87 26.59 16.80 -19.21
N GLU F 88 26.26 18.08 -19.38
CA GLU F 88 26.10 18.60 -20.74
C GLU F 88 27.34 18.33 -21.58
N GLN F 89 28.54 18.54 -21.03
CA GLN F 89 29.75 18.24 -21.79
C GLN F 89 29.89 16.76 -22.04
N ILE F 90 29.78 15.95 -20.97
CA ILE F 90 29.88 14.50 -21.09
C ILE F 90 28.90 13.98 -22.13
N GLN F 91 27.62 14.31 -21.95
CA GLN F 91 26.63 13.88 -22.93
C GLN F 91 26.98 14.37 -24.32
N GLU F 92 27.58 15.55 -24.45
CA GLU F 92 27.87 16.01 -25.80
C GLU F 92 29.03 15.26 -26.41
N LEU F 93 30.07 14.97 -25.62
CA LEU F 93 31.16 14.13 -26.06
C LEU F 93 30.65 12.78 -26.56
N VAL F 94 29.80 12.13 -25.76
CA VAL F 94 29.28 10.82 -26.13
C VAL F 94 28.45 10.91 -27.40
N LEU F 95 27.62 11.94 -27.50
CA LEU F 95 26.90 12.16 -28.74
C LEU F 95 27.87 12.28 -29.91
N ARG F 96 28.96 13.00 -29.72
CA ARG F 96 29.93 13.18 -30.79
C ARG F 96 30.72 11.92 -31.07
N PHE F 97 30.82 11.01 -30.10
CA PHE F 97 31.47 9.72 -30.33
C PHE F 97 30.59 8.77 -31.12
N CYS F 98 29.31 9.09 -31.22
CA CYS F 98 28.41 8.31 -32.01
C CYS F 98 28.36 8.80 -33.43
N GLU F 99 29.41 9.49 -33.87
CA GLU F 99 29.49 9.82 -35.27
C GLU F 99 30.05 8.60 -36.01
N LYS F 100 29.84 8.60 -37.33
CA LYS F 100 30.09 7.39 -38.10
C LYS F 100 31.58 7.10 -38.23
N ASN F 101 32.35 8.02 -38.78
CA ASN F 101 33.77 7.82 -39.00
C ASN F 101 34.60 8.33 -37.84
N CYS F 102 34.03 8.36 -36.64
CA CYS F 102 34.57 9.08 -35.50
C CYS F 102 35.47 8.18 -34.66
N GLU F 103 36.65 7.88 -35.19
CA GLU F 103 37.51 6.99 -34.42
C GLU F 103 38.93 7.50 -34.23
N LYS F 104 39.58 7.95 -35.29
CA LYS F 104 40.88 8.59 -35.09
C LYS F 104 40.70 9.86 -34.27
N SER F 105 39.58 10.55 -34.46
CA SER F 105 39.27 11.78 -33.73
C SER F 105 39.19 11.58 -32.23
N MET F 106 38.96 10.34 -31.78
CA MET F 106 38.83 10.07 -30.36
C MET F 106 39.98 10.67 -29.57
N VAL F 107 41.19 10.54 -30.09
CA VAL F 107 42.31 10.92 -29.27
C VAL F 107 42.37 12.45 -29.16
N GLU F 108 42.11 13.16 -30.27
CA GLU F 108 42.03 14.62 -30.23
C GLU F 108 40.83 15.12 -29.44
N GLN F 109 39.67 14.48 -29.59
CA GLN F 109 38.49 14.97 -28.87
C GLN F 109 38.63 14.78 -27.35
N LEU F 110 39.26 13.69 -26.94
CA LEU F 110 39.58 13.53 -25.53
C LEU F 110 40.58 14.56 -25.06
N ASP F 111 41.52 14.98 -25.92
CA ASP F 111 42.50 16.01 -25.54
C ASP F 111 41.83 17.29 -25.06
N LYS F 112 40.83 17.77 -25.81
CA LYS F 112 40.05 18.91 -25.34
C LYS F 112 39.31 18.55 -24.06
N PHE F 113 38.44 17.54 -24.17
CA PHE F 113 37.53 17.12 -23.11
C PHE F 113 38.11 17.28 -21.72
N LEU F 114 39.20 16.57 -21.48
CA LEU F 114 39.76 16.50 -20.15
C LEU F 114 40.91 17.47 -19.89
N ASN F 115 41.54 18.03 -20.91
CA ASN F 115 42.59 19.00 -20.68
C ASN F 115 42.14 20.46 -20.84
N ASP F 116 40.89 20.71 -21.26
CA ASP F 116 40.35 22.08 -21.35
C ASP F 116 39.83 22.55 -20.00
N THR F 117 40.61 23.39 -19.32
CA THR F 117 40.12 23.98 -18.07
C THR F 117 39.08 25.06 -18.28
N THR F 118 38.89 25.57 -19.54
CA THR F 118 37.83 26.54 -19.90
C THR F 118 36.45 25.90 -20.00
N LYS F 119 36.40 24.65 -19.55
CA LYS F 119 35.29 23.72 -19.72
C LYS F 119 35.05 22.95 -18.43
N PRO F 120 33.81 22.53 -18.18
CA PRO F 120 33.49 21.91 -16.88
C PRO F 120 34.33 20.69 -16.56
N VAL F 121 34.45 19.75 -17.51
CA VAL F 121 35.12 18.47 -17.26
C VAL F 121 36.62 18.66 -17.19
N GLY F 122 37.20 19.45 -18.09
CA GLY F 122 38.62 19.75 -17.97
C GLY F 122 38.95 20.59 -16.73
N LEU F 123 37.98 21.38 -16.28
CA LEU F 123 38.17 22.11 -15.02
C LEU F 123 38.01 21.21 -13.80
N LEU F 124 37.04 20.29 -13.83
CA LEU F 124 36.84 19.43 -12.66
C LEU F 124 38.04 18.49 -12.45
N LEU F 125 38.81 18.21 -13.50
CA LEU F 125 39.96 17.32 -13.39
C LEU F 125 41.25 18.03 -13.03
N SER F 126 41.28 19.36 -13.06
CA SER F 126 42.43 20.09 -12.56
C SER F 126 42.35 20.32 -11.06
N GLU F 127 41.17 20.64 -10.53
CA GLU F 127 40.92 20.73 -9.10
C GLU F 127 40.70 19.35 -8.47
N ARG F 128 41.20 19.17 -7.24
CA ARG F 128 40.91 17.94 -6.43
C ARG F 128 41.05 16.60 -7.19
N PHE F 129 41.98 16.51 -8.15
CA PHE F 129 42.36 15.21 -8.73
C PHE F 129 43.37 14.55 -7.80
N ILE F 130 43.07 13.36 -7.29
CA ILE F 130 43.99 12.66 -6.40
C ILE F 130 44.44 11.34 -7.04
N ASN F 131 45.73 10.99 -6.86
CA ASN F 131 46.32 9.77 -7.42
C ASN F 131 46.51 8.74 -6.32
N VAL F 132 45.69 7.70 -6.37
CA VAL F 132 45.77 6.66 -5.36
C VAL F 132 46.65 5.52 -5.84
N PRO F 133 47.42 4.91 -4.95
CA PRO F 133 48.22 3.73 -5.29
C PRO F 133 47.35 2.56 -5.74
N PRO F 134 47.94 1.52 -6.36
CA PRO F 134 47.11 0.47 -7.00
C PRO F 134 46.28 -0.34 -6.00
N GLN F 135 46.81 -0.59 -4.79
CA GLN F 135 46.04 -1.28 -3.76
C GLN F 135 44.74 -0.57 -3.43
N ILE F 136 44.71 0.76 -3.55
CA ILE F 136 43.44 1.46 -3.48
C ILE F 136 42.65 1.26 -4.77
N ALA F 137 43.33 1.38 -5.91
CA ALA F 137 42.61 1.55 -7.16
C ALA F 137 41.82 0.29 -7.53
N LEU F 138 42.45 -0.89 -7.43
CA LEU F 138 41.80 -2.13 -7.85
C LEU F 138 40.42 -2.31 -7.23
N PRO F 139 40.22 -2.17 -5.91
CA PRO F 139 38.86 -2.28 -5.36
C PRO F 139 37.85 -1.36 -6.02
N MET F 140 38.27 -0.14 -6.34
CA MET F 140 37.34 0.80 -6.96
C MET F 140 37.03 0.39 -8.40
N TYR F 141 38.01 -0.07 -9.14
CA TYR F 141 37.72 -0.60 -10.47
C TYR F 141 36.69 -1.71 -10.35
N GLN F 142 37.05 -2.74 -9.60
CA GLN F 142 36.22 -3.93 -9.49
C GLN F 142 34.79 -3.61 -9.09
N GLN F 143 34.59 -2.64 -8.19
CA GLN F 143 33.21 -2.32 -7.83
C GLN F 143 32.50 -1.57 -8.95
N LEU F 144 33.18 -0.64 -9.59
CA LEU F 144 32.59 -0.06 -10.79
C LEU F 144 32.25 -1.15 -11.78
N GLN F 145 33.12 -2.13 -11.94
CA GLN F 145 32.86 -3.19 -12.91
C GLN F 145 31.65 -4.01 -12.51
N LYS F 146 31.47 -4.25 -11.21
CA LYS F 146 30.24 -4.89 -10.76
C LYS F 146 29.03 -3.99 -11.00
N GLU F 147 29.09 -2.76 -10.51
CA GLU F 147 27.90 -1.90 -10.56
C GLU F 147 27.45 -1.68 -12.00
N LEU F 148 28.40 -1.61 -12.95
CA LEU F 148 28.06 -1.38 -14.34
C LEU F 148 27.42 -2.60 -14.99
N ALA F 149 27.72 -3.79 -14.47
CA ALA F 149 27.33 -5.00 -15.15
C ALA F 149 25.82 -5.25 -15.02
N GLY F 150 25.26 -4.99 -13.84
CA GLY F 150 23.91 -5.46 -13.58
C GLY F 150 22.85 -4.42 -13.23
N GLY F 159 22.39 6.51 -3.70
CA GLY F 159 22.44 7.42 -4.83
C GLY F 159 23.64 8.34 -4.91
N LYS F 160 24.51 8.10 -5.89
CA LYS F 160 25.80 8.78 -6.07
C LYS F 160 26.18 8.85 -7.54
N CYS F 161 26.18 10.05 -8.12
CA CYS F 161 26.51 10.17 -9.53
C CYS F 161 28.01 10.11 -9.75
N TYR F 162 28.46 9.03 -10.41
CA TYR F 162 29.86 8.79 -10.71
C TYR F 162 30.10 9.00 -12.20
N PHE F 163 31.27 9.54 -12.52
CA PHE F 163 31.75 9.79 -13.89
C PHE F 163 33.04 9.01 -14.06
N TYR F 164 33.06 8.08 -15.00
CA TYR F 164 34.24 7.26 -15.22
C TYR F 164 34.65 7.35 -16.69
N LEU F 165 35.96 7.24 -16.93
CA LEU F 165 36.55 7.09 -18.26
C LEU F 165 37.65 6.09 -18.09
N LEU F 166 37.63 5.01 -18.85
CA LEU F 166 38.44 3.85 -18.51
C LEU F 166 38.85 3.12 -19.76
N ILE F 167 40.14 3.10 -20.05
CA ILE F 167 40.68 2.31 -21.14
C ILE F 167 41.29 1.03 -20.57
N SER F 168 41.44 0.02 -21.42
CA SER F 168 41.93 -1.25 -20.93
C SER F 168 42.48 -2.08 -22.10
N LYS F 169 43.61 -2.76 -21.86
CA LYS F 169 44.26 -3.59 -22.86
C LYS F 169 44.41 -4.99 -22.29
N THR F 170 44.18 -6.03 -23.10
CA THR F 170 44.42 -7.41 -22.72
C THR F 170 45.39 -8.03 -23.73
N PHE F 171 46.58 -8.46 -23.26
CA PHE F 171 47.63 -8.98 -24.14
C PHE F 171 47.51 -10.48 -24.43
N GLN F 221 53.60 -7.84 -25.17
CA GLN F 221 53.41 -8.95 -26.09
C GLN F 221 52.48 -8.53 -27.24
N VAL F 222 51.47 -9.36 -27.55
CA VAL F 222 50.44 -9.03 -28.53
C VAL F 222 49.42 -8.09 -27.87
N THR F 223 48.42 -7.68 -28.65
CA THR F 223 47.25 -7.04 -28.08
C THR F 223 46.04 -7.84 -28.52
N ALA F 224 45.31 -8.39 -27.54
CA ALA F 224 44.11 -9.15 -27.83
C ALA F 224 42.88 -8.25 -27.87
N LEU F 225 42.74 -7.32 -26.93
CA LEU F 225 41.60 -6.44 -27.02
C LEU F 225 41.90 -5.10 -26.35
N VAL F 226 41.30 -4.05 -26.90
CA VAL F 226 41.44 -2.69 -26.40
C VAL F 226 40.04 -2.13 -26.24
N SER F 227 39.79 -1.45 -25.13
CA SER F 227 38.45 -1.04 -24.76
C SER F 227 38.46 0.31 -24.09
N LEU F 228 37.64 1.19 -24.60
CA LEU F 228 37.36 2.46 -23.94
C LEU F 228 35.92 2.46 -23.45
N LYS F 229 35.74 2.34 -22.14
CA LYS F 229 34.45 2.47 -21.48
C LYS F 229 34.44 3.82 -20.80
N ALA F 230 33.26 4.44 -20.77
CA ALA F 230 33.21 5.78 -20.20
C ALA F 230 31.77 6.13 -19.95
N GLY F 231 31.41 6.55 -18.73
CA GLY F 231 29.99 6.66 -18.47
C GLY F 231 29.65 7.44 -17.21
N LEU F 232 28.36 7.69 -17.05
CA LEU F 232 27.75 8.42 -15.96
C LEU F 232 26.70 7.52 -15.31
N ILE F 233 26.91 7.17 -14.03
CA ILE F 233 26.08 6.16 -13.36
C ILE F 233 25.68 6.68 -11.97
N GLN F 234 24.67 6.05 -11.37
CA GLN F 234 24.23 6.39 -10.01
C GLN F 234 24.11 5.09 -9.23
N SER F 235 24.78 4.96 -8.08
CA SER F 235 24.96 3.58 -7.61
C SER F 235 25.19 3.53 -6.10
N ARG F 236 25.89 2.48 -5.66
CA ARG F 236 26.42 2.22 -4.32
C ARG F 236 27.88 2.70 -4.22
N SER F 237 28.33 2.97 -2.98
CA SER F 237 29.61 3.65 -2.73
C SER F 237 30.82 2.91 -3.28
N THR F 238 31.59 3.54 -4.18
CA THR F 238 32.81 2.94 -4.69
C THR F 238 34.08 3.52 -4.03
N LEU F 239 33.94 4.58 -3.24
CA LEU F 239 35.03 5.46 -2.83
C LEU F 239 35.68 5.10 -1.50
N SER F 240 34.99 4.35 -0.63
CA SER F 240 35.38 4.06 0.75
C SER F 240 35.33 5.31 1.65
N ASP F 241 34.40 6.24 1.40
CA ASP F 241 34.29 7.54 2.10
C ASP F 241 35.56 8.37 2.00
N PHE F 242 36.57 7.86 1.34
CA PHE F 242 37.84 8.51 1.18
C PHE F 242 37.77 9.57 0.09
N GLN F 243 36.62 9.70 -0.56
CA GLN F 243 36.43 10.60 -1.69
C GLN F 243 35.29 11.57 -1.39
N GLY F 244 35.43 12.81 -1.86
CA GLY F 244 34.39 13.81 -1.73
C GLY F 244 33.75 14.13 -3.07
N THR F 245 32.77 15.02 -3.03
CA THR F 245 32.14 15.46 -4.28
C THR F 245 33.11 16.28 -5.11
N PHE F 246 33.08 16.09 -6.42
CA PHE F 246 34.00 16.76 -7.34
C PHE F 246 35.44 16.44 -7.03
N MET F 247 35.67 15.46 -6.16
CA MET F 247 36.95 14.78 -6.01
C MET F 247 37.04 13.73 -7.10
N THR F 248 38.16 13.70 -7.82
CA THR F 248 38.39 12.67 -8.83
C THR F 248 39.54 11.77 -8.39
N VAL F 249 39.48 10.51 -8.81
CA VAL F 249 40.37 9.46 -8.37
C VAL F 249 41.05 8.79 -9.56
N GLY F 250 42.37 8.63 -9.49
CA GLY F 250 43.13 8.06 -10.58
C GLY F 250 43.17 6.54 -10.54
N ILE F 251 43.01 5.93 -11.70
CA ILE F 251 43.16 4.50 -11.88
C ILE F 251 44.40 4.28 -12.74
N ALA F 252 45.26 3.36 -12.32
CA ALA F 252 46.45 3.03 -13.12
C ALA F 252 46.87 1.64 -12.64
N LEU F 253 46.57 0.63 -13.43
CA LEU F 253 46.71 -0.76 -13.05
C LEU F 253 47.59 -1.46 -14.08
N SER F 254 48.68 -2.06 -13.61
CA SER F 254 49.59 -2.86 -14.45
C SER F 254 50.10 -4.09 -13.68
N VAL G 6 -52.52 -5.33 31.14
CA VAL G 6 -52.02 -4.02 31.56
C VAL G 6 -51.61 -3.25 30.30
N GLN G 7 -52.23 -2.10 30.11
CA GLN G 7 -51.93 -1.18 29.02
C GLN G 7 -51.08 -0.05 29.58
N LEU G 8 -50.12 0.40 28.78
CA LEU G 8 -49.30 1.56 29.09
C LEU G 8 -49.63 2.65 28.07
N GLN G 9 -49.99 3.83 28.57
CA GLN G 9 -50.40 4.97 27.76
C GLN G 9 -49.39 6.10 27.91
N GLU G 10 -48.55 6.30 26.89
CA GLU G 10 -47.64 7.44 26.81
C GLU G 10 -48.35 8.74 26.42
N SER G 11 -47.84 9.87 26.91
CA SER G 11 -48.29 11.23 26.60
C SER G 11 -47.18 12.26 26.87
N GLY G 12 -47.38 13.50 26.44
CA GLY G 12 -46.43 14.60 26.65
C GLY G 12 -45.33 14.74 25.59
N GLY G 13 -45.35 13.89 24.55
CA GLY G 13 -44.55 14.10 23.34
C GLY G 13 -45.01 15.35 22.57
N GLY G 14 -44.18 15.78 21.63
CA GLY G 14 -44.43 16.99 20.85
C GLY G 14 -43.19 17.52 20.14
N LEU G 15 -43.34 18.69 19.53
CA LEU G 15 -42.27 19.46 18.89
C LEU G 15 -41.73 20.51 19.87
N VAL G 16 -40.42 20.60 20.01
CA VAL G 16 -39.75 21.63 20.81
C VAL G 16 -38.44 22.04 20.14
N GLN G 17 -37.96 23.26 20.41
CA GLN G 17 -36.64 23.70 19.95
C GLN G 17 -35.52 23.08 20.79
N ALA G 18 -34.34 22.92 20.18
CA ALA G 18 -33.13 22.51 20.87
C ALA G 18 -32.84 23.42 22.08
N GLY G 19 -32.36 22.83 23.16
CA GLY G 19 -32.21 23.47 24.47
C GLY G 19 -33.49 23.50 25.31
N GLY G 20 -34.66 23.29 24.71
CA GLY G 20 -35.95 23.24 25.40
C GLY G 20 -36.16 22.01 26.28
N SER G 21 -37.39 21.87 26.77
CA SER G 21 -37.79 20.79 27.68
C SER G 21 -39.15 20.20 27.35
N LEU G 22 -39.31 18.91 27.61
CA LEU G 22 -40.59 18.19 27.58
C LEU G 22 -40.73 17.35 28.85
N ARG G 23 -41.96 17.00 29.21
CA ARG G 23 -42.25 16.03 30.26
C ARG G 23 -43.12 14.92 29.71
N LEU G 24 -42.54 13.75 29.50
CA LEU G 24 -43.30 12.57 29.12
C LEU G 24 -43.96 11.96 30.36
N SER G 25 -45.14 11.38 30.16
CA SER G 25 -45.86 10.62 31.18
C SER G 25 -46.28 9.28 30.60
N CYS G 26 -46.21 8.22 31.38
CA CYS G 26 -46.72 6.90 31.02
C CYS G 26 -47.55 6.35 32.17
N ALA G 27 -48.86 6.25 31.94
CA ALA G 27 -49.82 5.71 32.89
C ALA G 27 -50.12 4.25 32.59
N ALA G 28 -50.13 3.40 33.61
CA ALA G 28 -50.58 2.02 33.49
C ALA G 28 -52.06 1.89 33.89
N SER G 29 -52.85 1.16 33.08
CA SER G 29 -54.27 0.92 33.35
C SER G 29 -54.55 0.05 34.58
N GLY G 30 -53.52 -0.61 35.12
CA GLY G 30 -53.62 -1.49 36.29
C GLY G 30 -52.46 -1.29 37.25
N THR G 31 -52.56 -1.96 38.40
CA THR G 31 -51.52 -1.89 39.44
C THR G 31 -50.27 -2.65 38.99
N ILE G 32 -49.14 -1.97 38.99
CA ILE G 32 -47.85 -2.59 38.71
C ILE G 32 -47.32 -3.21 40.00
N SER G 33 -46.94 -4.48 39.95
CA SER G 33 -46.29 -5.18 41.07
C SER G 33 -45.13 -4.37 41.66
N PRO G 34 -44.88 -4.41 42.99
CA PRO G 34 -43.69 -3.81 43.60
C PRO G 34 -42.36 -4.33 43.04
N ARG G 35 -42.35 -5.52 42.40
CA ARG G 35 -41.19 -6.03 41.66
C ARG G 35 -41.00 -5.39 40.28
N GLY G 36 -42.00 -4.66 39.80
CA GLY G 36 -42.02 -4.02 38.50
C GLY G 36 -41.15 -2.76 38.47
N VAL G 37 -40.22 -2.75 37.53
CA VAL G 37 -39.46 -1.59 37.09
C VAL G 37 -40.17 -0.99 35.89
N MET G 38 -40.33 0.34 35.90
CA MET G 38 -40.83 1.08 34.75
C MET G 38 -39.66 1.76 34.06
N GLY G 39 -39.55 1.58 32.75
CA GLY G 39 -38.48 2.17 31.95
C GLY G 39 -39.01 2.88 30.72
N TRP G 40 -38.28 3.91 30.32
CA TRP G 40 -38.40 4.59 29.03
C TRP G 40 -37.32 4.09 28.08
N TYR G 41 -37.73 3.92 26.83
CA TYR G 41 -36.90 3.52 25.72
C TYR G 41 -37.22 4.44 24.55
N ARG G 42 -36.26 4.70 23.68
CA ARG G 42 -36.49 5.52 22.49
C ARG G 42 -36.05 4.80 21.24
N GLN G 43 -36.72 5.10 20.13
CA GLN G 43 -36.41 4.56 18.82
C GLN G 43 -36.38 5.71 17.82
N ALA G 44 -35.18 6.10 17.41
CA ALA G 44 -35.01 7.04 16.32
C ALA G 44 -35.38 6.37 14.97
N PRO G 45 -35.76 7.15 13.94
CA PRO G 45 -36.08 6.59 12.62
C PRO G 45 -34.95 5.72 12.08
N GLY G 46 -35.27 4.49 11.66
CA GLY G 46 -34.30 3.53 11.13
C GLY G 46 -33.30 2.97 12.16
N LYS G 47 -33.53 3.16 13.45
CA LYS G 47 -32.70 2.63 14.55
C LYS G 47 -33.46 1.61 15.38
N GLU G 48 -32.70 0.82 16.13
CA GLU G 48 -33.26 -0.06 17.16
C GLU G 48 -33.75 0.75 18.36
N ARG G 49 -34.56 0.08 19.19
CA ARG G 49 -35.07 0.67 20.42
C ARG G 49 -34.01 0.58 21.53
N GLU G 50 -33.57 1.72 22.03
CA GLU G 50 -32.54 1.83 23.06
C GLU G 50 -33.09 2.28 24.41
N PHE G 51 -32.40 1.91 25.49
CA PHE G 51 -32.74 2.31 26.85
C PHE G 51 -32.47 3.80 27.08
N VAL G 52 -33.38 4.48 27.80
CA VAL G 52 -33.23 5.90 28.18
C VAL G 52 -33.07 6.05 29.69
N ALA G 53 -34.06 5.60 30.45
CA ALA G 53 -34.06 5.67 31.90
C ALA G 53 -35.04 4.66 32.50
N ALA G 54 -34.81 4.23 33.74
CA ALA G 54 -35.74 3.38 34.47
C ALA G 54 -35.77 3.71 35.96
N ILE G 55 -36.87 3.34 36.61
CA ILE G 55 -37.09 3.53 38.04
C ILE G 55 -37.83 2.32 38.62
N ASN G 56 -37.30 1.77 39.70
CA ASN G 56 -37.95 0.68 40.42
C ASN G 56 -39.06 1.22 41.35
N TYR G 57 -39.82 0.33 42.00
CA TYR G 57 -40.88 0.73 42.91
C TYR G 57 -40.40 1.56 44.12
N GLY G 58 -39.18 1.31 44.59
CA GLY G 58 -38.54 2.00 45.71
C GLY G 58 -37.83 3.32 45.35
N GLY G 59 -37.89 3.76 44.09
CA GLY G 59 -37.32 5.03 43.64
C GLY G 59 -35.86 4.99 43.19
N THR G 60 -35.21 3.82 43.12
CA THR G 60 -33.86 3.72 42.53
C THR G 60 -33.94 3.97 41.03
N THR G 61 -33.14 4.91 40.54
CA THR G 61 -33.12 5.36 39.14
C THR G 61 -31.89 4.88 38.39
N TYR G 62 -32.06 4.61 37.10
CA TYR G 62 -31.02 4.24 36.14
C TYR G 62 -31.16 5.10 34.89
N TYR G 63 -30.05 5.51 34.29
CA TYR G 63 -30.03 6.37 33.09
C TYR G 63 -29.01 5.85 32.09
N ALA G 64 -29.31 5.98 30.80
CA ALA G 64 -28.31 5.84 29.75
C ALA G 64 -27.33 7.04 29.79
N ASP G 65 -26.08 6.78 29.42
CA ASP G 65 -25.04 7.82 29.44
C ASP G 65 -25.38 9.01 28.53
N SER G 66 -26.08 8.77 27.42
CA SER G 66 -26.52 9.79 26.47
C SER G 66 -27.46 10.85 27.06
N VAL G 67 -28.17 10.53 28.15
CA VAL G 67 -29.17 11.42 28.78
C VAL G 67 -28.84 11.80 30.21
N LYS G 68 -27.77 11.24 30.77
CA LYS G 68 -27.33 11.49 32.15
C LYS G 68 -27.06 12.99 32.36
N GLY G 69 -27.59 13.53 33.45
CA GLY G 69 -27.52 14.96 33.78
C GLY G 69 -28.49 15.86 33.02
N ARG G 70 -29.20 15.35 32.01
CA ARG G 70 -30.22 16.10 31.24
C ARG G 70 -31.64 15.65 31.54
N PHE G 71 -31.84 14.34 31.68
CA PHE G 71 -33.16 13.76 31.92
C PHE G 71 -33.33 13.33 33.38
N THR G 72 -34.55 13.35 33.88
CA THR G 72 -34.90 12.91 35.24
C THR G 72 -36.17 12.08 35.20
N ILE G 73 -36.05 10.80 35.54
CA ILE G 73 -37.19 9.91 35.69
C ILE G 73 -37.75 10.00 37.12
N SER G 74 -39.07 9.95 37.26
CA SER G 74 -39.76 9.86 38.55
C SER G 74 -40.99 8.99 38.43
N ARG G 75 -41.50 8.47 39.55
CA ARG G 75 -42.64 7.54 39.56
C ARG G 75 -43.61 7.93 40.66
N ASP G 76 -44.89 7.91 40.32
CA ASP G 76 -46.01 8.02 41.26
C ASP G 76 -46.70 6.66 41.35
N ASN G 77 -46.46 5.97 42.48
CA ASN G 77 -47.02 4.64 42.73
C ASN G 77 -48.54 4.68 42.95
N ALA G 78 -49.08 5.76 43.52
CA ALA G 78 -50.52 5.88 43.75
C ALA G 78 -51.29 6.05 42.42
N LYS G 79 -50.69 6.75 41.46
CA LYS G 79 -51.24 6.95 40.11
C LYS G 79 -50.80 5.91 39.09
N ASN G 80 -50.01 4.91 39.48
CA ASN G 80 -49.38 3.95 38.56
C ASN G 80 -48.75 4.62 37.32
N THR G 81 -48.07 5.76 37.53
CA THR G 81 -47.57 6.62 36.45
C THR G 81 -46.06 6.86 36.61
N VAL G 82 -45.32 6.75 35.50
CA VAL G 82 -43.91 7.16 35.43
C VAL G 82 -43.78 8.42 34.58
N TYR G 83 -42.93 9.34 35.01
CA TYR G 83 -42.63 10.59 34.32
C TYR G 83 -41.18 10.63 33.89
N LEU G 84 -40.91 11.21 32.72
CA LEU G 84 -39.57 11.52 32.25
C LEU G 84 -39.51 13.02 31.96
N GLN G 85 -38.90 13.78 32.87
CA GLN G 85 -38.55 15.16 32.63
C GLN G 85 -37.32 15.18 31.73
N MET G 86 -37.43 15.82 30.57
CA MET G 86 -36.37 15.92 29.57
C MET G 86 -35.97 17.38 29.44
N ASN G 87 -34.78 17.75 29.89
CA ASN G 87 -34.26 19.11 29.81
C ASN G 87 -33.07 19.17 28.83
N SER G 88 -32.72 20.37 28.35
CA SER G 88 -31.58 20.57 27.44
C SER G 88 -31.63 19.60 26.26
N LEU G 89 -32.81 19.55 25.61
CA LEU G 89 -33.06 18.63 24.51
C LEU G 89 -32.15 18.93 23.33
N LYS G 90 -31.65 17.87 22.70
CA LYS G 90 -30.79 17.97 21.52
C LYS G 90 -31.50 17.37 20.30
N PRO G 91 -31.15 17.74 19.06
CA PRO G 91 -31.70 17.12 17.86
C PRO G 91 -31.65 15.59 17.89
N GLU G 92 -30.60 15.01 18.48
CA GLU G 92 -30.42 13.55 18.62
C GLU G 92 -31.40 12.89 19.60
N ASP G 93 -32.13 13.67 20.39
CA ASP G 93 -33.19 13.16 21.26
C ASP G 93 -34.52 12.96 20.51
N THR G 94 -34.60 13.32 19.22
CA THR G 94 -35.75 13.08 18.34
C THR G 94 -35.97 11.59 18.11
N ALA G 95 -37.09 11.06 18.59
CA ALA G 95 -37.44 9.64 18.52
C ALA G 95 -38.90 9.41 18.93
N VAL G 96 -39.40 8.19 18.69
CA VAL G 96 -40.58 7.69 19.42
C VAL G 96 -40.12 7.14 20.76
N TYR G 97 -40.71 7.61 21.85
CA TYR G 97 -40.43 7.18 23.21
C TYR G 97 -41.51 6.22 23.69
N TYR G 98 -41.10 5.01 24.08
CA TYR G 98 -41.94 3.94 24.60
C TYR G 98 -41.67 3.74 26.08
N CYS G 99 -42.71 3.56 26.87
CA CYS G 99 -42.56 3.02 28.21
C CYS G 99 -42.77 1.50 28.21
N ALA G 100 -42.13 0.85 29.16
CA ALA G 100 -42.29 -0.57 29.41
C ALA G 100 -42.23 -0.90 30.89
N VAL G 101 -42.92 -1.98 31.26
CA VAL G 101 -42.84 -2.59 32.58
C VAL G 101 -42.09 -3.90 32.46
N TYR G 102 -41.11 -4.09 33.33
CA TYR G 102 -40.32 -5.32 33.39
C TYR G 102 -39.94 -5.65 34.84
N TYR G 103 -39.50 -6.88 35.11
CA TYR G 103 -38.89 -7.23 36.39
C TYR G 103 -37.68 -8.14 36.18
N TYR G 104 -36.83 -8.23 37.19
CA TYR G 104 -35.69 -9.14 37.20
C TYR G 104 -36.09 -10.43 37.92
N ILE G 105 -35.88 -11.59 37.29
CA ILE G 105 -36.00 -12.91 37.95
C ILE G 105 -34.76 -13.14 38.81
N ASN G 106 -33.59 -12.80 38.28
CA ASN G 106 -32.29 -12.84 38.94
C ASN G 106 -31.41 -11.74 38.32
N SER G 107 -30.13 -11.68 38.72
CA SER G 107 -29.19 -10.65 38.24
C SER G 107 -28.96 -10.65 36.72
N GLN G 108 -29.24 -11.76 36.03
CA GLN G 108 -28.99 -11.91 34.59
C GLN G 108 -30.27 -11.91 33.75
N ARG G 109 -31.43 -12.23 34.34
CA ARG G 109 -32.69 -12.44 33.61
C ARG G 109 -33.68 -11.32 33.88
N LYS G 110 -33.92 -10.52 32.84
CA LYS G 110 -34.96 -9.49 32.77
C LYS G 110 -36.14 -10.02 31.96
N VAL G 111 -37.36 -9.87 32.49
CA VAL G 111 -38.60 -10.19 31.77
C VAL G 111 -39.33 -8.90 31.47
N LEU G 112 -39.43 -8.55 30.19
CA LEU G 112 -40.30 -7.47 29.74
C LEU G 112 -41.73 -8.00 29.63
N LEU G 113 -42.65 -7.32 30.32
CA LEU G 113 -44.04 -7.75 30.42
C LEU G 113 -44.94 -6.98 29.48
N TYR G 114 -44.82 -5.65 29.50
CA TYR G 114 -45.73 -4.76 28.81
C TYR G 114 -44.95 -3.65 28.14
N TRP G 115 -45.38 -3.29 26.94
CA TRP G 115 -44.91 -2.15 26.17
C TRP G 115 -46.10 -1.23 25.91
N GLY G 116 -45.87 0.08 25.99
CA GLY G 116 -46.81 1.05 25.47
C GLY G 116 -46.66 1.25 23.96
N GLN G 117 -47.51 2.10 23.41
CA GLN G 117 -47.58 2.37 21.97
C GLN G 117 -46.60 3.47 21.54
N GLY G 118 -46.08 4.21 22.51
CA GLY G 118 -45.08 5.25 22.34
C GLY G 118 -45.67 6.64 22.06
N THR G 119 -44.83 7.65 22.20
CA THR G 119 -45.15 9.04 21.90
C THR G 119 -43.99 9.69 21.14
N GLN G 120 -44.31 10.46 20.10
CA GLN G 120 -43.30 11.11 19.27
C GLN G 120 -42.73 12.34 19.99
N VAL G 121 -41.40 12.42 20.05
CA VAL G 121 -40.67 13.65 20.43
C VAL G 121 -39.88 14.11 19.22
N THR G 122 -40.05 15.37 18.84
CA THR G 122 -39.29 16.00 17.77
C THR G 122 -38.59 17.23 18.33
N VAL G 123 -37.27 17.27 18.18
CA VAL G 123 -36.45 18.41 18.58
C VAL G 123 -35.97 19.10 17.32
N SER G 124 -36.50 20.28 17.04
CA SER G 124 -36.05 21.10 15.91
C SER G 124 -34.80 21.88 16.30
N SER G 125 -33.87 22.02 15.34
CA SER G 125 -32.72 22.93 15.42
C SER G 125 -33.15 24.38 15.55
N PRO H 5 -20.23 8.87 42.62
CA PRO H 5 -18.94 8.28 42.98
C PRO H 5 -18.43 8.81 44.33
N SER H 6 -18.07 7.87 45.20
CA SER H 6 -17.61 8.18 46.56
C SER H 6 -16.13 7.84 46.77
N VAL H 7 -15.59 8.32 47.89
CA VAL H 7 -14.22 8.05 48.27
C VAL H 7 -14.18 7.13 49.49
N LEU H 8 -13.45 6.03 49.37
CA LEU H 8 -13.37 5.03 50.45
C LEU H 8 -12.74 5.63 51.71
N ASN H 9 -13.45 5.54 52.83
CA ASN H 9 -12.93 6.00 54.10
C ASN H 9 -11.92 4.98 54.64
N TRP H 10 -11.25 5.31 55.73
CA TRP H 10 -10.21 4.45 56.28
C TRP H 10 -10.74 3.06 56.64
N ASP H 11 -11.95 3.00 57.16
CA ASP H 11 -12.57 1.73 57.50
C ASP H 11 -12.69 0.81 56.28
N GLN H 12 -13.11 1.40 55.17
CA GLN H 12 -13.26 0.68 53.91
C GLN H 12 -11.90 0.39 53.26
N VAL H 13 -11.01 1.37 53.30
CA VAL H 13 -9.68 1.23 52.71
C VAL H 13 -8.88 0.11 53.38
N SER H 14 -8.93 0.08 54.72
CA SER H 14 -8.21 -0.93 55.49
C SER H 14 -8.70 -2.33 55.19
N ARG H 15 -10.02 -2.49 55.05
CA ARG H 15 -10.62 -3.78 54.78
C ARG H 15 -10.28 -4.26 53.38
N LEU H 16 -10.08 -3.33 52.46
CA LEU H 16 -9.65 -3.66 51.10
C LEU H 16 -8.23 -4.21 51.10
N HIS H 17 -7.39 -3.67 51.98
CA HIS H 17 -6.00 -4.11 52.11
C HIS H 17 -5.93 -5.55 52.61
N GLU H 18 -6.85 -5.90 53.51
CA GLU H 18 -6.90 -7.25 54.06
C GLU H 18 -7.29 -8.27 52.99
N VAL H 19 -8.29 -7.91 52.18
CA VAL H 19 -8.75 -8.79 51.11
C VAL H 19 -7.66 -9.01 50.06
N LEU H 20 -6.98 -7.93 49.69
CA LEU H 20 -5.92 -7.99 48.71
C LEU H 20 -4.70 -8.75 49.24
N THR H 21 -4.53 -8.77 50.56
CA THR H 21 -3.41 -9.46 51.17
C THR H 21 -3.84 -10.75 51.86
N GLU H 22 -5.07 -11.18 51.63
CA GLU H 22 -5.56 -12.43 52.20
C GLU H 22 -5.03 -13.61 51.40
N VAL H 23 -4.37 -14.53 52.11
CA VAL H 23 -3.82 -15.73 51.48
C VAL H 23 -4.95 -16.68 51.07
N VAL H 24 -5.07 -16.91 49.76
CA VAL H 24 -6.14 -17.76 49.24
C VAL H 24 -5.57 -19.04 48.63
N PRO H 25 -5.98 -20.20 49.16
CA PRO H 25 -5.54 -21.50 48.65
C PRO H 25 -6.26 -21.90 47.36
N ILE H 26 -5.48 -22.28 46.35
CA ILE H 26 -6.05 -22.76 45.10
C ILE H 26 -5.77 -24.26 44.96
N HIS H 27 -6.84 -25.03 44.80
CA HIS H 27 -6.74 -26.47 44.69
C HIS H 27 -6.07 -26.89 43.39
N GLY H 28 -5.29 -27.96 43.44
CA GLY H 28 -4.62 -28.47 42.25
C GLY H 28 -5.16 -29.81 41.81
N ARG H 29 -5.93 -29.80 40.72
CA ARG H 29 -6.50 -31.03 40.17
C ARG H 29 -5.39 -31.96 39.69
N GLY H 30 -5.24 -33.09 40.38
CA GLY H 30 -4.19 -34.04 40.06
C GLY H 30 -3.20 -34.15 41.20
N ASN H 31 -1.92 -34.31 40.87
CA ASN H 31 -0.87 -34.44 41.86
C ASN H 31 -0.32 -33.08 42.27
N PHE H 32 -0.80 -32.03 41.62
CA PHE H 32 -0.28 -30.68 41.85
C PHE H 32 -0.69 -30.15 43.22
N PRO H 33 0.26 -29.51 43.92
CA PRO H 33 0.04 -28.99 45.28
C PRO H 33 -0.85 -27.75 45.30
N THR H 34 -1.44 -27.47 46.45
CA THR H 34 -2.29 -26.30 46.62
C THR H 34 -1.48 -25.01 46.55
N LEU H 35 -1.87 -24.12 45.63
CA LEU H 35 -1.19 -22.85 45.48
C LEU H 35 -1.64 -21.85 46.55
N GLU H 36 -0.65 -21.27 47.25
CA GLU H 36 -0.93 -20.27 48.27
C GLU H 36 -0.76 -18.87 47.68
N ILE H 37 -1.75 -18.43 46.91
CA ILE H 37 -1.67 -17.15 46.22
C ILE H 37 -2.17 -15.99 47.07
N THR H 38 -2.17 -14.80 46.48
CA THR H 38 -2.64 -13.59 47.14
C THR H 38 -3.15 -12.63 46.07
N LEU H 39 -4.29 -11.98 46.36
CA LEU H 39 -4.90 -11.08 45.38
C LEU H 39 -3.96 -9.95 44.96
N LYS H 40 -3.22 -9.40 45.91
CA LYS H 40 -2.22 -8.39 45.62
C LYS H 40 -1.11 -8.95 44.73
N ASP H 41 -0.69 -10.18 45.03
CA ASP H 41 0.40 -10.82 44.32
C ASP H 41 0.04 -11.13 42.86
N ILE H 42 -1.18 -11.61 42.64
CA ILE H 42 -1.63 -11.93 41.28
C ILE H 42 -1.67 -10.67 40.42
N VAL H 43 -2.32 -9.63 40.92
CA VAL H 43 -2.45 -8.37 40.20
C VAL H 43 -1.09 -7.81 39.78
N GLN H 44 -0.17 -7.76 40.73
CA GLN H 44 1.17 -7.23 40.46
C GLN H 44 1.88 -8.03 39.38
N THR H 45 1.90 -9.36 39.53
CA THR H 45 2.59 -10.22 38.57
C THR H 45 1.95 -10.14 37.19
N VAL H 46 0.63 -10.23 37.15
CA VAL H 46 -0.11 -10.22 35.88
C VAL H 46 0.07 -8.89 35.14
N ARG H 47 -0.14 -7.78 35.85
CA ARG H 47 -0.04 -6.46 35.22
C ARG H 47 1.37 -6.17 34.75
N SER H 48 2.36 -6.63 35.53
CA SER H 48 3.77 -6.42 35.19
C SER H 48 4.14 -7.09 33.88
N ARG H 49 3.84 -8.37 33.77
CA ARG H 49 4.18 -9.14 32.58
C ARG H 49 3.35 -8.68 31.38
N LEU H 50 2.16 -8.15 31.64
CA LEU H 50 1.34 -7.58 30.58
C LEU H 50 1.96 -6.32 30.02
N GLU H 51 2.41 -5.43 30.91
CA GLU H 51 3.07 -4.21 30.48
C GLU H 51 4.37 -4.52 29.76
N GLU H 52 5.05 -5.58 30.20
CA GLU H 52 6.30 -6.00 29.61
C GLU H 52 6.09 -6.59 28.22
N ALA H 53 4.94 -7.23 28.02
CA ALA H 53 4.63 -7.91 26.76
C ALA H 53 4.11 -6.94 25.70
N GLY H 54 3.82 -5.71 26.12
CA GLY H 54 3.35 -4.70 25.20
C GLY H 54 1.85 -4.46 25.28
N ILE H 55 1.27 -4.73 26.44
CA ILE H 55 -0.15 -4.52 26.65
C ILE H 55 -0.40 -3.58 27.83
N LYS H 56 -0.99 -2.43 27.55
CA LYS H 56 -1.24 -1.42 28.58
C LYS H 56 -2.43 -1.80 29.44
N VAL H 57 -2.30 -1.59 30.76
CA VAL H 57 -3.38 -1.84 31.69
C VAL H 57 -3.90 -0.52 32.26
N HIS H 58 -5.02 -0.05 31.72
CA HIS H 58 -5.58 1.24 32.10
C HIS H 58 -6.18 1.21 33.50
N ASP H 59 -6.76 0.08 33.87
CA ASP H 59 -7.42 -0.06 35.16
C ASP H 59 -7.37 -1.48 35.70
N VAL H 60 -7.21 -1.59 37.02
CA VAL H 60 -7.36 -2.87 37.72
C VAL H 60 -8.42 -2.71 38.81
N ARG H 61 -9.58 -3.33 38.60
CA ARG H 61 -10.70 -3.15 39.51
C ARG H 61 -11.02 -4.42 40.30
N LEU H 62 -11.85 -4.27 41.32
CA LEU H 62 -12.29 -5.40 42.13
C LEU H 62 -13.81 -5.50 42.09
N ASN H 63 -14.32 -6.56 41.46
CA ASN H 63 -15.75 -6.76 41.33
C ASN H 63 -16.26 -7.84 42.29
N GLY H 64 -17.46 -8.34 42.03
CA GLY H 64 -18.04 -9.39 42.83
C GLY H 64 -18.51 -8.93 44.19
N SER H 65 -18.78 -9.87 45.07
CA SER H 65 -19.22 -9.58 46.42
C SER H 65 -18.06 -9.14 47.30
N ALA H 66 -16.84 -9.34 46.80
CA ALA H 66 -15.64 -8.92 47.50
C ALA H 66 -15.60 -7.40 47.62
N ALA H 67 -16.07 -6.73 46.57
CA ALA H 67 -16.16 -5.28 46.55
C ALA H 67 -17.20 -4.79 47.56
N GLY H 68 -18.31 -5.53 47.65
CA GLY H 68 -19.37 -5.20 48.59
C GLY H 68 -18.95 -5.43 50.03
N HIS H 69 -18.10 -6.43 50.24
CA HIS H 69 -17.60 -6.73 51.58
C HIS H 69 -16.69 -5.62 52.08
N VAL H 70 -16.00 -4.97 51.15
CA VAL H 70 -15.12 -3.85 51.49
C VAL H 70 -15.93 -2.63 51.92
N LEU H 71 -16.95 -2.30 51.14
CA LEU H 71 -17.80 -1.14 51.44
C LEU H 71 -18.67 -1.38 52.66
N VAL H 72 -19.21 -2.59 52.78
CA VAL H 72 -19.97 -2.98 53.96
C VAL H 72 -19.53 -4.36 54.45
N LYS H 73 -18.91 -4.40 55.63
CA LYS H 73 -18.37 -5.63 56.19
C LYS H 73 -19.46 -6.61 56.57
N ASP H 74 -19.32 -7.87 56.09
CA ASP H 74 -20.27 -8.93 56.38
C ASP H 74 -21.70 -8.52 56.04
N ASN H 75 -21.91 -8.08 54.80
CA ASN H 75 -23.18 -7.52 54.37
C ASN H 75 -24.25 -8.56 54.12
N GLY H 76 -23.85 -9.82 54.01
CA GLY H 76 -24.78 -10.91 53.80
C GLY H 76 -24.58 -11.63 52.48
N LEU H 77 -23.79 -11.03 51.60
CA LEU H 77 -23.47 -11.64 50.31
C LEU H 77 -22.20 -12.46 50.40
N GLY H 78 -21.54 -12.37 51.55
CA GLY H 78 -20.30 -13.10 51.77
C GLY H 78 -19.13 -12.50 51.04
N CYS H 79 -18.02 -13.22 51.03
CA CYS H 79 -16.80 -12.76 50.35
C CYS H 79 -16.10 -13.93 49.66
N LYS H 80 -16.87 -14.74 48.96
CA LYS H 80 -16.34 -15.91 48.27
C LYS H 80 -15.91 -15.58 46.84
N ASP H 81 -16.53 -14.55 46.27
CA ASP H 81 -16.27 -14.18 44.89
C ASP H 81 -15.15 -13.14 44.77
N LEU H 82 -13.94 -13.62 44.57
CA LEU H 82 -12.78 -12.75 44.38
C LEU H 82 -12.56 -12.46 42.90
N ASP H 83 -13.21 -11.42 42.41
CA ASP H 83 -13.18 -11.09 40.98
C ASP H 83 -12.28 -9.90 40.69
N LEU H 84 -11.37 -10.08 39.74
CA LEU H 84 -10.46 -9.02 39.34
C LEU H 84 -10.71 -8.58 37.89
N ILE H 85 -10.83 -7.28 37.68
CA ILE H 85 -11.06 -6.74 36.35
C ILE H 85 -9.83 -6.00 35.83
N PHE H 86 -9.35 -6.40 34.66
CA PHE H 86 -8.22 -5.75 34.02
C PHE H 86 -8.65 -5.04 32.74
N HIS H 87 -8.89 -3.74 32.81
CA HIS H 87 -9.25 -2.96 31.63
C HIS H 87 -8.10 -2.98 30.63
N VAL H 88 -8.17 -3.92 29.69
CA VAL H 88 -7.07 -4.17 28.76
C VAL H 88 -7.56 -4.23 27.31
N ALA H 89 -6.89 -3.51 26.42
CA ALA H 89 -7.24 -3.51 25.00
C ALA H 89 -6.91 -4.85 24.34
N LEU H 90 -7.81 -5.32 23.48
CA LEU H 90 -7.64 -6.61 22.82
C LEU H 90 -7.98 -6.53 21.33
N PRO H 91 -7.02 -6.09 20.52
CA PRO H 91 -7.22 -5.97 19.06
C PRO H 91 -7.21 -7.31 18.33
N THR H 92 -6.03 -7.86 18.10
CA THR H 92 -5.87 -9.11 17.38
C THR H 92 -6.01 -10.28 18.34
N GLU H 93 -6.31 -11.46 17.82
CA GLU H 93 -6.41 -12.69 18.62
C GLU H 93 -5.09 -12.98 19.33
N ALA H 94 -4.01 -12.43 18.79
CA ALA H 94 -2.69 -12.60 19.38
C ALA H 94 -2.65 -12.07 20.81
N GLU H 95 -3.31 -10.94 21.04
CA GLU H 95 -3.38 -10.33 22.36
C GLU H 95 -4.16 -11.21 23.33
N PHE H 96 -5.17 -11.91 22.82
CA PHE H 96 -5.93 -12.86 23.63
C PHE H 96 -5.04 -13.99 24.11
N GLN H 97 -4.09 -14.38 23.25
CA GLN H 97 -3.14 -15.43 23.59
C GLN H 97 -2.15 -14.95 24.64
N LEU H 98 -1.71 -13.70 24.50
CA LEU H 98 -0.75 -13.11 25.44
C LEU H 98 -1.33 -13.03 26.85
N VAL H 99 -2.62 -12.75 26.93
CA VAL H 99 -3.32 -12.70 28.21
C VAL H 99 -3.27 -14.07 28.89
N ARG H 100 -3.50 -15.11 28.10
CA ARG H 100 -3.45 -16.47 28.60
C ARG H 100 -2.03 -16.86 29.01
N ASP H 101 -1.04 -16.38 28.25
CA ASP H 101 0.35 -16.65 28.56
C ASP H 101 0.76 -16.02 29.89
N VAL H 102 0.30 -14.79 30.13
CA VAL H 102 0.63 -14.06 31.34
C VAL H 102 0.08 -14.74 32.60
N VAL H 103 -1.19 -15.12 32.54
CA VAL H 103 -1.85 -15.77 33.67
C VAL H 103 -1.18 -17.11 34.01
N LEU H 104 -0.88 -17.89 32.98
CA LEU H 104 -0.20 -19.17 33.16
C LEU H 104 1.22 -18.97 33.68
N CYS H 105 1.86 -17.89 33.22
CA CYS H 105 3.19 -17.53 33.71
C CYS H 105 3.11 -17.20 35.18
N SER H 106 2.13 -16.41 35.56
CA SER H 106 1.96 -16.00 36.95
C SER H 106 1.58 -17.18 37.83
N LEU H 107 0.97 -18.20 37.23
CA LEU H 107 0.63 -19.42 37.95
C LEU H 107 1.87 -20.19 38.38
N LEU H 108 2.92 -20.08 37.56
CA LEU H 108 4.19 -20.73 37.84
C LEU H 108 4.89 -20.10 39.03
N ASN H 109 4.45 -18.90 39.40
CA ASN H 109 5.12 -18.10 40.41
C ASN H 109 4.82 -18.54 41.84
N PHE H 110 3.63 -19.09 42.06
CA PHE H 110 3.16 -19.37 43.43
C PHE H 110 3.40 -20.80 43.90
N LEU H 111 4.13 -21.58 43.10
CA LEU H 111 4.42 -22.97 43.47
C LEU H 111 5.31 -23.04 44.72
N PRO H 122 2.95 -24.93 30.43
CA PRO H 122 1.77 -24.06 30.42
C PRO H 122 0.46 -24.84 30.24
N VAL H 123 0.55 -26.06 29.71
CA VAL H 123 -0.62 -26.89 29.52
C VAL H 123 -1.01 -27.62 30.82
N THR H 124 -0.02 -28.20 31.49
CA THR H 124 -0.26 -28.94 32.73
C THR H 124 -0.76 -28.04 33.84
N LEU H 125 -0.32 -26.78 33.82
CA LEU H 125 -0.77 -25.80 34.80
C LEU H 125 -2.23 -25.42 34.58
N LYS H 126 -2.65 -25.43 33.32
CA LYS H 126 -4.04 -25.12 32.97
C LYS H 126 -4.97 -26.24 33.43
N GLU H 127 -4.57 -27.48 33.19
CA GLU H 127 -5.41 -28.63 33.51
C GLU H 127 -5.29 -29.05 34.96
N ALA H 128 -4.90 -28.12 35.82
CA ALA H 128 -4.72 -28.42 37.24
C ALA H 128 -5.15 -27.25 38.13
N TYR H 129 -5.11 -26.05 37.57
CA TYR H 129 -5.42 -24.84 38.35
C TYR H 129 -6.54 -24.03 37.72
N VAL H 130 -6.73 -24.17 36.41
CA VAL H 130 -7.78 -23.46 35.70
C VAL H 130 -9.02 -24.33 35.56
N GLN H 131 -10.17 -23.80 35.97
CA GLN H 131 -11.42 -24.55 35.90
C GLN H 131 -12.36 -23.96 34.85
N LYS H 132 -12.14 -22.71 34.46
CA LYS H 132 -13.01 -22.04 33.50
C LYS H 132 -12.22 -21.09 32.60
N LEU H 133 -12.61 -21.02 31.33
CA LEU H 133 -11.96 -20.14 30.37
C LEU H 133 -12.96 -19.65 29.33
N VAL H 134 -13.14 -18.33 29.24
CA VAL H 134 -14.14 -17.75 28.35
C VAL H 134 -13.53 -16.72 27.41
N LYS H 135 -13.70 -16.94 26.11
CA LYS H 135 -13.23 -15.98 25.10
C LYS H 135 -14.41 -15.30 24.42
N VAL H 136 -14.39 -13.97 24.42
CA VAL H 136 -15.47 -13.20 23.80
C VAL H 136 -14.92 -12.07 22.93
N CYS H 137 -15.35 -12.06 21.67
CA CYS H 137 -14.96 -11.01 20.72
C CYS H 137 -16.08 -10.74 19.72
N THR H 138 -17.00 -9.85 20.10
CA THR H 138 -18.16 -9.55 19.26
C THR H 138 -18.18 -8.09 18.82
N ASP H 139 -19.38 -7.54 18.68
CA ASP H 139 -19.56 -6.15 18.28
C ASP H 139 -19.07 -5.21 19.37
N THR H 140 -19.72 -5.27 20.52
CA THR H 140 -19.36 -4.43 21.65
C THR H 140 -18.65 -5.24 22.73
N ASP H 141 -19.15 -6.44 23.00
CA ASP H 141 -18.51 -7.34 23.96
C ASP H 141 -17.15 -7.80 23.45
N ARG H 142 -16.14 -7.71 24.32
CA ARG H 142 -14.78 -8.07 23.95
C ARG H 142 -13.91 -8.24 25.20
N TRP H 143 -13.80 -9.48 25.68
CA TRP H 143 -13.05 -9.77 26.89
C TRP H 143 -12.66 -11.24 27.02
N SER H 144 -11.75 -11.52 27.95
CA SER H 144 -11.31 -12.88 28.24
C SER H 144 -11.38 -13.15 29.75
N LEU H 145 -11.73 -14.37 30.11
CA LEU H 145 -11.92 -14.72 31.53
C LEU H 145 -11.22 -16.02 31.89
N ILE H 146 -10.53 -16.02 33.03
CA ILE H 146 -9.88 -17.22 33.55
C ILE H 146 -10.22 -17.39 35.02
N SER H 147 -10.65 -18.59 35.40
CA SER H 147 -11.03 -18.86 36.78
C SER H 147 -10.13 -19.92 37.40
N LEU H 148 -10.08 -19.94 38.73
CA LEU H 148 -9.27 -20.91 39.45
C LEU H 148 -10.14 -21.85 40.27
N SER H 149 -9.56 -22.98 40.67
CA SER H 149 -10.30 -24.03 41.37
C SER H 149 -10.89 -23.54 42.69
N ASN H 150 -12.15 -23.90 42.93
CA ASN H 150 -12.86 -23.48 44.12
C ASN H 150 -12.97 -24.59 45.17
N LYS H 151 -12.34 -24.38 46.32
CA LYS H 151 -12.38 -25.35 47.40
C LYS H 151 -12.06 -24.69 48.73
N LYS H 154 -13.03 -20.89 48.23
CA LYS H 154 -12.67 -19.62 47.60
C LYS H 154 -12.37 -19.79 46.12
N ASN H 155 -12.84 -18.85 45.32
CA ASN H 155 -12.63 -18.89 43.87
C ASN H 155 -12.18 -17.54 43.31
N VAL H 156 -11.08 -17.56 42.58
CA VAL H 156 -10.51 -16.35 42.01
C VAL H 156 -10.78 -16.27 40.50
N GLN H 157 -11.36 -15.16 40.06
CA GLN H 157 -11.69 -14.97 38.66
C GLN H 157 -10.93 -13.80 38.06
N LEU H 158 -10.06 -14.09 37.10
CA LEU H 158 -9.30 -13.05 36.40
C LEU H 158 -10.00 -12.67 35.09
N LYS H 159 -10.67 -11.52 35.10
CA LYS H 159 -11.39 -11.05 33.93
C LYS H 159 -10.63 -9.92 33.25
N PHE H 160 -10.57 -9.97 31.92
CA PHE H 160 -9.80 -8.99 31.15
C PHE H 160 -10.70 -8.25 30.16
N VAL H 161 -11.33 -7.17 30.63
CA VAL H 161 -12.34 -6.46 29.85
C VAL H 161 -11.77 -5.35 28.99
N ASP H 162 -11.99 -5.45 27.67
CA ASP H 162 -11.68 -4.36 26.76
C ASP H 162 -12.90 -3.45 26.64
N SER H 163 -14.03 -4.05 26.27
CA SER H 163 -15.30 -3.34 26.22
C SER H 163 -16.43 -4.32 26.41
N ILE H 164 -17.35 -3.99 27.32
CA ILE H 164 -18.48 -4.86 27.61
C ILE H 164 -19.79 -4.11 27.34
N ARG H 165 -20.86 -4.84 27.07
CA ARG H 165 -22.14 -4.21 26.75
C ARG H 165 -22.87 -3.70 27.98
N ARG H 166 -22.11 -3.41 29.03
CA ARG H 166 -22.66 -2.96 30.31
C ARG H 166 -23.74 -3.92 30.80
N SER H 171 -28.17 -3.65 42.01
CA SER H 171 -27.37 -2.58 42.58
C SER H 171 -26.50 -3.04 43.75
N VAL H 172 -26.91 -4.15 44.37
CA VAL H 172 -26.24 -4.65 45.57
C VAL H 172 -24.85 -5.21 45.25
N ASP H 173 -24.70 -5.82 44.08
CA ASP H 173 -23.43 -6.44 43.69
C ASP H 173 -22.92 -5.90 42.36
N SER H 174 -23.01 -4.58 42.18
CA SER H 174 -22.53 -3.94 40.97
C SER H 174 -21.36 -3.02 41.29
N PHE H 175 -20.73 -3.25 42.44
CA PHE H 175 -19.65 -2.40 42.92
C PHE H 175 -18.30 -2.79 42.35
N GLN H 176 -17.54 -1.78 41.92
CA GLN H 176 -16.17 -1.98 41.45
C GLN H 176 -15.24 -0.99 42.15
N ILE H 177 -14.13 -1.51 42.67
CA ILE H 177 -13.17 -0.68 43.39
C ILE H 177 -11.84 -0.56 42.65
N ILE H 178 -11.50 0.66 42.25
CA ILE H 178 -10.27 0.91 41.51
C ILE H 178 -9.05 0.74 42.42
N LEU H 179 -8.19 -0.22 42.06
CA LEU H 179 -7.06 -0.57 42.89
C LEU H 179 -5.78 0.17 42.54
N ASP H 180 -5.81 0.93 41.45
CA ASP H 180 -4.61 1.60 40.93
C ASP H 180 -3.88 2.45 41.97
N SER H 181 -4.65 3.15 42.80
CA SER H 181 -4.08 4.03 43.82
C SER H 181 -3.36 3.22 44.89
N LEU H 182 -3.85 2.02 45.16
CA LEU H 182 -3.26 1.15 46.17
C LEU H 182 -2.12 0.33 45.59
N LEU H 183 -2.22 0.03 44.29
CA LEU H 183 -1.15 -0.67 43.59
C LEU H 183 0.08 0.22 43.48
N PHE H 184 -0.15 1.51 43.30
CA PHE H 184 0.91 2.50 43.28
C PHE H 184 1.57 2.56 44.66
N PHE H 185 0.74 2.48 45.69
CA PHE H 185 1.22 2.53 47.07
C PHE H 185 2.11 1.33 47.39
N TYR H 186 1.66 0.15 47.01
CA TYR H 186 2.39 -1.09 47.29
C TYR H 186 3.78 -1.10 46.66
N HIS H 198 -2.58 6.85 54.12
CA HIS H 198 -3.07 5.83 53.20
C HIS H 198 -3.50 6.46 51.88
N PRO H 199 -3.39 5.71 50.77
CA PRO H 199 -3.80 6.22 49.46
C PRO H 199 -5.30 6.40 49.33
N THR H 200 -5.71 7.32 48.48
CA THR H 200 -7.14 7.58 48.24
C THR H 200 -7.70 6.58 47.22
N VAL H 201 -8.62 5.73 47.68
CA VAL H 201 -9.20 4.71 46.82
C VAL H 201 -10.65 5.05 46.45
N ILE H 202 -10.94 4.99 45.15
CA ILE H 202 -12.27 5.33 44.65
C ILE H 202 -13.09 4.09 44.29
N GLY H 203 -14.29 4.01 44.83
CA GLY H 203 -15.22 2.95 44.48
C GLY H 203 -16.31 3.47 43.56
N GLU H 204 -16.74 2.63 42.63
CA GLU H 204 -17.77 3.02 41.67
C GLU H 204 -18.92 2.03 41.65
N SER H 205 -20.00 2.42 40.98
CA SER H 205 -21.15 1.55 40.83
C SER H 205 -21.59 1.49 39.37
N UNK H 206 -40.45 -11.50 8.69
CA UNK H 206 -40.83 -11.19 10.09
C UNK H 206 -41.91 -12.16 10.54
N UNK H 207 -43.17 -11.71 10.53
CA UNK H 207 -44.29 -12.61 10.88
C UNK H 207 -44.35 -13.74 9.85
N UNK H 208 -44.12 -13.41 8.57
CA UNK H 208 -44.11 -14.43 7.51
C UNK H 208 -42.98 -15.41 7.78
N UNK H 209 -41.82 -14.90 8.21
CA UNK H 209 -40.68 -15.77 8.51
C UNK H 209 -41.07 -16.71 9.65
N UNK H 210 -41.78 -16.18 10.66
CA UNK H 210 -42.20 -17.01 11.81
C UNK H 210 -43.16 -18.10 11.32
N UNK H 211 -44.07 -17.76 10.41
CA UNK H 211 -45.03 -18.75 9.89
C UNK H 211 -44.26 -19.84 9.13
N UNK H 212 -43.26 -19.44 8.36
CA UNK H 212 -42.46 -20.42 7.58
C UNK H 212 -41.74 -21.34 8.55
N UNK H 213 -41.22 -20.77 9.65
CA UNK H 213 -40.50 -21.57 10.67
C UNK H 213 -41.46 -22.57 11.31
N UNK H 214 -42.70 -22.15 11.58
CA UNK H 214 -43.69 -23.07 12.16
C UNK H 214 -43.95 -24.20 11.17
N UNK H 215 -44.05 -23.85 9.90
CA UNK H 215 -44.30 -24.88 8.86
C UNK H 215 -43.12 -25.86 8.86
N UNK H 216 -41.89 -25.34 8.99
CA UNK H 216 -40.68 -26.18 9.00
C UNK H 216 -40.70 -27.12 10.21
N UNK H 217 -41.13 -26.61 11.36
CA UNK H 217 -41.22 -27.46 12.58
C UNK H 217 -42.24 -28.57 12.34
N UNK H 218 -43.36 -28.22 11.71
CA UNK H 218 -44.39 -29.25 11.40
C UNK H 218 -43.79 -30.30 10.48
N UNK H 219 -42.99 -29.86 9.49
CA UNK H 219 -42.36 -30.79 8.54
C UNK H 219 -41.39 -31.71 9.28
N UNK H 220 -40.64 -31.17 10.23
CA UNK H 220 -39.69 -31.99 11.02
C UNK H 220 -40.47 -33.02 11.81
N UNK H 221 -41.62 -32.60 12.36
CA UNK H 221 -42.46 -33.54 13.14
C UNK H 221 -42.95 -34.66 12.22
N UNK H 222 -43.35 -34.31 11.00
CA UNK H 222 -43.84 -35.33 10.04
C UNK H 222 -42.68 -36.29 9.71
N UNK H 223 -41.47 -35.75 9.55
CA UNK H 223 -40.29 -36.58 9.23
C UNK H 223 -40.05 -37.56 10.37
N UNK H 224 -40.21 -37.09 11.61
CA UNK H 224 -40.07 -38.00 12.76
C UNK H 224 -41.16 -39.08 12.67
N VAL I 13 -16.10 -13.06 14.97
CA VAL I 13 -16.82 -13.79 16.03
C VAL I 13 -16.13 -15.07 16.57
N ASN I 14 -15.82 -15.03 17.85
CA ASN I 14 -15.20 -16.15 18.54
C ASN I 14 -15.88 -16.38 19.86
N ILE I 15 -16.11 -17.64 20.19
CA ILE I 15 -16.66 -18.01 21.49
C ILE I 15 -16.03 -19.32 21.92
N GLU I 16 -15.22 -19.31 22.97
CA GLU I 16 -14.50 -20.50 23.40
C GLU I 16 -14.65 -20.70 24.91
N PHE I 17 -15.12 -21.88 25.31
CA PHE I 17 -15.36 -22.30 26.69
C PHE I 17 -14.62 -23.59 26.96
N GLU I 18 -13.90 -23.67 28.09
CA GLU I 18 -13.31 -24.92 28.59
C GLU I 18 -13.59 -25.04 30.07
N ALA I 19 -13.97 -26.22 30.53
CA ALA I 19 -14.12 -26.47 31.95
C ALA I 19 -13.36 -27.74 32.31
N TYR I 20 -12.42 -27.63 33.25
CA TYR I 20 -11.74 -28.80 33.77
C TYR I 20 -12.29 -29.21 35.13
N SER I 21 -13.44 -28.72 35.52
CA SER I 21 -13.95 -28.87 36.87
C SER I 21 -15.13 -29.82 36.98
N LEU I 22 -15.17 -30.85 36.15
CA LEU I 22 -16.36 -31.69 36.13
C LEU I 22 -16.18 -32.89 37.04
N SER I 23 -17.30 -33.41 37.53
CA SER I 23 -17.31 -34.63 38.30
C SER I 23 -17.47 -35.83 37.37
N ASP I 24 -17.01 -36.99 37.86
CA ASP I 24 -17.01 -38.21 37.05
C ASP I 24 -18.39 -38.53 36.52
N ASN I 25 -19.43 -38.26 37.31
CA ASN I 25 -20.81 -38.51 36.89
C ASN I 25 -21.41 -37.36 36.08
N ASP I 26 -20.86 -36.15 36.19
CA ASP I 26 -21.20 -35.09 35.23
C ASP I 26 -20.73 -35.46 33.83
N TYR I 27 -19.46 -35.88 33.71
CA TYR I 27 -18.96 -36.45 32.47
C TYR I 27 -19.84 -37.62 32.04
N ASP I 28 -20.15 -38.50 32.98
CA ASP I 28 -20.85 -39.74 32.66
C ASP I 28 -22.28 -39.48 32.20
N GLY I 29 -22.90 -38.39 32.68
CA GLY I 29 -24.24 -38.04 32.25
C GLY I 29 -24.24 -37.43 30.88
N ILE I 30 -23.35 -36.46 30.66
CA ILE I 30 -23.22 -35.82 29.36
C ILE I 30 -22.89 -36.85 28.29
N LYS I 31 -22.06 -37.85 28.60
CA LYS I 31 -21.79 -38.92 27.63
C LYS I 31 -23.08 -39.61 27.21
N LYS I 32 -23.92 -39.99 28.17
CA LYS I 32 -25.21 -40.53 27.81
C LYS I 32 -26.01 -39.54 26.96
N LEU I 33 -25.95 -38.25 27.29
CA LEU I 33 -26.72 -37.26 26.54
C LEU I 33 -26.31 -37.27 25.08
N LEU I 34 -24.99 -37.31 24.83
CA LEU I 34 -24.48 -37.33 23.48
C LEU I 34 -24.83 -38.62 22.80
N GLN I 35 -24.96 -39.70 23.56
CA GLN I 35 -25.16 -40.99 22.93
C GLN I 35 -26.55 -41.11 22.33
N GLN I 36 -27.58 -40.72 23.06
CA GLN I 36 -28.89 -40.63 22.44
C GLN I 36 -28.83 -39.82 21.16
N LEU I 37 -28.10 -38.70 21.19
CA LEU I 37 -27.97 -37.89 19.98
C LEU I 37 -27.46 -38.70 18.83
N PHE I 38 -26.57 -39.63 19.12
CA PHE I 38 -25.99 -40.46 18.06
C PHE I 38 -27.03 -41.43 17.53
N LEU I 39 -27.61 -42.22 18.42
CA LEU I 39 -28.65 -43.17 18.08
C LEU I 39 -29.81 -42.50 17.35
N LYS I 40 -29.99 -41.19 17.49
CA LYS I 40 -31.17 -40.55 16.97
C LYS I 40 -31.00 -40.07 15.53
N ALA I 41 -29.87 -40.40 14.89
CA ALA I 41 -29.65 -39.92 13.52
C ALA I 41 -29.21 -41.03 12.57
N PRO I 42 -29.01 -40.74 11.26
CA PRO I 42 -28.44 -41.75 10.33
C PRO I 42 -26.97 -42.13 10.64
N VAL I 43 -26.67 -43.48 10.64
CA VAL I 43 -25.34 -44.06 10.91
C VAL I 43 -24.65 -44.50 9.63
N ASN I 44 -23.34 -44.20 9.52
CA ASN I 44 -22.65 -44.19 8.24
C ASN I 44 -21.46 -45.14 8.19
N THR I 45 -21.24 -45.70 7.00
CA THR I 45 -20.24 -46.72 6.72
C THR I 45 -19.89 -46.71 5.23
N ALA I 46 -18.61 -46.61 4.91
CA ALA I 46 -18.09 -46.98 3.56
C ALA I 46 -16.55 -47.00 3.53
N ASP I 66 -4.92 -44.24 28.17
CA ASP I 66 -5.70 -43.85 27.00
C ASP I 66 -6.66 -42.70 27.30
N VAL I 67 -7.39 -42.27 26.27
CA VAL I 67 -8.30 -41.15 26.35
C VAL I 67 -9.62 -41.51 25.69
N GLU I 68 -10.68 -40.85 26.16
CA GLU I 68 -12.02 -40.84 25.58
C GLU I 68 -12.32 -39.45 25.03
N VAL I 69 -13.03 -39.38 23.90
CA VAL I 69 -13.56 -38.11 23.39
C VAL I 69 -14.92 -38.32 22.76
N PHE I 70 -15.90 -37.51 23.16
CA PHE I 70 -17.24 -37.61 22.60
C PHE I 70 -17.79 -36.21 22.37
N GLY I 71 -18.59 -36.05 21.31
CA GLY I 71 -19.18 -34.76 21.01
C GLY I 71 -19.56 -34.65 19.54
N PHE I 72 -19.64 -33.41 19.08
CA PHE I 72 -20.02 -33.17 17.69
C PHE I 72 -19.37 -31.91 17.19
N ILE I 73 -19.26 -31.81 15.87
CA ILE I 73 -18.70 -30.65 15.20
C ILE I 73 -19.68 -30.27 14.12
N SER I 74 -20.30 -29.12 14.26
CA SER I 74 -21.38 -28.73 13.37
C SER I 74 -20.91 -27.50 12.60
N LEU I 75 -21.00 -27.56 11.28
CA LEU I 75 -20.69 -26.43 10.41
C LEU I 75 -21.90 -25.50 10.35
N LEU I 76 -21.63 -24.19 10.33
CA LEU I 76 -22.71 -23.22 10.36
C LEU I 76 -22.43 -22.13 9.33
N ASN I 77 -23.49 -21.46 8.88
CA ASN I 77 -23.42 -20.31 7.98
C ASN I 77 -23.98 -19.09 8.68
N LEU I 78 -23.14 -18.09 8.93
CA LEU I 78 -23.57 -16.96 9.75
C LEU I 78 -24.29 -15.86 8.98
N THR I 79 -24.37 -15.97 7.66
CA THR I 79 -25.19 -15.05 6.90
C THR I 79 -26.66 -15.47 6.88
N GLU I 80 -27.02 -16.56 7.56
CA GLU I 80 -28.36 -17.11 7.60
C GLU I 80 -29.06 -16.74 8.91
N ARG I 81 -30.39 -16.84 8.93
CA ARG I 81 -31.15 -16.70 10.18
C ARG I 81 -30.84 -17.83 11.15
N LYS I 82 -30.94 -19.08 10.68
CA LYS I 82 -30.57 -20.22 11.49
C LYS I 82 -29.19 -20.04 12.10
N GLY I 83 -28.20 -19.69 11.28
CA GLY I 83 -26.84 -19.53 11.77
C GLY I 83 -26.73 -18.60 12.97
N THR I 84 -27.26 -17.39 12.84
CA THR I 84 -27.20 -16.44 13.94
C THR I 84 -28.22 -16.73 15.04
N GLN I 85 -29.32 -17.43 14.76
CA GLN I 85 -30.25 -17.80 15.82
C GLN I 85 -29.64 -18.83 16.76
N CYS I 86 -28.87 -19.76 16.18
CA CYS I 86 -28.06 -20.69 16.96
C CYS I 86 -27.14 -19.94 17.91
N VAL I 87 -26.35 -19.02 17.34
CA VAL I 87 -25.32 -18.33 18.12
C VAL I 87 -25.92 -17.65 19.35
N GLU I 88 -27.08 -17.01 19.20
CA GLU I 88 -27.76 -16.47 20.37
C GLU I 88 -27.95 -17.53 21.44
N GLN I 89 -28.38 -18.74 21.06
CA GLN I 89 -28.52 -19.80 22.05
C GLN I 89 -27.18 -20.22 22.61
N ILE I 90 -26.21 -20.51 21.73
CA ILE I 90 -24.88 -20.91 22.16
C ILE I 90 -24.30 -19.87 23.11
N GLN I 91 -24.25 -18.62 22.67
CA GLN I 91 -23.75 -17.57 23.54
C GLN I 91 -24.52 -17.51 24.85
N GLU I 92 -25.82 -17.80 24.82
CA GLU I 92 -26.56 -17.70 26.08
C GLU I 92 -26.23 -18.84 27.02
N LEU I 93 -26.10 -20.05 26.46
CA LEU I 93 -25.65 -21.19 27.26
C LEU I 93 -24.31 -20.90 27.92
N VAL I 94 -23.35 -20.40 27.15
CA VAL I 94 -22.02 -20.12 27.70
C VAL I 94 -22.11 -19.06 28.77
N LEU I 95 -22.88 -18.01 28.53
CA LEU I 95 -23.10 -17.01 29.56
C LEU I 95 -23.65 -17.68 30.83
N ARG I 96 -24.59 -18.60 30.66
CA ARG I 96 -25.18 -19.25 31.81
C ARG I 96 -24.22 -20.24 32.46
N PHE I 97 -23.23 -20.74 31.73
CA PHE I 97 -22.21 -21.60 32.32
C PHE I 97 -21.21 -20.80 33.14
N CYS I 98 -21.20 -19.49 32.96
CA CYS I 98 -20.35 -18.64 33.74
C CYS I 98 -21.03 -18.21 35.01
N GLU I 99 -22.03 -18.96 35.45
CA GLU I 99 -22.58 -18.67 36.76
C GLU I 99 -21.69 -19.31 37.82
N LYS I 100 -21.84 -18.85 39.05
CA LYS I 100 -20.87 -19.20 40.08
C LYS I 100 -21.00 -20.66 40.50
N ASN I 101 -22.18 -21.06 40.97
CA ASN I 101 -22.38 -22.43 41.46
C ASN I 101 -22.90 -23.35 40.36
N CYS I 102 -22.58 -23.03 39.12
CA CYS I 102 -23.22 -23.63 37.95
C CYS I 102 -22.46 -24.86 37.45
N GLU I 103 -22.57 -25.94 38.22
CA GLU I 103 -21.82 -27.13 37.80
C GLU I 103 -22.64 -28.39 37.73
N LYS I 104 -23.41 -28.70 38.78
CA LYS I 104 -24.32 -29.82 38.65
C LYS I 104 -25.35 -29.56 37.58
N SER I 105 -25.75 -28.28 37.44
CA SER I 105 -26.72 -27.87 36.43
C SER I 105 -26.27 -28.15 35.00
N MET I 106 -24.96 -28.29 34.80
CA MET I 106 -24.44 -28.52 33.45
C MET I 106 -25.19 -29.64 32.76
N VAL I 107 -25.45 -30.72 33.48
CA VAL I 107 -25.98 -31.88 32.79
C VAL I 107 -27.43 -31.61 32.38
N GLU I 108 -28.21 -30.98 33.26
CA GLU I 108 -29.58 -30.58 32.90
C GLU I 108 -29.62 -29.50 31.85
N GLN I 109 -28.74 -28.49 31.94
CA GLN I 109 -28.78 -27.41 30.96
C GLN I 109 -28.40 -27.90 29.56
N LEU I 110 -27.47 -28.83 29.48
CA LEU I 110 -27.16 -29.46 28.20
C LEU I 110 -28.33 -30.28 27.69
N ASP I 111 -29.11 -30.90 28.59
CA ASP I 111 -30.27 -31.69 28.18
C ASP I 111 -31.24 -30.86 27.34
N LYS I 112 -31.58 -29.65 27.80
CA LYS I 112 -32.38 -28.75 26.99
C LYS I 112 -31.63 -28.38 25.71
N PHE I 113 -30.47 -27.76 25.88
CA PHE I 113 -29.66 -27.20 24.80
C PHE I 113 -29.74 -28.00 23.52
N LEU I 114 -29.32 -29.24 23.60
CA LEU I 114 -29.17 -30.07 22.43
C LEU I 114 -30.35 -31.01 22.16
N ASN I 115 -31.21 -31.26 23.13
CA ASN I 115 -32.38 -32.10 22.88
C ASN I 115 -33.67 -31.31 22.66
N ASP I 116 -33.67 -29.99 22.82
CA ASP I 116 -34.84 -29.15 22.53
C ASP I 116 -34.94 -28.81 21.05
N THR I 117 -35.83 -29.52 20.35
CA THR I 117 -36.06 -29.18 18.95
C THR I 117 -36.86 -27.89 18.76
N THR I 118 -37.49 -27.35 19.83
CA THR I 118 -38.20 -26.04 19.82
C THR I 118 -37.26 -24.85 19.83
N LYS I 119 -35.98 -25.17 19.63
CA LYS I 119 -34.83 -24.29 19.82
C LYS I 119 -33.83 -24.51 18.69
N PRO I 120 -33.08 -23.46 18.33
CA PRO I 120 -32.19 -23.56 17.16
C PRO I 120 -31.19 -24.70 17.24
N VAL I 121 -30.48 -24.83 18.37
CA VAL I 121 -29.40 -25.79 18.49
C VAL I 121 -29.95 -27.21 18.62
N GLY I 122 -30.99 -27.40 19.42
CA GLY I 122 -31.63 -28.71 19.47
C GLY I 122 -32.32 -29.08 18.17
N LEU I 123 -32.75 -28.09 17.40
CA LEU I 123 -33.30 -28.35 16.08
C LEU I 123 -32.20 -28.66 15.05
N LEU I 124 -31.07 -27.94 15.11
CA LEU I 124 -30.01 -28.18 14.13
C LEU I 124 -29.40 -29.57 14.30
N LEU I 125 -29.49 -30.15 15.50
CA LEU I 125 -28.93 -31.47 15.77
C LEU I 125 -29.88 -32.61 15.47
N SER I 126 -31.16 -32.34 15.24
CA SER I 126 -32.07 -33.37 14.79
C SER I 126 -32.02 -33.56 13.27
N GLU I 127 -31.94 -32.46 12.52
CA GLU I 127 -31.74 -32.50 11.07
C GLU I 127 -30.27 -32.73 10.72
N ARG I 128 -30.02 -33.50 9.64
CA ARG I 128 -28.65 -33.66 9.07
C ARG I 128 -27.53 -33.93 10.10
N PHE I 129 -27.83 -34.65 11.20
CA PHE I 129 -26.78 -35.18 12.07
C PHE I 129 -26.27 -36.48 11.47
N ILE I 130 -24.97 -36.57 11.20
CA ILE I 130 -24.40 -37.78 10.61
C ILE I 130 -23.37 -38.37 11.58
N ASN I 131 -23.34 -39.71 11.68
CA ASN I 131 -22.41 -40.44 12.56
C ASN I 131 -21.30 -41.08 11.75
N VAL I 132 -20.11 -40.52 11.88
CA VAL I 132 -18.97 -41.03 11.13
C VAL I 132 -18.19 -42.03 11.97
N PRO I 133 -17.66 -43.08 11.35
CA PRO I 133 -16.80 -44.03 12.06
C PRO I 133 -15.53 -43.37 12.59
N PRO I 134 -14.80 -44.04 13.50
CA PRO I 134 -13.69 -43.34 14.19
C PRO I 134 -12.54 -42.95 13.27
N GLN I 135 -12.25 -43.75 12.24
CA GLN I 135 -11.22 -43.39 11.27
C GLN I 135 -11.52 -42.05 10.58
N ILE I 136 -12.79 -41.70 10.42
CA ILE I 136 -13.12 -40.35 10.01
C ILE I 136 -12.93 -39.38 11.17
N ALA I 137 -13.41 -39.76 12.35
CA ALA I 137 -13.59 -38.79 13.42
C ALA I 137 -12.24 -38.24 13.91
N LEU I 138 -11.26 -39.13 14.16
CA LEU I 138 -9.98 -38.69 14.70
C LEU I 138 -9.34 -37.54 13.93
N PRO I 139 -9.22 -37.59 12.59
CA PRO I 139 -8.69 -36.43 11.85
C PRO I 139 -9.40 -35.12 12.15
N MET I 140 -10.72 -35.19 12.27
CA MET I 140 -11.48 -33.98 12.53
C MET I 140 -11.24 -33.46 13.94
N TYR I 141 -11.18 -34.36 14.93
CA TYR I 141 -10.80 -33.93 16.27
C TYR I 141 -9.47 -33.22 16.21
N GLN I 142 -8.45 -33.94 15.75
CA GLN I 142 -7.10 -33.44 15.76
C GLN I 142 -6.97 -32.08 15.09
N GLN I 143 -7.69 -31.87 13.99
CA GLN I 143 -7.57 -30.56 13.35
C GLN I 143 -8.29 -29.48 14.16
N LEU I 144 -9.47 -29.79 14.71
CA LEU I 144 -10.05 -28.85 15.64
C LEU I 144 -9.09 -28.55 16.77
N GLN I 145 -8.40 -29.58 17.26
CA GLN I 145 -7.48 -29.37 18.38
C GLN I 145 -6.32 -28.48 17.97
N LYS I 146 -5.83 -28.63 16.73
CA LYS I 146 -4.83 -27.69 16.23
C LYS I 146 -5.42 -26.30 16.09
N GLU I 147 -6.53 -26.17 15.37
CA GLU I 147 -7.06 -24.84 15.05
C GLU I 147 -7.38 -24.06 16.33
N LEU I 148 -7.84 -24.75 17.37
CA LEU I 148 -8.19 -24.09 18.62
C LEU I 148 -6.97 -23.62 19.38
N ALA I 149 -5.84 -24.28 19.19
CA ALA I 149 -4.69 -24.04 20.03
C ALA I 149 -4.04 -22.69 19.71
N GLY I 150 -3.95 -22.33 18.43
CA GLY I 150 -3.12 -21.20 18.06
C GLY I 150 -3.78 -20.04 17.34
N GLY I 159 -12.55 -19.13 5.81
CA GLY I 159 -13.62 -18.73 6.73
C GLY I 159 -14.83 -19.66 6.80
N LYS I 160 -14.97 -20.33 7.96
CA LYS I 160 -15.97 -21.38 8.19
C LYS I 160 -16.38 -21.41 9.65
N CYS I 161 -17.62 -21.03 9.96
CA CYS I 161 -18.03 -21.03 11.37
C CYS I 161 -18.39 -22.44 11.82
N TYR I 162 -17.60 -22.97 12.75
CA TYR I 162 -17.76 -24.30 13.31
C TYR I 162 -18.28 -24.17 14.75
N PHE I 163 -19.14 -25.09 15.13
CA PHE I 163 -19.71 -25.22 16.48
C PHE I 163 -19.33 -26.59 17.01
N TYR I 164 -18.61 -26.63 18.12
CA TYR I 164 -18.16 -27.88 18.69
C TYR I 164 -18.58 -27.96 20.14
N LEU I 165 -18.86 -29.18 20.61
CA LEU I 165 -19.08 -29.49 22.02
C LEU I 165 -18.37 -30.80 22.24
N LEU I 166 -17.47 -30.87 23.20
CA LEU I 166 -16.51 -31.96 23.22
C LEU I 166 -16.13 -32.26 24.66
N ILE I 167 -16.49 -33.44 25.14
CA ILE I 167 -16.05 -33.91 26.45
C ILE I 167 -14.90 -34.89 26.25
N SER I 168 -14.11 -35.08 27.31
CA SER I 168 -12.95 -35.94 27.18
C SER I 168 -12.48 -36.40 28.56
N LYS I 169 -12.09 -37.68 28.65
CA LYS I 169 -11.62 -38.28 29.90
C LYS I 169 -10.23 -38.87 29.65
N THR I 170 -9.32 -38.69 30.62
CA THR I 170 -8.00 -39.32 30.57
C THR I 170 -7.82 -40.18 31.82
N PHE I 171 -7.64 -41.48 31.64
CA PHE I 171 -7.56 -42.43 32.77
C PHE I 171 -6.15 -42.59 33.35
N GLN I 221 -10.35 -47.66 34.49
CA GLN I 221 -9.38 -47.53 35.57
C GLN I 221 -9.73 -46.31 36.45
N VAL I 222 -8.73 -45.48 36.76
CA VAL I 222 -8.94 -44.22 37.47
C VAL I 222 -9.46 -43.18 36.48
N THR I 223 -9.71 -41.97 36.99
CA THR I 223 -9.94 -40.82 36.12
C THR I 223 -8.93 -39.75 36.52
N ALA I 224 -8.08 -39.39 35.56
CA ALA I 224 -7.08 -38.35 35.80
C ALA I 224 -7.63 -36.98 35.47
N LEU I 225 -8.32 -36.83 34.34
CA LEU I 225 -8.90 -35.52 34.07
C LEU I 225 -10.13 -35.65 33.20
N VAL I 226 -11.07 -34.73 33.41
CA VAL I 226 -12.31 -34.67 32.67
C VAL I 226 -12.46 -33.23 32.18
N SER I 227 -12.87 -33.07 30.92
CA SER I 227 -12.86 -31.78 30.28
C SER I 227 -14.04 -31.62 29.36
N LEU I 228 -14.76 -30.55 29.53
CA LEU I 228 -15.78 -30.13 28.59
C LEU I 228 -15.34 -28.87 27.89
N LYS I 229 -14.96 -28.98 26.62
CA LYS I 229 -14.65 -27.87 25.74
C LYS I 229 -15.82 -27.69 24.81
N ALA I 230 -16.12 -26.45 24.45
CA ALA I 230 -17.28 -26.21 23.63
C ALA I 230 -17.20 -24.81 23.09
N GLY I 231 -17.31 -24.62 21.77
CA GLY I 231 -17.01 -23.29 21.26
C GLY I 231 -17.48 -23.07 19.84
N LEU I 232 -17.34 -21.80 19.42
CA LEU I 232 -17.71 -21.29 18.12
C LEU I 232 -16.48 -20.62 17.51
N ILE I 233 -15.99 -21.16 16.38
CA ILE I 233 -14.72 -20.73 15.81
C ILE I 233 -14.88 -20.53 14.29
N GLN I 234 -13.92 -19.82 13.68
CA GLN I 234 -13.92 -19.60 12.23
C GLN I 234 -12.52 -19.94 11.72
N SER I 235 -12.39 -20.84 10.76
CA SER I 235 -11.05 -21.41 10.60
C SER I 235 -10.82 -21.95 9.20
N ARG I 236 -9.93 -22.95 9.10
CA ARG I 236 -9.60 -23.80 7.94
C ARG I 236 -10.42 -25.09 7.97
N SER I 237 -10.59 -25.71 6.80
CA SER I 237 -11.53 -26.83 6.63
C SER I 237 -11.21 -28.05 7.50
N THR I 238 -12.17 -28.44 8.36
CA THR I 238 -11.99 -29.65 9.17
C THR I 238 -12.76 -30.85 8.62
N LEU I 239 -13.61 -30.65 7.61
CA LEU I 239 -14.66 -31.58 7.21
C LEU I 239 -14.27 -32.56 6.10
N SER I 240 -13.24 -32.23 5.31
CA SER I 240 -12.85 -32.97 4.10
C SER I 240 -13.89 -32.82 2.97
N ASP I 241 -14.57 -31.67 2.88
CA ASP I 241 -15.66 -31.42 1.92
C ASP I 241 -16.80 -32.43 2.04
N PHE I 242 -16.68 -33.37 2.94
CA PHE I 242 -17.65 -34.41 3.16
C PHE I 242 -18.82 -33.87 3.99
N GLN I 243 -18.75 -32.62 4.41
CA GLN I 243 -19.74 -32.00 5.28
C GLN I 243 -20.32 -30.76 4.61
N GLY I 244 -21.62 -30.52 4.83
CA GLY I 244 -22.28 -29.33 4.34
C GLY I 244 -22.63 -28.38 5.47
N THR I 245 -23.22 -27.25 5.08
CA THR I 245 -23.67 -26.30 6.10
C THR I 245 -24.85 -26.87 6.88
N PHE I 246 -24.86 -26.62 8.19
CA PHE I 246 -25.89 -27.15 9.08
C PHE I 246 -25.91 -28.67 9.08
N MET I 247 -24.90 -29.27 8.48
CA MET I 247 -24.55 -30.67 8.68
C MET I 247 -23.74 -30.78 9.96
N THR I 248 -24.12 -31.70 10.84
CA THR I 248 -23.37 -31.95 12.06
C THR I 248 -22.73 -33.33 12.01
N VAL I 249 -21.58 -33.46 12.66
CA VAL I 249 -20.74 -34.65 12.59
C VAL I 249 -20.48 -35.20 13.99
N GLY I 250 -20.64 -36.50 14.16
CA GLY I 250 -20.47 -37.12 15.46
C GLY I 250 -19.03 -37.52 15.74
N ILE I 251 -18.59 -37.26 16.97
CA ILE I 251 -17.30 -37.69 17.46
C ILE I 251 -17.53 -38.73 18.53
N ALA I 252 -16.81 -39.85 18.45
CA ALA I 252 -16.92 -40.90 19.47
C ALA I 252 -15.64 -41.71 19.36
N LEU I 253 -14.72 -41.47 20.29
CA LEU I 253 -13.37 -42.00 20.24
C LEU I 253 -13.11 -42.78 21.51
N SER I 254 -12.73 -44.05 21.35
CA SER I 254 -12.34 -44.91 22.47
C SER I 254 -11.17 -45.84 22.07
N VAL J 6 52.91 15.40 26.85
CA VAL J 6 52.42 14.30 27.69
C VAL J 6 52.01 13.16 26.77
N GLN J 7 52.63 12.00 26.97
CA GLN J 7 52.30 10.77 26.26
C GLN J 7 51.48 9.90 27.18
N LEU J 8 50.50 9.21 26.59
CA LEU J 8 49.69 8.22 27.29
C LEU J 8 50.01 6.86 26.69
N GLN J 9 50.38 5.91 27.55
CA GLN J 9 50.78 4.56 27.16
C GLN J 9 49.77 3.55 27.71
N GLU J 10 48.93 3.02 26.84
CA GLU J 10 48.01 1.93 27.14
C GLU J 10 48.72 0.57 27.20
N SER J 11 48.22 -0.33 28.05
CA SER J 11 48.67 -1.71 28.22
C SER J 11 47.56 -2.59 28.83
N GLY J 12 47.76 -3.90 28.84
CA GLY J 12 46.82 -4.87 29.43
C GLY J 12 45.71 -5.36 28.48
N GLY J 13 45.71 -4.91 27.22
CA GLY J 13 44.90 -5.51 26.17
C GLY J 13 45.34 -6.94 25.85
N GLY J 14 44.50 -7.68 25.13
CA GLY J 14 44.76 -9.07 24.79
C GLY J 14 43.51 -9.81 24.32
N LEU J 15 43.65 -11.12 24.13
CA LEU J 15 42.57 -12.04 23.81
C LEU J 15 42.05 -12.71 25.09
N VAL J 16 40.73 -12.74 25.26
CA VAL J 16 40.07 -13.44 26.38
C VAL J 16 38.75 -14.05 25.91
N GLN J 17 38.29 -15.10 26.58
CA GLN J 17 36.97 -15.68 26.32
C GLN J 17 35.86 -14.80 26.91
N ALA J 18 34.67 -14.86 26.30
CA ALA J 18 33.45 -14.24 26.82
C ALA J 18 33.20 -14.68 28.26
N GLY J 19 32.72 -13.75 29.09
CA GLY J 19 32.59 -13.92 30.54
C GLY J 19 33.89 -13.67 31.33
N GLY J 20 35.04 -13.67 30.67
CA GLY J 20 36.34 -13.41 31.29
C GLY J 20 36.56 -11.95 31.71
N SER J 21 37.81 -11.66 32.10
CA SER J 21 38.21 -10.33 32.58
C SER J 21 39.56 -9.89 32.05
N LEU J 22 39.72 -8.58 31.86
CA LEU J 22 41.00 -7.92 31.59
C LEU J 22 41.15 -6.70 32.48
N ARG J 23 42.39 -6.26 32.69
CA ARG J 23 42.68 -4.99 33.35
C ARG J 23 43.56 -4.14 32.46
N LEU J 24 42.97 -3.10 31.86
CA LEU J 24 43.72 -2.12 31.10
C LEU J 24 44.39 -1.13 32.05
N SER J 25 45.56 -0.65 31.66
CA SER J 25 46.30 0.41 32.35
C SER J 25 46.71 1.47 31.34
N CYS J 26 46.64 2.74 31.72
CA CYS J 26 47.14 3.85 30.94
C CYS J 26 48.00 4.75 31.82
N ALA J 27 49.29 4.77 31.55
CA ALA J 27 50.27 5.59 32.26
C ALA J 27 50.56 6.87 31.46
N ALA J 28 50.58 8.01 32.15
CA ALA J 28 51.03 9.27 31.56
C ALA J 28 52.52 9.53 31.86
N SER J 29 53.28 9.94 30.86
CA SER J 29 54.71 10.25 31.01
C SER J 29 55.01 11.48 31.87
N GLY J 30 53.99 12.29 32.18
CA GLY J 30 54.09 13.51 32.97
C GLY J 30 52.95 13.66 33.97
N THR J 31 53.06 14.67 34.83
CA THR J 31 52.04 14.95 35.84
C THR J 31 50.78 15.52 35.17
N ILE J 32 49.65 14.88 35.42
CA ILE J 32 48.36 15.37 34.97
C ILE J 32 47.84 16.39 35.98
N SER J 33 47.46 17.58 35.51
CA SER J 33 46.82 18.62 36.32
C SER J 33 45.67 18.05 37.18
N PRO J 34 45.44 18.54 38.42
CA PRO J 34 44.26 18.18 39.21
C PRO J 34 42.92 18.49 38.52
N ARG J 35 42.90 19.38 37.53
CA ARG J 35 41.73 19.63 36.67
C ARG J 35 41.52 18.55 35.59
N GLY J 36 42.51 17.70 35.37
CA GLY J 36 42.51 16.67 34.36
C GLY J 36 41.65 15.47 34.76
N VAL J 37 40.71 15.14 33.89
CA VAL J 37 39.95 13.91 33.89
C VAL J 37 40.64 12.93 32.95
N MET J 38 40.81 11.69 33.40
CA MET J 38 41.30 10.59 32.57
C MET J 38 40.11 9.73 32.15
N GLY J 39 39.99 9.46 30.86
CA GLY J 39 38.90 8.64 30.32
C GLY J 39 39.41 7.56 29.40
N TRP J 40 38.69 6.45 29.37
CA TRP J 40 38.80 5.38 28.39
C TRP J 40 37.71 5.53 27.34
N TYR J 41 38.10 5.27 26.11
CA TYR J 41 37.26 5.27 24.93
C TYR J 41 37.56 4.01 24.14
N ARG J 42 36.58 3.47 23.42
CA ARG J 42 36.80 2.30 22.58
C ARG J 42 36.35 2.57 21.16
N GLN J 43 37.00 1.90 20.22
CA GLN J 43 36.67 1.97 18.81
C GLN J 43 36.63 0.56 18.24
N ALA J 44 35.42 0.05 18.00
CA ALA J 44 35.24 -1.20 17.30
C ALA J 44 35.60 -1.03 15.80
N PRO J 45 35.96 -2.11 15.08
CA PRO J 45 36.26 -2.04 13.65
C PRO J 45 35.12 -1.39 12.85
N GLY J 46 35.43 -0.37 12.05
CA GLY J 46 34.45 0.35 11.24
C GLY J 46 33.47 1.23 12.03
N LYS J 47 33.72 1.48 13.32
CA LYS J 47 32.90 2.35 14.17
C LYS J 47 33.67 3.59 14.60
N GLU J 48 32.92 4.59 15.06
CA GLU J 48 33.48 5.76 15.71
C GLU J 48 33.99 5.41 17.12
N ARG J 49 34.81 6.32 17.67
CA ARG J 49 35.34 6.18 19.01
C ARG J 49 34.30 6.62 20.04
N GLU J 50 33.87 5.72 20.90
CA GLU J 50 32.85 5.98 21.92
C GLU J 50 33.43 6.00 23.34
N PHE J 51 32.75 6.72 24.23
CA PHE J 51 33.11 6.80 25.65
C PHE J 51 32.85 5.47 26.37
N VAL J 52 33.76 5.08 27.27
CA VAL J 52 33.62 3.87 28.10
C VAL J 52 33.47 4.23 29.57
N ALA J 53 34.48 4.91 30.13
CA ALA J 53 34.48 5.34 31.52
C ALA J 53 35.47 6.49 31.72
N ALA J 54 35.27 7.31 32.75
CA ALA J 54 36.21 8.35 33.14
C ALA J 54 36.26 8.55 34.65
N ILE J 55 37.37 9.10 35.12
CA ILE J 55 37.60 9.40 36.53
C ILE J 55 38.35 10.74 36.66
N ASN J 56 37.83 11.62 37.51
CA ASN J 56 38.49 12.89 37.81
C ASN J 56 39.62 12.69 38.85
N TYR J 57 40.37 13.76 39.16
CA TYR J 57 41.46 13.68 40.13
C TYR J 57 40.99 13.31 41.55
N GLY J 58 39.77 13.70 41.92
CA GLY J 58 39.15 13.42 43.22
C GLY J 58 38.44 12.08 43.34
N GLY J 59 38.48 11.24 42.30
CA GLY J 59 37.91 9.89 42.31
C GLY J 59 36.44 9.77 41.89
N THR J 60 35.79 10.85 41.44
CA THR J 60 34.44 10.76 40.86
C THR J 60 34.49 10.01 39.54
N THR J 61 33.69 8.96 39.42
CA THR J 61 33.65 8.07 38.25
C THR J 61 32.40 8.27 37.38
N TYR J 62 32.57 8.09 36.08
CA TYR J 62 31.51 8.12 35.07
C TYR J 62 31.64 6.88 34.18
N TYR J 63 30.52 6.30 33.76
CA TYR J 63 30.48 5.09 32.93
C TYR J 63 29.45 5.25 31.82
N ALA J 64 29.74 4.68 30.65
CA ALA J 64 28.72 4.45 29.63
C ALA J 64 27.75 3.36 30.08
N ASP J 65 26.48 3.47 29.67
CA ASP J 65 25.45 2.51 30.04
C ASP J 65 25.78 1.08 29.59
N SER J 66 26.47 0.94 28.45
CA SER J 66 26.88 -0.35 27.89
C SER J 66 27.85 -1.15 28.79
N VAL J 67 28.57 -0.49 29.70
CA VAL J 67 29.59 -1.12 30.57
C VAL J 67 29.26 -1.01 32.07
N LYS J 68 28.20 -0.27 32.42
CA LYS J 68 27.78 -0.04 33.80
C LYS J 68 27.52 -1.38 34.50
N GLY J 69 28.07 -1.53 35.71
CA GLY J 69 28.00 -2.76 36.50
C GLY J 69 28.98 -3.87 36.08
N ARG J 70 29.66 -3.73 34.94
CA ARG J 70 30.66 -4.70 34.47
C ARG J 70 32.09 -4.17 34.57
N PHE J 71 32.30 -2.90 34.27
CA PHE J 71 33.62 -2.28 34.28
C PHE J 71 33.80 -1.37 35.50
N THR J 72 35.03 -1.23 35.97
CA THR J 72 35.40 -0.37 37.09
C THR J 72 36.66 0.41 36.75
N ILE J 73 36.54 1.73 36.64
CA ILE J 73 37.69 2.62 36.47
C ILE J 73 38.26 3.01 37.84
N SER J 74 39.58 3.10 37.94
CA SER J 74 40.29 3.61 39.12
C SER J 74 41.52 4.39 38.69
N ARG J 75 42.04 5.26 39.55
CA ARG J 75 43.18 6.14 39.24
C ARG J 75 44.17 6.14 40.40
N ASP J 76 45.45 6.05 40.06
CA ASP J 76 46.58 6.24 40.96
C ASP J 76 47.27 7.56 40.58
N ASN J 77 47.04 8.59 41.41
CA ASN J 77 47.60 9.92 41.20
C ASN J 77 49.12 9.96 41.39
N ALA J 78 49.68 9.14 42.28
CA ALA J 78 51.11 9.10 42.51
C ALA J 78 51.86 8.48 41.33
N LYS J 79 51.25 7.50 40.66
CA LYS J 79 51.78 6.85 39.45
C LYS J 79 51.33 7.50 38.14
N ASN J 80 50.54 8.58 38.17
CA ASN J 80 49.90 9.17 37.00
C ASN J 80 49.26 8.11 36.07
N THR J 81 48.58 7.11 36.66
CA THR J 81 48.06 5.95 35.93
C THR J 81 46.57 5.77 36.19
N VAL J 82 45.81 5.50 35.12
CA VAL J 82 44.40 5.09 35.21
C VAL J 82 44.26 3.63 34.84
N TYR J 83 43.40 2.90 35.57
CA TYR J 83 43.12 1.49 35.34
C TYR J 83 41.65 1.32 34.96
N LEU J 84 41.37 0.39 34.06
CA LEU J 84 40.01 -0.07 33.75
C LEU J 84 39.95 -1.58 33.98
N GLN J 85 39.37 -1.98 35.10
CA GLN J 85 39.02 -3.37 35.34
C GLN J 85 37.77 -3.70 34.52
N MET J 86 37.87 -4.68 33.63
CA MET J 86 36.79 -5.10 32.74
C MET J 86 36.41 -6.53 33.12
N ASN J 87 35.21 -6.72 33.69
CA ASN J 87 34.69 -8.04 34.06
C ASN J 87 33.51 -8.41 33.19
N SER J 88 33.15 -9.70 33.15
CA SER J 88 31.99 -10.20 32.38
C SER J 88 32.03 -9.67 30.94
N LEU J 89 33.19 -9.85 30.29
CA LEU J 89 33.44 -9.36 28.94
C LEU J 89 32.51 -10.03 27.94
N LYS J 90 32.00 -9.26 27.00
CA LYS J 90 31.13 -9.74 25.93
C LYS J 90 31.81 -9.58 24.58
N PRO J 91 31.44 -10.35 23.54
CA PRO J 91 31.99 -10.18 22.19
C PRO J 91 31.91 -8.72 21.70
N GLU J 92 30.87 -7.97 22.07
CA GLU J 92 30.69 -6.55 21.71
C GLU J 92 31.69 -5.60 22.41
N ASP J 93 32.43 -6.07 23.41
CA ASP J 93 33.51 -5.29 24.04
C ASP J 93 34.82 -5.36 23.25
N THR J 94 34.88 -6.14 22.15
CA THR J 94 36.02 -6.21 21.22
C THR J 94 36.24 -4.88 20.51
N ALA J 95 37.36 -4.23 20.76
CA ALA J 95 37.70 -2.92 20.21
C ALA J 95 39.17 -2.56 20.50
N VAL J 96 39.67 -1.50 19.86
CA VAL J 96 40.85 -0.79 20.35
C VAL J 96 40.41 0.19 21.45
N TYR J 97 41.02 0.10 22.62
CA TYR J 97 40.75 0.97 23.76
C TYR J 97 41.84 2.04 23.87
N TYR J 98 41.42 3.30 23.85
CA TYR J 98 42.27 4.48 23.96
C TYR J 98 42.02 5.17 25.28
N CYS J 99 43.07 5.61 25.96
CA CYS J 99 42.94 6.57 27.03
C CYS J 99 43.15 8.00 26.52
N ALA J 100 42.52 8.93 27.21
CA ALA J 100 42.68 10.36 26.95
C ALA J 100 42.63 11.16 28.25
N VAL J 101 43.33 12.30 28.22
CA VAL J 101 43.27 13.32 29.26
C VAL J 101 42.50 14.52 28.71
N TYR J 102 41.54 15.00 29.48
CA TYR J 102 40.75 16.18 29.13
C TYR J 102 40.38 16.97 30.39
N TYR J 103 39.95 18.22 30.24
CA TYR J 103 39.36 18.99 31.34
C TYR J 103 38.14 19.78 30.84
N TYR J 104 37.30 20.20 31.78
CA TYR J 104 36.16 21.06 31.49
C TYR J 104 36.56 22.52 31.74
N ILE J 105 36.34 23.40 30.75
CA ILE J 105 36.47 24.85 30.93
C ILE J 105 35.24 25.38 31.68
N ASN J 106 34.07 24.88 31.30
CA ASN J 106 32.78 25.14 31.93
C ASN J 106 31.89 23.90 31.73
N SER J 107 30.61 23.98 32.14
CA SER J 107 29.68 22.85 32.05
C SER J 107 29.43 22.33 30.63
N GLN J 108 29.69 23.15 29.59
CA GLN J 108 29.43 22.81 28.19
C GLN J 108 30.69 22.52 27.38
N ARG J 109 31.85 23.01 27.82
CA ARG J 109 33.11 22.97 27.04
C ARG J 109 34.10 22.00 27.66
N LYS J 110 34.33 20.90 26.95
CA LYS J 110 35.37 19.90 27.22
C LYS J 110 36.55 20.13 26.25
N VAL J 111 37.76 20.15 26.79
CA VAL J 111 39.00 20.22 25.99
C VAL J 111 39.73 18.89 26.13
N LEU J 112 39.81 18.13 25.04
CA LEU J 112 40.68 16.97 24.97
C LEU J 112 42.10 17.43 24.68
N LEU J 113 43.04 17.02 25.53
CA LEU J 113 44.43 17.45 25.47
C LEU J 113 45.32 16.41 24.83
N TYR J 114 45.20 15.16 25.30
CA TYR J 114 46.11 14.08 24.94
C TYR J 114 45.31 12.82 24.69
N TRP J 115 45.72 12.08 23.68
CA TRP J 115 45.26 10.73 23.35
C TRP J 115 46.44 9.78 23.40
N GLY J 116 46.22 8.58 23.91
CA GLY J 116 47.16 7.49 23.74
C GLY J 116 46.98 6.80 22.39
N GLN J 117 47.83 5.81 22.14
CA GLN J 117 47.87 5.06 20.88
C GLN J 117 46.89 3.89 20.85
N GLY J 118 46.39 3.52 22.04
CA GLY J 118 45.39 2.48 22.22
C GLY J 118 45.98 1.09 22.42
N THR J 119 45.14 0.18 22.91
CA THR J 119 45.46 -1.24 23.09
C THR J 119 44.30 -2.09 22.61
N GLN J 120 44.60 -3.17 21.88
CA GLN J 120 43.58 -4.07 21.33
C GLN J 120 43.02 -4.97 22.44
N VAL J 121 41.70 -5.04 22.55
CA VAL J 121 40.98 -6.06 23.32
C VAL J 121 40.17 -6.89 22.35
N THR J 122 40.34 -8.21 22.41
CA THR J 122 39.57 -9.16 21.62
C THR J 122 38.88 -10.13 22.56
N VAL J 123 37.56 -10.21 22.47
CA VAL J 123 36.74 -11.15 23.24
C VAL J 123 36.24 -12.23 22.30
N SER J 124 36.77 -13.44 22.42
CA SER J 124 36.31 -14.59 21.64
C SER J 124 35.06 -15.19 22.28
N SER J 125 34.14 -15.64 21.44
CA SER J 125 32.99 -16.47 21.84
C SER J 125 33.41 -17.80 22.43
N PRO K 5 20.81 5.97 42.87
CA PRO K 5 19.53 6.64 43.03
C PRO K 5 19.04 6.60 44.48
N SER K 6 18.68 7.78 44.99
CA SER K 6 18.24 7.95 46.38
C SER K 6 16.77 8.34 46.49
N VAL K 7 16.25 8.26 47.71
CA VAL K 7 14.88 8.66 48.00
C VAL K 7 14.87 9.93 48.83
N LEU K 8 14.12 10.93 48.36
CA LEU K 8 14.06 12.23 49.04
C LEU K 8 13.44 12.11 50.43
N ASN K 9 14.17 12.56 51.45
CA ASN K 9 13.66 12.55 52.81
C ASN K 9 12.66 13.69 52.99
N TRP K 10 12.01 13.76 54.14
CA TRP K 10 10.96 14.75 54.38
C TRP K 10 11.50 16.18 54.25
N ASP K 11 12.73 16.41 54.70
CA ASP K 11 13.34 17.73 54.57
C ASP K 11 13.44 18.16 53.12
N GLN K 12 13.84 17.23 52.26
CA GLN K 12 13.97 17.50 50.82
C GLN K 12 12.61 17.55 50.14
N VAL K 13 11.72 16.63 50.51
CA VAL K 13 10.38 16.58 49.93
C VAL K 13 9.60 17.86 50.20
N SER K 14 9.66 18.34 51.45
CA SER K 14 8.94 19.55 51.83
C SER K 14 9.43 20.78 51.07
N ARG K 15 10.74 20.86 50.88
CA ARG K 15 11.34 22.00 50.18
C ARG K 15 10.98 21.98 48.70
N LEU K 16 10.76 20.79 48.15
CA LEU K 16 10.32 20.65 46.77
C LEU K 16 8.90 21.18 46.61
N HIS K 17 8.07 20.94 47.63
CA HIS K 17 6.69 21.41 47.62
C HIS K 17 6.63 22.93 47.61
N GLU K 18 7.55 23.57 48.32
CA GLU K 18 7.60 25.03 48.38
C GLU K 18 7.98 25.62 47.03
N VAL K 19 8.96 25.02 46.38
CA VAL K 19 9.41 25.48 45.07
C VAL K 19 8.30 25.34 44.02
N LEU K 20 7.62 24.19 44.05
CA LEU K 20 6.54 23.93 43.11
C LEU K 20 5.33 24.82 43.37
N THR K 21 5.19 25.27 44.61
CA THR K 21 4.07 26.15 44.97
C THR K 21 4.50 27.60 45.18
N GLU K 22 5.73 27.90 44.79
CA GLU K 22 6.23 29.28 44.90
C GLU K 22 5.68 30.14 43.77
N VAL K 23 5.02 31.23 44.13
CA VAL K 23 4.47 32.14 43.14
C VAL K 23 5.59 32.90 42.42
N VAL K 24 5.69 32.68 41.11
CA VAL K 24 6.75 33.30 40.32
C VAL K 24 6.17 34.30 39.33
N PRO K 25 6.59 35.56 39.43
CA PRO K 25 6.13 36.62 38.51
C PRO K 25 6.83 36.57 37.15
N ILE K 26 6.04 36.58 36.08
CA ILE K 26 6.59 36.61 34.73
C ILE K 26 6.31 37.98 34.11
N HIS K 27 7.38 38.65 33.68
CA HIS K 27 7.27 39.97 33.10
C HIS K 27 6.59 39.92 31.73
N GLY K 28 5.80 40.94 31.43
CA GLY K 28 5.11 41.03 30.15
C GLY K 28 5.66 42.14 29.27
N ARG K 29 6.40 41.77 28.23
CA ARG K 29 6.95 42.73 27.30
C ARG K 29 5.84 43.45 26.55
N GLY K 30 5.70 44.74 26.82
CA GLY K 30 4.64 45.53 26.22
C GLY K 30 3.66 46.03 27.27
N ASN K 31 2.38 46.07 26.91
CA ASN K 31 1.36 46.53 27.83
C ASN K 31 0.80 45.39 28.68
N PHE K 32 1.27 44.18 28.41
CA PHE K 32 0.76 42.99 29.09
C PHE K 32 1.18 42.95 30.55
N PRO K 33 0.25 42.59 31.44
CA PRO K 33 0.49 42.56 32.89
C PRO K 33 1.38 41.39 33.32
N THR K 34 1.99 41.52 34.49
CA THR K 34 2.85 40.47 35.02
C THR K 34 2.04 39.23 35.39
N LEU K 35 2.42 38.09 34.84
CA LEU K 35 1.75 36.83 35.13
C LEU K 35 2.20 36.26 36.46
N GLU K 36 1.23 35.95 37.34
CA GLU K 36 1.52 35.35 38.63
C GLU K 36 1.35 33.83 38.55
N ILE K 37 2.33 33.16 37.96
CA ILE K 37 2.24 31.72 37.74
C ILE K 37 2.76 30.92 38.92
N THR K 38 2.75 29.59 38.76
CA THR K 38 3.23 28.68 39.78
C THR K 38 3.74 27.41 39.11
N LEU K 39 4.87 26.89 39.57
CA LEU K 39 5.48 25.71 38.95
C LEU K 39 4.53 24.51 38.94
N LYS K 40 3.81 24.33 40.04
CA LYS K 40 2.81 23.27 40.12
C LYS K 40 1.69 23.50 39.11
N ASP K 41 1.27 24.75 38.98
CA ASP K 41 0.17 25.12 38.10
C ASP K 41 0.51 24.92 36.62
N ILE K 42 1.72 25.30 36.24
CA ILE K 42 2.16 25.13 34.85
C ILE K 42 2.18 23.66 34.46
N VAL K 43 2.85 22.85 35.28
CA VAL K 43 2.97 21.42 35.02
C VAL K 43 1.61 20.75 34.83
N GLN K 44 0.69 21.03 35.76
CA GLN K 44 -0.65 20.45 35.69
C GLN K 44 -1.38 20.84 34.42
N THR K 45 -1.40 22.13 34.11
CA THR K 45 -2.10 22.63 32.93
C THR K 45 -1.48 22.09 31.64
N VAL K 46 -0.16 22.16 31.56
CA VAL K 46 0.56 21.70 30.36
C VAL K 46 0.38 20.21 30.11
N ARG K 47 0.60 19.40 31.15
CA ARG K 47 0.50 17.95 31.00
C ARG K 47 -0.92 17.53 30.68
N SER K 48 -1.89 18.21 31.27
CA SER K 48 -3.31 17.91 31.05
C SER K 48 -3.70 18.09 29.59
N ARG K 49 -3.40 19.27 29.05
CA ARG K 49 -3.76 19.59 27.68
C ARG K 49 -2.96 18.75 26.70
N LEU K 50 -1.77 18.34 27.09
CA LEU K 50 -0.94 17.45 26.28
C LEU K 50 -1.58 16.07 26.18
N GLU K 51 -2.01 15.54 27.32
CA GLU K 51 -2.68 14.24 27.35
C GLU K 51 -3.99 14.29 26.57
N GLU K 52 -4.65 15.44 26.65
CA GLU K 52 -5.92 15.64 25.96
C GLU K 52 -5.72 15.73 24.45
N ALA K 53 -4.58 16.27 24.04
CA ALA K 53 -4.29 16.47 22.62
C ALA K 53 -3.79 15.20 21.95
N GLY K 54 -3.48 14.19 22.74
CA GLY K 54 -3.02 12.92 22.21
C GLY K 54 -1.52 12.71 22.34
N ILE K 55 -0.93 13.37 23.34
CA ILE K 55 0.50 13.23 23.59
C ILE K 55 0.76 12.76 25.01
N LYS K 56 1.34 11.57 25.13
CA LYS K 56 1.61 10.97 26.44
C LYS K 56 2.82 11.61 27.11
N VAL K 57 2.70 11.85 28.41
CA VAL K 57 3.80 12.40 29.19
C VAL K 57 4.33 11.35 30.17
N HIS K 58 5.44 10.72 29.81
CA HIS K 58 6.01 9.64 30.59
C HIS K 58 6.63 10.14 31.89
N ASP K 59 7.22 11.33 31.84
CA ASP K 59 7.88 11.89 33.01
C ASP K 59 7.85 13.42 33.05
N VAL K 60 7.70 13.96 34.25
CA VAL K 60 7.86 15.39 34.47
C VAL K 60 8.93 15.60 35.54
N ARG K 61 10.08 16.11 35.11
CA ARG K 61 11.21 16.26 36.02
C ARG K 61 11.54 17.72 36.33
N LEU K 62 12.39 17.92 37.33
CA LEU K 62 12.84 19.26 37.71
C LEU K 62 14.36 19.33 37.61
N ASN K 63 14.85 20.12 36.66
CA ASN K 63 16.30 20.26 36.46
C ASN K 63 16.80 21.58 36.98
N GLY K 64 18.00 21.97 36.55
CA GLY K 64 18.59 23.24 36.94
C GLY K 64 19.08 23.25 38.37
N SER K 65 19.36 24.44 38.89
CA SER K 65 19.82 24.61 40.25
C SER K 65 18.66 24.50 41.24
N ALA K 66 17.44 24.52 40.71
CA ALA K 66 16.25 24.36 41.54
C ALA K 66 16.22 22.97 42.16
N ALA K 67 16.67 21.99 41.39
CA ALA K 67 16.77 20.62 41.86
C ALA K 67 17.82 20.50 42.95
N GLY K 68 18.93 21.22 42.78
CA GLY K 68 20.00 21.23 43.75
C GLY K 68 19.60 21.92 45.05
N HIS K 69 18.75 22.94 44.93
CA HIS K 69 18.28 23.68 46.09
C HIS K 69 17.37 22.80 46.95
N VAL K 70 16.67 21.87 46.30
CA VAL K 70 15.80 20.94 47.00
C VAL K 70 16.61 19.93 47.81
N LEU K 71 17.63 19.36 47.18
CA LEU K 71 18.48 18.37 47.82
C LEU K 71 19.37 19.01 48.89
N VAL K 72 19.90 20.19 48.59
CA VAL K 72 20.69 20.95 49.56
C VAL K 72 20.24 22.42 49.56
N LYS K 73 19.64 22.83 50.66
CA LYS K 73 19.10 24.20 50.78
C LYS K 73 20.20 25.25 50.79
N ASP K 74 20.05 26.26 49.93
CA ASP K 74 21.00 27.36 49.82
C ASP K 74 22.42 26.85 49.63
N ASN K 75 22.62 26.02 48.61
CA ASN K 75 23.88 25.35 48.37
C ASN K 75 24.95 26.25 47.77
N GLY K 76 24.53 27.39 47.25
CA GLY K 76 25.47 28.35 46.66
C GLY K 76 25.25 28.58 45.18
N LEU K 77 24.44 27.72 44.58
CA LEU K 77 24.12 27.87 43.16
C LEU K 77 22.83 28.66 42.98
N GLY K 78 22.19 28.97 44.10
CA GLY K 78 20.96 29.74 44.09
C GLY K 78 19.77 28.93 43.61
N CYS K 79 18.66 29.60 43.37
CA CYS K 79 17.44 28.95 42.91
C CYS K 79 16.73 29.82 41.87
N LYS K 80 17.49 30.35 40.93
CA LYS K 80 16.94 31.21 39.89
C LYS K 80 16.50 30.42 38.67
N ASP K 81 17.11 29.26 38.47
CA ASP K 81 16.83 28.44 37.30
C ASP K 81 15.71 27.43 37.54
N LEU K 82 14.49 27.82 37.21
CA LEU K 82 13.34 26.93 37.35
C LEU K 82 13.11 26.16 36.05
N ASP K 83 13.76 25.00 35.92
CA ASP K 83 13.70 24.23 34.70
C ASP K 83 12.80 23.00 34.83
N LEU K 84 11.87 22.86 33.89
CA LEU K 84 10.96 21.73 33.88
C LEU K 84 11.19 20.83 32.67
N ILE K 85 11.30 19.53 32.90
CA ILE K 85 11.52 18.57 31.83
C ILE K 85 10.29 17.69 31.60
N PHE K 86 9.80 17.68 30.37
CA PHE K 86 8.65 16.85 30.01
C PHE K 86 9.07 15.77 29.03
N HIS K 87 9.31 14.56 29.53
CA HIS K 87 9.67 13.43 28.68
C HIS K 87 8.50 13.11 27.75
N VAL K 88 8.55 13.67 26.55
CA VAL K 88 7.45 13.59 25.60
C VAL K 88 7.93 13.17 24.21
N ALA K 89 7.24 12.19 23.63
CA ALA K 89 7.57 11.71 22.28
C ALA K 89 7.22 12.75 21.21
N LEU K 90 8.12 12.91 20.24
CA LEU K 90 7.93 13.90 19.18
C LEU K 90 8.25 13.32 17.80
N PRO K 91 7.28 12.62 17.20
CA PRO K 91 7.46 12.03 15.87
C PRO K 91 7.44 13.05 14.73
N THR K 92 6.25 13.48 14.33
CA THR K 92 6.09 14.43 13.24
C THR K 92 6.23 15.86 13.76
N GLU K 93 6.52 16.79 12.86
CA GLU K 93 6.64 18.20 13.20
C GLU K 93 5.33 18.72 13.79
N ALA K 94 4.23 18.03 13.48
CA ALA K 94 2.92 18.39 13.99
C ALA K 94 2.91 18.37 15.52
N GLU K 95 3.57 17.38 16.10
CA GLU K 95 3.65 17.26 17.55
C GLU K 95 4.45 18.41 18.16
N PHE K 96 5.45 18.89 17.43
CA PHE K 96 6.22 20.05 17.86
C PHE K 96 5.32 21.29 17.94
N GLN K 97 4.37 21.36 17.02
CA GLN K 97 3.42 22.48 16.99
C GLN K 97 2.44 22.37 18.16
N LEU K 98 2.00 21.15 18.45
CA LEU K 98 1.06 20.92 19.54
C LEU K 98 1.65 21.31 20.89
N VAL K 99 2.95 21.07 21.05
CA VAL K 99 3.66 21.46 22.26
C VAL K 99 3.62 22.97 22.44
N ARG K 100 3.84 23.68 21.34
CA ARG K 100 3.79 25.15 21.35
C ARG K 100 2.38 25.64 21.63
N ASP K 101 1.38 24.94 21.09
CA ASP K 101 -0.01 25.30 21.31
C ASP K 101 -0.40 25.16 22.78
N VAL K 102 0.07 24.09 23.41
CA VAL K 102 -0.25 23.80 24.80
C VAL K 102 0.33 24.86 25.75
N VAL K 103 1.59 25.20 25.55
CA VAL K 103 2.26 26.19 26.39
C VAL K 103 1.60 27.56 26.26
N LEU K 104 1.28 27.95 25.03
CA LEU K 104 0.60 29.22 24.78
C LEU K 104 -0.82 29.21 25.36
N CYS K 105 -1.46 28.05 25.30
CA CYS K 105 -2.77 27.87 25.90
C CYS K 105 -2.69 28.05 27.40
N SER K 106 -1.68 27.43 28.01
CA SER K 106 -1.50 27.51 29.45
C SER K 106 -1.11 28.93 29.87
N LEU K 107 -0.51 29.69 28.95
CA LEU K 107 -0.17 31.08 29.22
C LEU K 107 -1.41 31.94 29.38
N LEU K 108 -2.46 31.57 28.66
CA LEU K 108 -3.74 32.28 28.72
C LEU K 108 -4.41 32.08 30.07
N ASN K 109 -3.97 31.08 30.81
CA ASN K 109 -4.62 30.67 32.04
C ASN K 109 -4.30 31.57 33.24
N PHE K 110 -3.11 32.16 33.24
CA PHE K 110 -2.63 32.88 34.42
C PHE K 110 -2.86 34.39 34.39
N LEU K 111 -3.61 34.86 33.39
CA LEU K 111 -3.89 36.28 33.27
C LEU K 111 -4.76 36.77 34.43
N PRO K 122 -2.60 33.73 20.31
CA PRO K 122 -1.42 32.91 20.58
C PRO K 122 -0.12 33.58 20.14
N VAL K 123 -0.21 34.55 19.23
CA VAL K 123 0.95 35.27 18.75
C VAL K 123 1.35 36.39 19.72
N THR K 124 0.37 37.16 20.17
CA THR K 124 0.63 38.27 21.07
C THR K 124 1.15 37.80 22.43
N LEU K 125 0.72 36.61 22.84
CA LEU K 125 1.17 36.02 24.09
C LEU K 125 2.63 35.58 23.98
N LYS K 126 3.03 35.17 22.79
CA LYS K 126 4.42 34.76 22.54
C LYS K 126 5.36 35.95 22.59
N GLU K 127 4.95 37.04 21.96
CA GLU K 127 5.78 38.24 21.85
C GLU K 127 5.68 39.13 23.08
N ALA K 128 5.31 38.54 24.21
CA ALA K 128 5.15 39.29 25.44
C ALA K 128 5.59 38.50 26.67
N TYR K 129 5.55 37.17 26.56
CA TYR K 129 5.88 36.30 27.68
C TYR K 129 7.00 35.32 27.35
N VAL K 130 7.15 35.01 26.07
CA VAL K 130 8.20 34.10 25.63
C VAL K 130 9.44 34.87 25.19
N GLN K 131 10.59 34.51 25.73
CA GLN K 131 11.84 35.18 25.39
C GLN K 131 12.77 34.28 24.59
N LYS K 132 12.54 32.97 24.66
CA LYS K 132 13.39 32.01 23.96
C LYS K 132 12.60 30.82 23.45
N LEU K 133 12.97 30.32 22.28
CA LEU K 133 12.32 29.16 21.67
C LEU K 133 13.31 28.35 20.84
N VAL K 134 13.48 27.09 21.20
CA VAL K 134 14.47 26.23 20.54
C VAL K 134 13.86 24.94 20.01
N LYS K 135 14.00 24.71 18.71
CA LYS K 135 13.53 23.48 18.10
C LYS K 135 14.70 22.60 17.67
N VAL K 136 14.69 21.35 18.11
CA VAL K 136 15.76 20.40 17.79
C VAL K 136 15.20 19.05 17.34
N CYS K 137 15.61 18.62 16.15
CA CYS K 137 15.21 17.32 15.63
C CYS K 137 16.32 16.71 14.76
N THR K 138 17.24 16.01 15.41
CA THR K 138 18.39 15.44 14.70
C THR K 138 18.41 13.92 14.77
N ASP K 139 19.61 13.35 14.82
CA ASP K 139 19.79 11.91 14.90
C ASP K 139 19.31 11.39 16.24
N THR K 140 19.98 11.83 17.31
CA THR K 140 19.63 11.42 18.66
C THR K 140 18.93 12.55 19.40
N ASP K 141 19.44 13.77 19.26
CA ASP K 141 18.82 14.95 19.85
C ASP K 141 17.45 15.20 19.25
N ARG K 142 16.46 15.42 20.11
CA ARG K 142 15.08 15.64 19.66
C ARG K 142 14.23 16.21 20.78
N TRP K 143 14.12 17.55 20.81
CA TRP K 143 13.38 18.23 21.88
C TRP K 143 12.99 19.65 21.51
N SER K 144 12.09 20.24 22.31
CA SER K 144 11.65 21.62 22.12
C SER K 144 11.74 22.38 23.44
N LEU K 145 12.10 23.66 23.38
CA LEU K 145 12.30 24.46 24.58
C LEU K 145 11.61 25.81 24.50
N ILE K 146 10.94 26.18 25.58
CA ILE K 146 10.30 27.49 25.67
C ILE K 146 10.65 28.15 27.00
N SER K 147 11.08 29.40 26.95
CA SER K 147 11.46 30.12 28.16
C SER K 147 10.58 31.34 28.39
N LEU K 148 10.55 31.81 29.64
CA LEU K 148 9.74 32.95 30.00
C LEU K 148 10.62 34.12 30.44
N SER K 149 10.05 35.31 30.45
CA SER K 149 10.79 36.53 30.75
C SER K 149 11.40 36.52 32.15
N ASN K 150 12.66 36.95 32.23
CA ASN K 150 13.39 36.95 33.49
C ASN K 150 13.52 38.34 34.09
N LYS K 151 12.90 38.54 35.25
CA LYS K 151 12.95 39.82 35.95
C LYS K 151 12.65 39.64 37.43
N LYS K 154 13.63 35.88 38.22
CA LYS K 154 13.26 34.48 38.07
C LYS K 154 12.94 34.15 36.62
N ASN K 155 13.41 32.98 36.17
CA ASN K 155 13.18 32.54 34.80
C ASN K 155 12.71 31.09 34.73
N VAL K 156 11.60 30.86 34.05
CA VAL K 156 11.03 29.53 33.92
C VAL K 156 11.28 28.95 32.54
N GLN K 157 11.85 27.75 32.49
CA GLN K 157 12.17 27.09 31.22
C GLN K 157 11.41 25.78 31.05
N LEU K 158 10.51 25.74 30.07
CA LEU K 158 9.76 24.53 29.77
C LEU K 158 10.43 23.73 28.67
N LYS K 159 11.11 22.65 29.05
CA LYS K 159 11.81 21.81 28.10
C LYS K 159 11.04 20.52 27.84
N PHE K 160 10.97 20.11 26.58
CA PHE K 160 10.21 18.94 26.19
C PHE K 160 11.09 17.91 25.50
N VAL K 161 11.72 17.05 26.29
CA VAL K 161 12.72 16.12 25.79
C VAL K 161 12.14 14.77 25.36
N ASP K 162 12.34 14.43 24.09
CA ASP K 162 12.03 13.09 23.60
C ASP K 162 13.25 12.19 23.78
N SER K 163 14.36 12.63 23.21
CA SER K 163 15.64 11.94 23.38
C SER K 163 16.78 12.94 23.22
N ILE K 164 17.71 12.93 24.17
CA ILE K 164 18.83 13.84 24.12
C ILE K 164 20.13 13.04 24.12
N ARG K 165 21.21 13.62 23.60
CA ARG K 165 22.49 12.93 23.49
C ARG K 165 23.24 12.86 24.82
N ARG K 166 22.49 12.94 25.92
CA ARG K 166 23.05 12.95 27.26
C ARG K 166 24.15 14.01 27.38
N SER K 171 28.72 17.53 37.96
CA SER K 171 27.92 16.72 38.87
C SER K 171 27.09 17.55 39.84
N VAL K 172 27.48 18.80 40.04
CA VAL K 172 26.83 19.67 41.00
C VAL K 172 25.43 20.10 40.54
N ASP K 173 25.26 20.28 39.23
CA ASP K 173 23.99 20.73 38.69
C ASP K 173 23.48 19.78 37.61
N SER K 174 23.55 18.48 37.89
CA SER K 174 23.06 17.47 36.98
C SER K 174 21.89 16.70 37.60
N PHE K 175 21.29 17.32 38.62
CA PHE K 175 20.22 16.67 39.37
C PHE K 175 18.86 16.85 38.71
N GLN K 176 18.10 15.76 38.66
CA GLN K 176 16.72 15.79 38.17
C GLN K 176 15.80 15.11 39.17
N ILE K 177 14.69 15.76 39.50
CA ILE K 177 13.75 15.23 40.47
C ILE K 177 12.41 14.87 39.83
N ILE K 178 12.06 13.59 39.87
CA ILE K 178 10.82 13.11 39.27
C ILE K 178 9.62 13.57 40.09
N LEU K 179 8.75 14.35 39.44
CA LEU K 179 7.62 14.98 40.12
C LEU K 179 6.34 14.17 40.07
N ASP K 180 6.36 13.09 39.29
CA ASP K 180 5.16 12.28 39.04
C ASP K 180 4.46 11.83 40.32
N SER K 181 5.23 11.44 41.33
CA SER K 181 4.67 10.97 42.58
C SER K 181 3.96 12.09 43.32
N LEU K 182 4.46 13.31 43.17
CA LEU K 182 3.87 14.46 43.84
C LEU K 182 2.73 15.04 43.02
N LEU K 183 2.81 14.88 41.71
CA LEU K 183 1.73 15.31 40.82
C LEU K 183 0.50 14.44 41.04
N PHE K 184 0.74 13.16 41.29
CA PHE K 184 -0.33 12.22 41.62
C PHE K 184 -0.97 12.63 42.95
N PHE K 185 -0.13 13.06 43.89
CA PHE K 185 -0.59 13.48 45.20
C PHE K 185 -1.48 14.72 45.12
N TYR K 186 -1.03 15.72 44.36
CA TYR K 186 -1.77 16.97 44.21
C TYR K 186 -3.16 16.76 43.63
N HIS K 198 3.32 11.78 53.26
CA HIS K 198 3.78 12.43 52.04
C HIS K 198 4.21 11.39 50.99
N PRO K 199 4.08 11.73 49.70
CA PRO K 199 4.46 10.81 48.64
C PRO K 199 5.97 10.58 48.55
N THR K 200 6.38 9.42 48.05
CA THR K 200 7.79 9.11 47.90
C THR K 200 8.35 9.70 46.60
N VAL K 201 9.27 10.65 46.73
CA VAL K 201 9.84 11.33 45.57
C VAL K 201 11.27 10.87 45.31
N ILE K 202 11.56 10.49 44.07
CA ILE K 202 12.88 10.00 43.70
C ILE K 202 13.69 11.04 42.92
N GLY K 203 14.90 11.31 43.39
CA GLY K 203 15.82 12.18 42.69
C GLY K 203 16.90 11.38 41.99
N GLU K 204 17.31 11.85 40.81
CA GLU K 204 18.32 11.16 40.04
C GLU K 204 19.48 12.08 39.67
N SER K 205 20.55 11.49 39.16
CA SER K 205 21.71 12.27 38.71
C SER K 205 22.13 11.82 37.31
N UNK K 206 40.54 13.67 3.79
CA UNK K 206 40.93 13.84 5.21
C UNK K 206 42.03 14.90 5.30
N UNK K 207 43.28 14.48 5.42
CA UNK K 207 44.41 15.45 5.43
C UNK K 207 44.45 16.16 4.08
N UNK K 208 44.20 15.42 3.00
CA UNK K 208 44.18 16.03 1.65
C UNK K 208 43.05 17.04 1.59
N UNK K 209 41.90 16.70 2.18
CA UNK K 209 40.75 17.63 2.19
C UNK K 209 41.16 18.90 2.94
N UNK K 210 41.88 18.74 4.06
CA UNK K 210 42.33 19.89 4.85
C UNK K 210 43.26 20.77 4.01
N UNK K 211 44.17 20.13 3.27
CA UNK K 211 45.12 20.89 2.42
C UNK K 211 44.34 21.67 1.35
N UNK K 212 43.33 21.02 0.76
CA UNK K 212 42.52 21.69 -0.28
C UNK K 212 41.80 22.88 0.34
N UNK K 213 41.30 22.72 1.57
CA UNK K 213 40.59 23.82 2.26
C UNK K 213 41.55 24.97 2.51
N UNK K 214 42.79 24.66 2.91
CA UNK K 214 43.80 25.72 3.13
C UNK K 214 44.05 26.45 1.81
N UNK K 215 44.12 25.69 0.72
CA UNK K 215 44.35 26.31 -0.60
C UNK K 215 43.17 27.23 -0.91
N UNK K 216 41.95 26.80 -0.60
CA UNK K 216 40.74 27.60 -0.87
C UNK K 216 40.78 28.89 -0.04
N UNK K 217 41.22 28.79 1.21
CA UNK K 217 41.31 30.00 2.07
C UNK K 217 42.33 30.96 1.46
N UNK K 218 43.45 30.42 0.96
CA UNK K 218 44.47 31.28 0.32
C UNK K 218 43.85 31.96 -0.90
N UNK K 219 43.04 31.21 -1.66
CA UNK K 219 42.40 31.78 -2.87
C UNK K 219 41.44 32.90 -2.47
N UNK K 220 40.69 32.71 -1.38
CA UNK K 220 39.75 33.74 -0.90
C UNK K 220 40.56 34.98 -0.51
N UNK K 221 41.71 34.77 0.13
CA UNK K 221 42.56 35.91 0.53
C UNK K 221 43.03 36.66 -0.72
N UNK K 222 43.42 35.92 -1.76
CA UNK K 222 43.88 36.55 -3.01
C UNK K 222 42.72 37.35 -3.62
N UNK K 223 41.52 36.79 -3.57
CA UNK K 223 40.32 37.46 -4.15
C UNK K 223 40.09 38.77 -3.40
N UNK K 224 40.27 38.74 -2.08
CA UNK K 224 40.15 39.99 -1.30
C UNK K 224 41.23 40.98 -1.75
N VAL L 13 16.27 17.30 9.51
CA VAL L 13 17.01 18.35 10.25
C VAL L 13 16.32 19.73 10.34
N ASN L 14 16.02 20.14 11.56
CA ASN L 14 15.41 21.42 11.83
C ASN L 14 16.11 22.07 13.00
N ILE L 15 16.34 23.38 12.88
CA ILE L 15 16.91 24.15 13.97
C ILE L 15 16.27 25.54 13.93
N GLU L 16 15.48 25.89 14.95
CA GLU L 16 14.76 27.16 14.95
C GLU L 16 14.94 27.84 16.30
N PHE L 17 15.41 29.10 16.27
CA PHE L 17 15.67 29.96 17.44
C PHE L 17 14.92 31.26 17.26
N GLU L 18 14.22 31.73 18.31
CA GLU L 18 13.63 33.06 18.37
C GLU L 18 13.93 33.67 19.72
N ALA L 19 14.31 34.94 19.74
CA ALA L 19 14.48 35.66 21.00
C ALA L 19 13.72 36.97 20.93
N TYR L 20 12.80 37.19 21.85
CA TYR L 20 12.13 38.47 21.97
C TYR L 20 12.68 39.31 23.10
N SER L 21 13.85 38.98 23.60
CA SER L 21 14.36 39.57 24.83
C SER L 21 15.55 40.50 24.59
N LEU L 22 15.58 41.20 23.47
CA LEU L 22 16.76 41.98 23.15
C LEU L 22 16.59 43.41 23.60
N SER L 23 17.71 44.06 23.87
CA SER L 23 17.74 45.47 24.19
C SER L 23 17.88 46.29 22.91
N ASP L 24 17.43 47.55 22.98
CA ASP L 24 17.41 48.42 21.81
C ASP L 24 18.79 48.55 21.18
N ASN L 25 19.84 48.56 22.00
CA ASN L 25 21.21 48.65 21.50
C ASN L 25 21.79 47.29 21.13
N ASP L 26 21.25 46.18 21.65
CA ASP L 26 21.58 44.86 21.09
C ASP L 26 21.09 44.74 19.65
N TYR L 27 19.82 45.09 19.42
CA TYR L 27 19.30 45.22 18.06
C TYR L 27 20.18 46.17 17.25
N ASP L 28 20.49 47.32 17.84
CA ASP L 28 21.19 48.37 17.09
C ASP L 28 22.61 47.97 16.75
N GLY L 29 23.24 47.11 17.55
CA GLY L 29 24.58 46.63 17.25
C GLY L 29 24.56 45.59 16.15
N ILE L 30 23.67 44.60 16.30
CA ILE L 30 23.52 43.57 15.29
C ILE L 30 23.18 44.18 13.94
N LYS L 31 22.35 45.22 13.90
CA LYS L 31 22.07 45.89 12.64
C LYS L 31 23.35 46.41 11.99
N LYS L 32 24.20 47.09 12.76
CA LYS L 32 25.48 47.47 12.21
C LYS L 32 26.27 46.26 11.73
N LEU L 33 26.22 45.15 12.48
CA LEU L 33 26.98 43.97 12.11
C LEU L 33 26.56 43.48 10.72
N LEU L 34 25.23 43.44 10.50
CA LEU L 34 24.71 43.00 9.22
C LEU L 34 25.04 43.99 8.15
N GLN L 35 25.18 45.26 8.50
CA GLN L 35 25.37 46.27 7.46
C GLN L 35 26.75 46.17 6.83
N GLN L 36 27.78 46.04 7.65
CA GLN L 36 29.09 45.75 7.08
C GLN L 36 29.01 44.55 6.15
N LEU L 37 28.28 43.51 6.56
CA LEU L 37 28.15 42.34 5.70
C LEU L 37 27.62 42.73 4.35
N PHE L 38 26.73 43.70 4.31
CA PHE L 38 26.14 44.12 3.05
C PHE L 38 27.17 44.85 2.21
N LEU L 39 27.75 45.91 2.78
CA LEU L 39 28.80 46.67 2.11
C LEU L 39 29.95 45.80 1.64
N LYS L 40 30.12 44.61 2.22
CA LYS L 40 31.30 43.82 1.92
C LYS L 40 31.11 42.89 0.72
N ALA L 41 29.97 42.99 0.04
CA ALA L 41 29.73 42.07 -1.08
C ALA L 41 29.28 42.80 -2.36
N PRO L 42 29.06 42.09 -3.48
CA PRO L 42 28.47 42.73 -4.69
C PRO L 42 27.02 43.19 -4.51
N VAL L 43 26.70 44.46 -4.96
CA VAL L 43 25.37 45.10 -4.88
C VAL L 43 24.67 45.09 -6.23
N ASN L 44 23.37 44.77 -6.21
CA ASN L 44 22.66 44.34 -7.41
C ASN L 44 21.46 45.21 -7.75
N THR L 45 21.22 45.34 -9.06
CA THR L 45 20.22 46.21 -9.65
C THR L 45 19.85 45.69 -11.05
N ALA L 46 18.56 45.50 -11.32
CA ALA L 46 18.03 45.39 -12.69
C ALA L 46 16.49 45.40 -12.71
N ASP L 66 5.19 51.13 11.58
CA ASP L 66 5.95 50.37 10.60
C ASP L 66 6.93 49.39 11.26
N VAL L 67 7.64 48.64 10.41
CA VAL L 67 8.56 47.60 10.86
C VAL L 67 9.87 47.71 10.10
N GLU L 68 10.93 47.25 10.75
CA GLU L 68 12.27 47.05 10.20
C GLU L 68 12.56 45.56 10.14
N VAL L 69 13.26 45.11 9.09
CA VAL L 69 13.77 43.73 9.04
C VAL L 69 15.14 43.71 8.34
N PHE L 70 16.13 43.08 8.98
CA PHE L 70 17.46 42.98 8.40
C PHE L 70 18.01 41.59 8.65
N GLY L 71 18.79 41.09 7.70
CA GLY L 71 19.38 39.77 7.85
C GLY L 71 19.73 39.16 6.49
N PHE L 72 19.82 37.84 6.47
CA PHE L 72 20.18 37.15 5.23
C PHE L 72 19.53 35.79 5.20
N ILE L 73 19.40 35.26 3.99
CA ILE L 73 18.84 33.94 3.76
C ILE L 73 19.80 33.21 2.85
N SER L 74 20.43 32.17 3.37
CA SER L 74 21.49 31.50 2.66
C SER L 74 21.02 30.10 2.35
N LEU L 75 21.09 29.71 1.08
CA LEU L 75 20.78 28.34 0.65
C LEU L 75 21.98 27.44 0.89
N LEU L 76 21.71 26.21 1.31
CA LEU L 76 22.79 25.31 1.66
C LEU L 76 22.51 23.93 1.07
N ASN L 77 23.56 23.16 0.85
CA ASN L 77 23.48 21.77 0.38
C ASN L 77 24.05 20.85 1.45
N LEU L 78 23.21 20.00 2.04
CA LEU L 78 23.66 19.21 3.19
C LEU L 78 24.37 17.91 2.81
N THR L 79 24.43 17.56 1.53
CA THR L 79 25.24 16.43 1.11
C THR L 79 26.71 16.82 0.93
N GLU L 80 27.08 18.08 1.22
CA GLU L 80 28.43 18.61 1.05
C GLU L 80 29.14 18.70 2.39
N ARG L 81 30.48 18.79 2.35
CA ARG L 81 31.24 19.09 3.57
C ARG L 81 30.95 20.48 4.11
N LYS L 82 31.03 21.49 3.24
CA LYS L 82 30.68 22.85 3.63
C LYS L 82 29.31 22.88 4.29
N GLY L 83 28.30 22.28 3.64
CA GLY L 83 26.95 22.30 4.18
C GLY L 83 26.86 21.82 5.62
N THR L 84 27.40 20.64 5.89
CA THR L 84 27.35 20.12 7.25
C THR L 84 28.38 20.75 8.19
N GLN L 85 29.47 21.32 7.65
CA GLN L 85 30.43 22.02 8.52
C GLN L 85 29.82 23.31 9.06
N CYS L 86 29.04 24.00 8.22
CA CYS L 86 28.24 25.13 8.65
C CYS L 86 27.33 24.74 9.80
N VAL L 87 26.53 23.69 9.61
CA VAL L 87 25.52 23.31 10.57
C VAL L 87 26.13 23.08 11.95
N GLU L 88 27.29 22.43 12.01
CA GLU L 88 27.99 22.31 13.29
C GLU L 88 28.20 23.67 13.94
N GLN L 89 28.61 24.68 13.16
CA GLN L 89 28.77 26.01 13.74
C GLN L 89 27.43 26.60 14.14
N ILE L 90 26.46 26.57 13.23
CA ILE L 90 25.12 27.10 13.52
C ILE L 90 24.56 26.45 14.76
N GLN L 91 24.51 25.11 14.77
CA GLN L 91 24.02 24.42 15.95
C GLN L 91 24.81 24.80 17.20
N GLU L 92 26.11 25.06 17.05
CA GLU L 92 26.87 25.38 18.26
C GLU L 92 26.55 26.78 18.76
N LEU L 93 26.41 27.74 17.84
CA LEU L 93 25.96 29.08 18.21
C LEU L 93 24.63 29.04 18.94
N VAL L 94 23.66 28.30 18.40
CA VAL L 94 22.35 28.23 19.03
C VAL L 94 22.44 27.59 20.40
N LEU L 95 23.22 26.53 20.50
CA LEU L 95 23.46 25.93 21.81
C LEU L 95 24.02 26.97 22.78
N ARG L 96 24.95 27.79 22.30
CA ARG L 96 25.56 28.80 23.15
C ARG L 96 24.61 29.94 23.44
N PHE L 97 23.60 30.17 22.61
CA PHE L 97 22.59 31.17 22.89
C PHE L 97 21.60 30.70 23.93
N CYS L 98 21.60 29.41 24.21
CA CYS L 98 20.75 28.87 25.24
C CYS L 98 21.45 28.89 26.57
N GLU L 99 22.45 29.74 26.72
CA GLU L 99 23.03 29.92 28.04
C GLU L 99 22.15 30.88 28.83
N LYS L 100 22.32 30.86 30.14
CA LYS L 100 21.36 31.53 31.02
C LYS L 100 21.49 33.06 30.91
N ASN L 101 22.67 33.59 31.21
CA ASN L 101 22.88 35.03 31.20
C ASN L 101 23.38 35.53 29.85
N CYS L 102 23.05 34.81 28.79
CA CYS L 102 23.68 34.98 27.48
C CYS L 102 22.91 35.97 26.62
N GLU L 103 23.01 37.25 26.97
CA GLU L 103 22.26 38.22 26.19
C GLU L 103 23.08 39.40 25.68
N LYS L 104 23.85 40.03 26.55
CA LYS L 104 24.76 41.05 26.04
C LYS L 104 25.78 40.42 25.10
N SER L 105 26.19 39.19 25.40
CA SER L 105 27.14 38.46 24.58
C SER L 105 26.67 38.23 23.15
N MET L 106 25.36 38.31 22.92
CA MET L 106 24.83 38.08 21.59
C MET L 106 25.55 38.89 20.55
N VAL L 107 25.82 40.15 20.85
CA VAL L 107 26.34 41.00 19.81
C VAL L 107 27.78 40.61 19.49
N GLU L 108 28.58 40.31 20.52
CA GLU L 108 29.94 39.82 20.31
C GLU L 108 29.97 38.43 19.68
N GLN L 109 29.09 37.52 20.12
CA GLN L 109 29.12 36.17 19.55
C GLN L 109 28.73 36.16 18.08
N LEU L 110 27.79 37.02 17.70
CA LEU L 110 27.46 37.18 16.29
C LEU L 110 28.62 37.78 15.52
N ASP L 111 29.42 38.65 16.15
CA ASP L 111 30.58 39.26 15.48
C ASP L 111 31.53 38.19 14.94
N LYS L 112 31.87 37.21 15.79
CA LYS L 112 32.68 36.09 15.31
C LYS L 112 31.91 35.32 14.25
N PHE L 113 30.75 34.78 14.64
CA PHE L 113 29.93 33.90 13.82
C PHE L 113 29.98 34.22 12.34
N LEU L 114 29.57 35.43 12.01
CA LEU L 114 29.40 35.80 10.62
C LEU L 114 30.57 36.60 10.04
N ASN L 115 31.44 37.16 10.86
CA ASN L 115 32.61 37.86 10.33
C ASN L 115 33.90 37.04 10.37
N ASP L 116 33.90 35.85 10.96
CA ASP L 116 35.06 34.96 10.96
C ASP L 116 35.15 34.14 9.67
N THR L 117 36.03 34.56 8.76
CA THR L 117 36.24 33.78 7.55
C THR L 117 37.04 32.50 7.80
N THR L 118 37.69 32.35 8.98
CA THR L 118 38.41 31.12 9.40
C THR L 118 37.46 30.00 9.83
N LYS L 119 36.18 30.24 9.55
CA LYS L 119 35.04 29.47 10.04
C LYS L 119 34.02 29.30 8.92
N PRO L 120 33.27 28.19 8.94
CA PRO L 120 32.36 27.90 7.81
C PRO L 120 31.36 28.99 7.51
N VAL L 121 30.66 29.50 8.55
CA VAL L 121 29.59 30.45 8.35
C VAL L 121 30.13 31.83 7.99
N GLY L 122 31.19 32.28 8.67
CA GLY L 122 31.82 33.52 8.26
C GLY L 122 32.49 33.43 6.89
N LEU L 123 32.91 32.24 6.51
CA LEU L 123 33.44 32.04 5.16
C LEU L 123 32.33 31.98 4.11
N LEU L 124 31.20 31.32 4.43
CA LEU L 124 30.13 31.22 3.44
C LEU L 124 29.52 32.59 3.14
N LEU L 125 29.63 33.54 4.07
CA LEU L 125 29.05 34.88 3.87
C LEU L 125 30.01 35.86 3.21
N SER L 126 31.28 35.52 3.07
CA SER L 126 32.19 36.34 2.28
C SER L 126 32.12 35.99 0.79
N GLU L 127 32.03 34.71 0.45
CA GLU L 127 31.81 34.26 -0.92
C GLU L 127 30.33 34.36 -1.31
N ARG L 128 30.06 34.72 -2.58
CA ARG L 128 28.69 34.69 -3.16
C ARG L 128 27.59 35.30 -2.26
N PHE L 129 27.90 36.34 -1.48
CA PHE L 129 26.86 37.14 -0.82
C PHE L 129 26.34 38.16 -1.81
N ILE L 130 25.04 38.15 -2.10
CA ILE L 130 24.46 39.10 -3.04
C ILE L 130 23.43 39.98 -2.31
N ASN L 131 23.40 41.28 -2.67
CA ASN L 131 22.49 42.26 -2.07
C ASN L 131 21.37 42.58 -3.03
N VAL L 132 20.17 42.10 -2.71
CA VAL L 132 19.03 42.34 -3.57
C VAL L 132 18.25 43.57 -3.10
N PRO L 133 17.71 44.35 -4.04
CA PRO L 133 16.85 45.48 -3.68
C PRO L 133 15.60 45.04 -2.94
N PRO L 134 14.87 45.98 -2.30
CA PRO L 134 13.78 45.56 -1.40
C PRO L 134 12.62 44.87 -2.11
N GLN L 135 12.31 45.29 -3.35
CA GLN L 135 11.27 44.63 -4.13
C GLN L 135 11.56 43.14 -4.32
N ILE L 136 12.84 42.75 -4.39
CA ILE L 136 13.16 41.34 -4.33
C ILE L 136 12.98 40.82 -2.89
N ALA L 137 13.48 41.57 -1.91
CA ALA L 137 13.67 41.01 -0.59
C ALA L 137 12.34 40.67 0.07
N LEU L 138 11.36 41.58 0.02
CA LEU L 138 10.08 41.36 0.70
C LEU L 138 9.44 40.02 0.36
N PRO L 139 9.31 39.62 -0.91
CA PRO L 139 8.75 38.28 -1.21
C PRO L 139 9.48 37.15 -0.50
N MET L 140 10.80 37.24 -0.42
CA MET L 140 11.56 36.19 0.22
C MET L 140 11.35 36.19 1.74
N TYR L 141 11.29 37.36 2.35
CA TYR L 141 10.94 37.41 3.77
C TYR L 141 9.60 36.71 3.97
N GLN L 142 8.58 37.24 3.32
CA GLN L 142 7.22 36.78 3.51
C GLN L 142 7.09 35.28 3.32
N GLN L 143 7.80 34.69 2.35
CA GLN L 143 7.68 33.26 2.20
C GLN L 143 8.41 32.52 3.31
N LEU L 144 9.59 32.98 3.70
CA LEU L 144 10.19 32.42 4.90
C LEU L 144 9.24 32.52 6.08
N GLN L 145 8.56 33.65 6.20
CA GLN L 145 7.66 33.82 7.34
C GLN L 145 6.49 32.86 7.26
N LYS L 146 5.99 32.58 6.05
CA LYS L 146 4.98 31.53 5.91
C LYS L 146 5.57 30.17 6.24
N GLU L 147 6.68 29.80 5.58
CA GLU L 147 7.19 28.44 5.73
C GLU L 147 7.54 28.14 7.19
N LEU L 148 8.01 29.15 7.94
CA LEU L 148 8.39 28.94 9.34
C LEU L 148 7.17 28.76 10.23
N ALA L 149 6.04 29.32 9.82
CA ALA L 149 4.90 29.37 10.71
C ALA L 149 4.24 28.00 10.88
N GLY L 150 4.15 27.23 9.80
CA GLY L 150 3.31 26.04 9.84
C GLY L 150 3.97 24.70 9.55
N GLY L 159 12.60 19.94 -1.11
CA GLY L 159 13.66 19.88 -0.13
C GLY L 159 14.87 20.77 -0.40
N LYS L 160 15.02 21.79 0.46
CA LYS L 160 16.03 22.85 0.31
C LYS L 160 16.45 23.38 1.68
N CYS L 161 17.69 23.12 2.09
CA CYS L 161 18.13 23.60 3.40
C CYS L 161 18.50 25.07 3.35
N TYR L 162 17.71 25.88 4.06
CA TYR L 162 17.89 27.33 4.13
C TYR L 162 18.41 27.69 5.52
N PHE L 163 19.29 28.68 5.56
CA PHE L 163 19.87 29.25 6.78
C PHE L 163 19.50 30.72 6.82
N TYR L 164 18.78 31.13 7.86
CA TYR L 164 18.34 32.51 7.98
C TYR L 164 18.79 33.07 9.33
N LEU L 165 19.06 34.38 9.35
CA LEU L 165 19.31 35.14 10.57
C LEU L 165 18.60 36.46 10.34
N LEU L 166 17.71 36.85 11.23
CA LEU L 166 16.75 37.89 10.89
C LEU L 166 16.38 38.65 12.15
N ILE L 167 16.74 39.92 12.21
CA ILE L 167 16.32 40.80 13.28
C ILE L 167 15.17 41.67 12.79
N SER L 168 14.40 42.19 13.73
CA SER L 168 13.23 42.97 13.33
C SER L 168 12.78 43.87 14.49
N LYS L 169 12.38 45.10 14.14
CA LYS L 169 11.93 46.09 15.12
C LYS L 169 10.54 46.56 14.72
N THR L 170 9.63 46.73 15.69
CA THR L 170 8.31 47.31 15.46
C THR L 170 8.15 48.52 16.34
N PHE L 171 7.97 49.71 15.73
CA PHE L 171 7.89 50.98 16.48
C PHE L 171 6.49 51.33 16.98
N GLN L 221 10.69 56.47 16.30
CA GLN L 221 9.74 56.72 17.38
C GLN L 221 10.11 55.87 18.61
N VAL L 222 9.11 55.18 19.19
CA VAL L 222 9.33 54.24 20.29
C VAL L 222 9.85 52.92 19.70
N THR L 223 10.11 51.96 20.58
CA THR L 223 10.32 50.59 20.14
C THR L 223 9.33 49.72 20.89
N ALA L 224 8.45 49.05 20.13
CA ALA L 224 7.47 48.16 20.71
C ALA L 224 8.01 46.75 20.85
N LEU L 225 8.69 46.23 19.84
CA LEU L 225 9.26 44.91 20.02
C LEU L 225 10.50 44.73 19.14
N VAL L 226 11.43 43.93 19.64
CA VAL L 226 12.66 43.62 18.95
C VAL L 226 12.81 42.11 18.96
N SER L 227 13.21 41.54 17.83
CA SER L 227 13.18 40.09 17.65
C SER L 227 14.35 39.63 16.82
N LEU L 228 15.08 38.68 17.33
CA LEU L 228 16.10 37.98 16.58
C LEU L 228 15.64 36.54 16.35
N LYS L 229 15.24 36.22 15.12
CA LYS L 229 14.93 34.88 14.68
C LYS L 229 16.09 34.39 13.84
N ALA L 230 16.38 33.11 13.93
CA ALA L 230 17.53 32.60 13.21
C ALA L 230 17.45 31.09 13.17
N GLY L 231 17.54 30.48 12.00
CA GLY L 231 17.24 29.06 11.96
C GLY L 231 17.69 28.37 10.69
N LEU L 232 17.55 27.04 10.74
CA LEU L 232 17.90 26.11 9.67
C LEU L 232 16.67 25.28 9.35
N ILE L 233 16.17 25.40 8.11
CA ILE L 233 14.88 24.81 7.73
C ILE L 233 15.01 24.11 6.37
N GLN L 234 14.06 23.24 6.04
CA GLN L 234 14.03 22.54 4.74
C GLN L 234 12.63 22.69 4.18
N SER L 235 12.48 23.22 2.96
CA SER L 235 11.14 23.71 2.65
C SER L 235 10.89 23.75 1.15
N ARG L 236 10.00 24.66 0.73
CA ARG L 236 9.66 25.06 -0.64
C ARG L 236 10.47 26.29 -1.06
N SER L 237 10.63 26.48 -2.37
CA SER L 237 11.56 27.48 -2.93
C SER L 237 11.24 28.91 -2.50
N THR L 238 12.22 29.58 -1.85
CA THR L 238 12.05 30.99 -1.49
C THR L 238 12.80 31.93 -2.43
N LEU L 239 13.64 31.40 -3.32
CA LEU L 239 14.69 32.13 -4.02
C LEU L 239 14.28 32.68 -5.38
N SER L 240 13.23 32.11 -6.00
CA SER L 240 12.83 32.39 -7.40
C SER L 240 13.85 31.88 -8.41
N ASP L 241 14.53 30.76 -8.13
CA ASP L 241 15.61 30.19 -8.97
C ASP L 241 16.75 31.18 -9.21
N PHE L 242 16.64 32.38 -8.67
CA PHE L 242 17.62 33.42 -8.82
C PHE L 242 18.80 33.20 -7.89
N GLN L 243 18.74 32.15 -7.06
CA GLN L 243 19.74 31.87 -6.05
C GLN L 243 20.31 30.48 -6.27
N GLY L 244 21.61 30.32 -5.99
CA GLY L 244 22.28 29.03 -6.07
C GLY L 244 22.64 28.52 -4.69
N THR L 245 23.22 27.32 -4.67
CA THR L 245 23.69 26.76 -3.41
C THR L 245 24.87 27.57 -2.88
N PHE L 246 24.91 27.76 -1.55
CA PHE L 246 25.95 28.57 -0.92
C PHE L 246 25.97 29.99 -1.43
N MET L 247 24.93 30.36 -2.19
CA MET L 247 24.60 31.76 -2.47
C MET L 247 23.81 32.28 -1.28
N THR L 248 24.19 33.45 -0.78
CA THR L 248 23.45 34.09 0.30
C THR L 248 22.81 35.37 -0.20
N VAL L 249 21.67 35.72 0.39
CA VAL L 249 20.83 36.82 -0.07
C VAL L 249 20.57 37.81 1.07
N GLY L 250 20.75 39.10 0.78
CA GLY L 250 20.59 40.12 1.80
C GLY L 250 19.14 40.59 1.94
N ILE L 251 18.73 40.75 3.20
CA ILE L 251 17.43 41.33 3.53
C ILE L 251 17.69 42.67 4.19
N ALA L 252 16.97 43.70 3.74
CA ALA L 252 17.09 45.02 4.36
C ALA L 252 15.80 45.76 3.99
N LEU L 253 14.90 45.85 4.97
CA LEU L 253 13.55 46.33 4.75
C LEU L 253 13.29 47.50 5.69
N SER L 254 12.92 48.64 5.12
CA SER L 254 12.53 49.83 5.89
C SER L 254 11.36 50.57 5.21
#